data_2W4F
# 
_entry.id   2W4F 
# 
_audit_conform.dict_name       mmcif_pdbx.dic 
_audit_conform.dict_version    5.382 
_audit_conform.dict_location   http://mmcif.pdb.org/dictionaries/ascii/mmcif_pdbx.dic 
# 
loop_
_database_2.database_id 
_database_2.database_code 
_database_2.pdbx_database_accession 
_database_2.pdbx_DOI 
PDB   2W4F         pdb_00002w4f 10.2210/pdb2w4f/pdb 
PDBE  EBI-38184    ?            ?                   
WWPDB D_1290038184 ?            ?                   
# 
loop_
_pdbx_database_related.db_name 
_pdbx_database_related.db_id 
_pdbx_database_related.content_type 
_pdbx_database_related.details 
PDB 1UJU unspecified 'SOLUTION STRUCTURE OF THE FOURTH PDZ DOMAIN OF HUMANSCRIBBLE (KIAA0147 PROTEIN)'  
PDB 1WHA unspecified 'SOLUTION STRUCTURE OF THE SECOND PDZ DOMAIN OF HUMANSCRIBBLE (KIAA0147 PROTEIN).' 
PDB 1X5Q unspecified 'SOLUTION STRUCTURE OF THE FIRST PDZ DOMAIN OF SCRIBBLEHOMOLOG PROTEIN (HSCRIB)'   
# 
_pdbx_database_status.status_code                     REL 
_pdbx_database_status.entry_id                        2W4F 
_pdbx_database_status.deposit_site                    PDBE 
_pdbx_database_status.process_site                    PDBE 
_pdbx_database_status.SG_entry                        . 
_pdbx_database_status.recvd_initial_deposition_date   2008-11-25 
_pdbx_database_status.pdb_format_compatible           Y 
_pdbx_database_status.status_code_sf                  REL 
_pdbx_database_status.status_code_mr                  ? 
_pdbx_database_status.status_code_cs                  ? 
_pdbx_database_status.methods_development_category    ? 
_pdbx_database_status.status_code_nmr_data            ? 
# 
loop_
_audit_author.name 
_audit_author.pdbx_ordinal 
'Hozjan, V.'       1  
'Pilka, E.S.'      2  
'Roos, A.K.'       3  
'W Yue, W.'        4  
'Phillips, C.'     5  
'Bray, J.'         6  
'Cooper, C.'       7  
'Salah, E.'        8  
'Elkins, J.M.'     9  
'Muniz, J.R.C.'    10 
'Arrowsmith, C.H.' 11 
'Weigelt, J.'      12 
'Edwards, A.M.'    13 
'von Delft, F.'    14 
'Bountra, C.'      15 
'Doyle, D.A.'      16 
'Oppermann, U.'    17 
# 
_citation.id                        primary 
_citation.title                     'Crystal Structure of the First Pdz Domain of Human Scrib1' 
_citation.journal_abbrev            'To be Published' 
_citation.journal_volume            ? 
_citation.page_first                ? 
_citation.page_last                 ? 
_citation.year                      ? 
_citation.journal_id_ASTM           ? 
_citation.country                   ? 
_citation.journal_id_ISSN           ? 
_citation.journal_id_CSD            0353 
_citation.book_publisher            ? 
_citation.pdbx_database_id_PubMed   ? 
_citation.pdbx_database_id_DOI      ? 
# 
loop_
_citation_author.citation_id 
_citation_author.name 
_citation_author.ordinal 
_citation_author.identifier_ORCID 
primary 'Hozjan, V.'       1  ? 
primary 'Pilka, E.S.'      2  ? 
primary 'Roos, A.K.'       3  ? 
primary 'W Yue, W.'        4  ? 
primary 'Phillips, C.'     5  ? 
primary 'Bray, J.'         6  ? 
primary 'Cooper, C.'       7  ? 
primary 'Salah, E.'        8  ? 
primary 'Elkins, J.M.'     9  ? 
primary 'Muniz, J.R.C.'    10 ? 
primary 'Arrowsmith, C.H.' 11 ? 
primary 'Weigelt, J.'      12 ? 
primary 'Edwards, A.M.'    13 ? 
primary 'von Delft, F.'    14 ? 
primary 'Bountra, C.'      15 ? 
primary 'Doyle, D.A.'      16 ? 
primary 'Oppermann, U.'    17 ? 
# 
_cell.entry_id           2W4F 
_cell.length_a           38.216 
_cell.length_b           41.829 
_cell.length_c           49.897 
_cell.angle_alpha        90.00 
_cell.angle_beta         90.00 
_cell.angle_gamma        90.00 
_cell.Z_PDB              4 
_cell.pdbx_unique_axis   ? 
# 
_symmetry.entry_id                         2W4F 
_symmetry.space_group_name_H-M             'P 21 21 21' 
_symmetry.pdbx_full_space_group_name_H-M   ? 
_symmetry.cell_setting                     ? 
_symmetry.Int_Tables_number                19 
# 
loop_
_entity.id 
_entity.type 
_entity.src_method 
_entity.pdbx_description 
_entity.formula_weight 
_entity.pdbx_number_of_molecules 
_entity.pdbx_ec 
_entity.pdbx_mutation 
_entity.pdbx_fragment 
_entity.details 
1 polymer     man 'PROTEIN LAP4' 10215.452 1  ? ? 'RESIDUES 725-815' ? 
2 non-polymer syn 1,2-ETHANEDIOL 62.068    3  ? ? ?                  ? 
3 water       nat water          18.015    94 ? ? ?                  ? 
# 
_entity_name_com.entity_id   1 
_entity_name_com.name        'PDZ DOMAIN OF SCRIB1 VARIANT N1, PROTEIN SCRIBBLE HOMOLOG, HSCRIB' 
# 
_entity_poly.entity_id                      1 
_entity_poly.type                           'polypeptide(L)' 
_entity_poly.nstd_linkage                   no 
_entity_poly.nstd_monomer                   no 
_entity_poly.pdbx_seq_one_letter_code       
;SMEELTLTILRQTGGLGISIAGGKGSTPYKGDDEGIFISRVSEEGPAARAGVRVGDKLLEVNGVALQGAEHHEAVEALRG
AGTAVQMRVWRERETSV
;
_entity_poly.pdbx_seq_one_letter_code_can   
;SMEELTLTILRQTGGLGISIAGGKGSTPYKGDDEGIFISRVSEEGPAARAGVRVGDKLLEVNGVALQGAEHHEAVEALRG
AGTAVQMRVWRERETSV
;
_entity_poly.pdbx_strand_id                 A 
_entity_poly.pdbx_target_identifier         ? 
# 
loop_
_entity_poly_seq.entity_id 
_entity_poly_seq.num 
_entity_poly_seq.mon_id 
_entity_poly_seq.hetero 
1 1  SER n 
1 2  MET n 
1 3  GLU n 
1 4  GLU n 
1 5  LEU n 
1 6  THR n 
1 7  LEU n 
1 8  THR n 
1 9  ILE n 
1 10 LEU n 
1 11 ARG n 
1 12 GLN n 
1 13 THR n 
1 14 GLY n 
1 15 GLY n 
1 16 LEU n 
1 17 GLY n 
1 18 ILE n 
1 19 SER n 
1 20 ILE n 
1 21 ALA n 
1 22 GLY n 
1 23 GLY n 
1 24 LYS n 
1 25 GLY n 
1 26 SER n 
1 27 THR n 
1 28 PRO n 
1 29 TYR n 
1 30 LYS n 
1 31 GLY n 
1 32 ASP n 
1 33 ASP n 
1 34 GLU n 
1 35 GLY n 
1 36 ILE n 
1 37 PHE n 
1 38 ILE n 
1 39 SER n 
1 40 ARG n 
1 41 VAL n 
1 42 SER n 
1 43 GLU n 
1 44 GLU n 
1 45 GLY n 
1 46 PRO n 
1 47 ALA n 
1 48 ALA n 
1 49 ARG n 
1 50 ALA n 
1 51 GLY n 
1 52 VAL n 
1 53 ARG n 
1 54 VAL n 
1 55 GLY n 
1 56 ASP n 
1 57 LYS n 
1 58 LEU n 
1 59 LEU n 
1 60 GLU n 
1 61 VAL n 
1 62 ASN n 
1 63 GLY n 
1 64 VAL n 
1 65 ALA n 
1 66 LEU n 
1 67 GLN n 
1 68 GLY n 
1 69 ALA n 
1 70 GLU n 
1 71 HIS n 
1 72 HIS n 
1 73 GLU n 
1 74 ALA n 
1 75 VAL n 
1 76 GLU n 
1 77 ALA n 
1 78 LEU n 
1 79 ARG n 
1 80 GLY n 
1 81 ALA n 
1 82 GLY n 
1 83 THR n 
1 84 ALA n 
1 85 VAL n 
1 86 GLN n 
1 87 MET n 
1 88 ARG n 
1 89 VAL n 
1 90 TRP n 
1 91 ARG n 
1 92 GLU n 
1 93 ARG n 
1 94 GLU n 
1 95 THR n 
1 96 SER n 
1 97 VAL n 
# 
_entity_src_gen.entity_id                          1 
_entity_src_gen.pdbx_src_id                        1 
_entity_src_gen.pdbx_alt_source_flag               sample 
_entity_src_gen.pdbx_seq_type                      ? 
_entity_src_gen.pdbx_beg_seq_num                   ? 
_entity_src_gen.pdbx_end_seq_num                   ? 
_entity_src_gen.gene_src_common_name               HUMAN 
_entity_src_gen.gene_src_genus                     ? 
_entity_src_gen.pdbx_gene_src_gene                 ? 
_entity_src_gen.gene_src_species                   ? 
_entity_src_gen.gene_src_strain                    ? 
_entity_src_gen.gene_src_tissue                    ? 
_entity_src_gen.gene_src_tissue_fraction           ? 
_entity_src_gen.gene_src_details                   ? 
_entity_src_gen.pdbx_gene_src_fragment             ? 
_entity_src_gen.pdbx_gene_src_scientific_name      'HOMO SAPIENS' 
_entity_src_gen.pdbx_gene_src_ncbi_taxonomy_id     9606 
_entity_src_gen.pdbx_gene_src_variant              ? 
_entity_src_gen.pdbx_gene_src_cell_line            ? 
_entity_src_gen.pdbx_gene_src_atcc                 ? 
_entity_src_gen.pdbx_gene_src_organ                ? 
_entity_src_gen.pdbx_gene_src_organelle            ? 
_entity_src_gen.pdbx_gene_src_cell                 ? 
_entity_src_gen.pdbx_gene_src_cellular_location    ? 
_entity_src_gen.host_org_common_name               ? 
_entity_src_gen.pdbx_host_org_scientific_name      'ESCHERICHIA COLI' 
_entity_src_gen.pdbx_host_org_ncbi_taxonomy_id     469008 
_entity_src_gen.host_org_genus                     ? 
_entity_src_gen.pdbx_host_org_gene                 ? 
_entity_src_gen.pdbx_host_org_organ                ? 
_entity_src_gen.host_org_species                   ? 
_entity_src_gen.pdbx_host_org_tissue               ? 
_entity_src_gen.pdbx_host_org_tissue_fraction      ? 
_entity_src_gen.pdbx_host_org_strain               'BL21(DE3)' 
_entity_src_gen.pdbx_host_org_variant              R3-PRARE2 
_entity_src_gen.pdbx_host_org_cell_line            ? 
_entity_src_gen.pdbx_host_org_atcc                 ? 
_entity_src_gen.pdbx_host_org_culture_collection   ? 
_entity_src_gen.pdbx_host_org_cell                 ? 
_entity_src_gen.pdbx_host_org_organelle            ? 
_entity_src_gen.pdbx_host_org_cellular_location    ? 
_entity_src_gen.pdbx_host_org_vector_type          ? 
_entity_src_gen.pdbx_host_org_vector               ? 
_entity_src_gen.host_org_details                   ? 
_entity_src_gen.expression_system_id               ? 
_entity_src_gen.plasmid_name                       PNIC28-BSA4 
_entity_src_gen.plasmid_details                    ? 
_entity_src_gen.pdbx_description                   ? 
# 
loop_
_struct_ref.id 
_struct_ref.db_name 
_struct_ref.db_code 
_struct_ref.entity_id 
_struct_ref.pdbx_seq_one_letter_code 
_struct_ref.pdbx_align_begin 
_struct_ref.pdbx_db_accession 
_struct_ref.pdbx_db_isoform 
1 PDB 2W4F       1 ? ? 2W4F   ? 
2 UNP LAP4_HUMAN 1 ? ? Q14160 ? 
# 
loop_
_struct_ref_seq.align_id 
_struct_ref_seq.ref_id 
_struct_ref_seq.pdbx_PDB_id_code 
_struct_ref_seq.pdbx_strand_id 
_struct_ref_seq.seq_align_beg 
_struct_ref_seq.pdbx_seq_align_beg_ins_code 
_struct_ref_seq.seq_align_end 
_struct_ref_seq.pdbx_seq_align_end_ins_code 
_struct_ref_seq.pdbx_db_accession 
_struct_ref_seq.db_align_beg 
_struct_ref_seq.pdbx_db_align_beg_ins_code 
_struct_ref_seq.db_align_end 
_struct_ref_seq.pdbx_db_align_end_ins_code 
_struct_ref_seq.pdbx_auth_seq_align_beg 
_struct_ref_seq.pdbx_auth_seq_align_end 
1 1 2W4F A 1  ? 2  ? 2W4F   723 ? 724 ? 723 724 
2 2 2W4F A 3  ? 93 ? Q14160 725 ? 815 ? 725 815 
3 1 2W4F A 94 ? 97 ? 2W4F   816 ? 819 ? 816 819 
# 
loop_
_chem_comp.id 
_chem_comp.type 
_chem_comp.mon_nstd_flag 
_chem_comp.name 
_chem_comp.pdbx_synonyms 
_chem_comp.formula 
_chem_comp.formula_weight 
ALA 'L-peptide linking' y ALANINE         ?                 'C3 H7 N O2'     89.093  
ARG 'L-peptide linking' y ARGININE        ?                 'C6 H15 N4 O2 1' 175.209 
ASN 'L-peptide linking' y ASPARAGINE      ?                 'C4 H8 N2 O3'    132.118 
ASP 'L-peptide linking' y 'ASPARTIC ACID' ?                 'C4 H7 N O4'     133.103 
EDO non-polymer         . 1,2-ETHANEDIOL  'ETHYLENE GLYCOL' 'C2 H6 O2'       62.068  
GLN 'L-peptide linking' y GLUTAMINE       ?                 'C5 H10 N2 O3'   146.144 
GLU 'L-peptide linking' y 'GLUTAMIC ACID' ?                 'C5 H9 N O4'     147.129 
GLY 'peptide linking'   y GLYCINE         ?                 'C2 H5 N O2'     75.067  
HIS 'L-peptide linking' y HISTIDINE       ?                 'C6 H10 N3 O2 1' 156.162 
HOH non-polymer         . WATER           ?                 'H2 O'           18.015  
ILE 'L-peptide linking' y ISOLEUCINE      ?                 'C6 H13 N O2'    131.173 
LEU 'L-peptide linking' y LEUCINE         ?                 'C6 H13 N O2'    131.173 
LYS 'L-peptide linking' y LYSINE          ?                 'C6 H15 N2 O2 1' 147.195 
MET 'L-peptide linking' y METHIONINE      ?                 'C5 H11 N O2 S'  149.211 
PHE 'L-peptide linking' y PHENYLALANINE   ?                 'C9 H11 N O2'    165.189 
PRO 'L-peptide linking' y PROLINE         ?                 'C5 H9 N O2'     115.130 
SER 'L-peptide linking' y SERINE          ?                 'C3 H7 N O3'     105.093 
THR 'L-peptide linking' y THREONINE       ?                 'C4 H9 N O3'     119.119 
TRP 'L-peptide linking' y TRYPTOPHAN      ?                 'C11 H12 N2 O2'  204.225 
TYR 'L-peptide linking' y TYROSINE        ?                 'C9 H11 N O3'    181.189 
VAL 'L-peptide linking' y VALINE          ?                 'C5 H11 N O2'    117.146 
# 
_exptl.entry_id          2W4F 
_exptl.method            'X-RAY DIFFRACTION' 
_exptl.crystals_number   1 
# 
_exptl_crystal.id                    1 
_exptl_crystal.density_meas          ? 
_exptl_crystal.density_Matthews      1.95 
_exptl_crystal.density_percent_sol   37.1 
_exptl_crystal.description           NONE 
# 
_exptl_crystal_grow.crystal_id      1 
_exptl_crystal_grow.method          ? 
_exptl_crystal_grow.temp            ? 
_exptl_crystal_grow.temp_details    ? 
_exptl_crystal_grow.pH              6.3 
_exptl_crystal_grow.pdbx_pH_range   ? 
_exptl_crystal_grow.pdbx_details    '0.15 M AMMONIUM CL PH 6.3, 20 % PEG 1000, 15% ETHYLENE GLYCOL' 
# 
_diffrn.id                     1 
_diffrn.ambient_temp           100 
_diffrn.ambient_temp_details   ? 
_diffrn.crystal_id             1 
# 
_diffrn_detector.diffrn_id              1 
_diffrn_detector.detector               CCD 
_diffrn_detector.type                   MARRESEARCH 
_diffrn_detector.pdbx_collection_date   2008-10-05 
_diffrn_detector.details                ? 
# 
_diffrn_radiation.diffrn_id                        1 
_diffrn_radiation.wavelength_id                    1 
_diffrn_radiation.pdbx_monochromatic_or_laue_m_l   M 
_diffrn_radiation.monochromator                    ? 
_diffrn_radiation.pdbx_diffrn_protocol             'SINGLE WAVELENGTH' 
_diffrn_radiation.pdbx_scattering_type             x-ray 
# 
_diffrn_radiation_wavelength.id           1 
_diffrn_radiation_wavelength.wavelength   0.99988 
_diffrn_radiation_wavelength.wt           1.0 
# 
_diffrn_source.diffrn_id                   1 
_diffrn_source.source                      SYNCHROTRON 
_diffrn_source.type                        'SLS BEAMLINE X10SA' 
_diffrn_source.pdbx_synchrotron_site       SLS 
_diffrn_source.pdbx_synchrotron_beamline   X10SA 
_diffrn_source.pdbx_wavelength             0.99988 
_diffrn_source.pdbx_wavelength_list        ? 
# 
_reflns.pdbx_diffrn_id               1 
_reflns.pdbx_ordinal                 1 
_reflns.entry_id                     2W4F 
_reflns.observed_criterion_sigma_I   4.6 
_reflns.observed_criterion_sigma_F   ? 
_reflns.d_resolution_low             41.81 
_reflns.d_resolution_high            1.30 
_reflns.number_obs                   71804 
_reflns.number_all                   ? 
_reflns.percent_possible_obs         99.8 
_reflns.pdbx_Rmerge_I_obs            0.05 
_reflns.pdbx_Rsym_value              ? 
_reflns.pdbx_netI_over_sigmaI        14.50 
_reflns.B_iso_Wilson_estimate        14.40 
_reflns.pdbx_redundancy              3.5 
# 
_reflns_shell.pdbx_diffrn_id         1 
_reflns_shell.pdbx_ordinal           1 
_reflns_shell.d_res_high             1.30 
_reflns_shell.d_res_low              1.37 
_reflns_shell.percent_possible_all   100.0 
_reflns_shell.Rmerge_I_obs           0.26 
_reflns_shell.pdbx_Rsym_value        ? 
_reflns_shell.meanI_over_sigI_obs    4.60 
_reflns_shell.pdbx_redundancy        3.5 
# 
_refine.pdbx_refine_id                           'X-RAY DIFFRACTION' 
_refine.entry_id                                 2W4F 
_refine.pdbx_diffrn_id                           1 
_refine.pdbx_TLS_residual_ADP_flag               ? 
_refine.ls_number_reflns_obs                     19190 
_refine.ls_number_reflns_all                     ? 
_refine.pdbx_ls_sigma_I                          ? 
_refine.pdbx_ls_sigma_F                          ? 
_refine.pdbx_data_cutoff_high_absF               ? 
_refine.pdbx_data_cutoff_low_absF                ? 
_refine.pdbx_data_cutoff_high_rms_absF           ? 
_refine.ls_d_res_low                             24.94 
_refine.ls_d_res_high                            1.30 
_refine.ls_percent_reflns_obs                    99.7 
_refine.ls_R_factor_obs                          0.175 
_refine.ls_R_factor_all                          ? 
_refine.ls_R_factor_R_work                       0.173 
_refine.ls_R_factor_R_free                       0.221 
_refine.ls_R_factor_R_free_error                 ? 
_refine.ls_R_factor_R_free_error_details         ? 
_refine.ls_percent_reflns_R_free                 5.100 
_refine.ls_number_reflns_R_free                  1028 
_refine.ls_number_parameters                     ? 
_refine.ls_number_restraints                     ? 
_refine.occupancy_min                            ? 
_refine.occupancy_max                            ? 
_refine.correlation_coeff_Fo_to_Fc               0.962 
_refine.correlation_coeff_Fo_to_Fc_free          0.945 
_refine.B_iso_mean                               13.92 
_refine.aniso_B[1][1]                            -0.11000 
_refine.aniso_B[2][2]                            -0.24000 
_refine.aniso_B[3][3]                            0.35000 
_refine.aniso_B[1][2]                            0.00000 
_refine.aniso_B[1][3]                            0.00000 
_refine.aniso_B[2][3]                            0.00000 
_refine.solvent_model_details                    MASK 
_refine.solvent_model_param_ksol                 ? 
_refine.solvent_model_param_bsol                 ? 
_refine.pdbx_solvent_vdw_probe_radii             1.20 
_refine.pdbx_solvent_ion_probe_radii             0.80 
_refine.pdbx_solvent_shrinkage_radii             0.80 
_refine.pdbx_ls_cross_valid_method               THROUGHOUT 
_refine.details                                  'HYDROGENS HAVE BEEN ADDED IN THE RIDING POSITIONS. U VALUES REFINED INDIVIDUALLY' 
_refine.pdbx_starting_model                      'PDB ENTRY 1X5Q' 
_refine.pdbx_method_to_determine_struct          'MOLECULAR REPLACEMENT' 
_refine.pdbx_isotropic_thermal_model             ? 
_refine.pdbx_stereochemistry_target_values       'MAXIMUM LIKELIHOOD' 
_refine.pdbx_stereochem_target_val_spec_case     ? 
_refine.pdbx_R_Free_selection_details            RANDOM 
_refine.pdbx_overall_ESU_R                       0.060 
_refine.pdbx_overall_ESU_R_Free                  0.060 
_refine.overall_SU_ML                            0.034 
_refine.pdbx_overall_phase_error                 ? 
_refine.overall_SU_B                             1.725 
_refine.overall_SU_R_Cruickshank_DPI             ? 
_refine.pdbx_overall_SU_R_free_Cruickshank_DPI   ? 
_refine.pdbx_overall_SU_R_Blow_DPI               ? 
_refine.pdbx_overall_SU_R_free_Blow_DPI          ? 
# 
_refine_hist.pdbx_refine_id                   'X-RAY DIFFRACTION' 
_refine_hist.cycle_id                         LAST 
_refine_hist.pdbx_number_atoms_protein        689 
_refine_hist.pdbx_number_atoms_nucleic_acid   0 
_refine_hist.pdbx_number_atoms_ligand         12 
_refine_hist.number_atoms_solvent             94 
_refine_hist.number_atoms_total               795 
_refine_hist.d_res_high                       1.30 
_refine_hist.d_res_low                        24.94 
# 
loop_
_refine_ls_restr.type 
_refine_ls_restr.dev_ideal 
_refine_ls_restr.dev_ideal_target 
_refine_ls_restr.weight 
_refine_ls_restr.number 
_refine_ls_restr.pdbx_refine_id 
_refine_ls_restr.pdbx_restraint_function 
r_bond_refined_d             0.011  0.021  ? 729  'X-RAY DIFFRACTION' ? 
r_bond_other_d               0.001  0.020  ? 508  'X-RAY DIFFRACTION' ? 
r_angle_refined_deg          1.380  1.970  ? 977  'X-RAY DIFFRACTION' ? 
r_angle_other_deg            0.878  3.000  ? 1232 'X-RAY DIFFRACTION' ? 
r_dihedral_angle_1_deg       5.586  5.000  ? 96   'X-RAY DIFFRACTION' ? 
r_dihedral_angle_2_deg       30.615 22.000 ? 30   'X-RAY DIFFRACTION' ? 
r_dihedral_angle_3_deg       12.456 15.000 ? 126  'X-RAY DIFFRACTION' ? 
r_dihedral_angle_4_deg       11.021 15.000 ? 9    'X-RAY DIFFRACTION' ? 
r_chiral_restr               0.076  0.200  ? 111  'X-RAY DIFFRACTION' ? 
r_gen_planes_refined         0.005  0.020  ? 819  'X-RAY DIFFRACTION' ? 
r_gen_planes_other           0.001  0.020  ? 149  'X-RAY DIFFRACTION' ? 
r_nbd_refined                ?      ?      ? ?    'X-RAY DIFFRACTION' ? 
r_nbd_other                  ?      ?      ? ?    'X-RAY DIFFRACTION' ? 
r_nbtor_refined              ?      ?      ? ?    'X-RAY DIFFRACTION' ? 
r_nbtor_other                ?      ?      ? ?    'X-RAY DIFFRACTION' ? 
r_xyhbond_nbd_refined        ?      ?      ? ?    'X-RAY DIFFRACTION' ? 
r_xyhbond_nbd_other          ?      ?      ? ?    'X-RAY DIFFRACTION' ? 
r_metal_ion_refined          ?      ?      ? ?    'X-RAY DIFFRACTION' ? 
r_metal_ion_other            ?      ?      ? ?    'X-RAY DIFFRACTION' ? 
r_symmetry_vdw_refined       ?      ?      ? ?    'X-RAY DIFFRACTION' ? 
r_symmetry_vdw_other         ?      ?      ? ?    'X-RAY DIFFRACTION' ? 
r_symmetry_hbond_refined     ?      ?      ? ?    'X-RAY DIFFRACTION' ? 
r_symmetry_hbond_other       ?      ?      ? ?    'X-RAY DIFFRACTION' ? 
r_symmetry_metal_ion_refined ?      ?      ? ?    'X-RAY DIFFRACTION' ? 
r_symmetry_metal_ion_other   ?      ?      ? ?    'X-RAY DIFFRACTION' ? 
r_mcbond_it                  3.293  3.000  ? 465  'X-RAY DIFFRACTION' ? 
r_mcbond_other               ?      ?      ? ?    'X-RAY DIFFRACTION' ? 
r_mcangle_it                 4.556  5.000  ? 740  'X-RAY DIFFRACTION' ? 
r_mcangle_other              ?      ?      ? ?    'X-RAY DIFFRACTION' ? 
r_scbond_it                  6.132  8.000  ? 264  'X-RAY DIFFRACTION' ? 
r_scbond_other               ?      ?      ? ?    'X-RAY DIFFRACTION' ? 
r_scangle_it                 8.470  11.000 ? 236  'X-RAY DIFFRACTION' ? 
r_scangle_other              ?      ?      ? ?    'X-RAY DIFFRACTION' ? 
r_long_range_B_refined       ?      ?      ? ?    'X-RAY DIFFRACTION' ? 
r_long_range_B_other         ?      ?      ? ?    'X-RAY DIFFRACTION' ? 
r_rigid_bond_restr           ?      ?      ? ?    'X-RAY DIFFRACTION' ? 
r_sphericity_free            ?      ?      ? ?    'X-RAY DIFFRACTION' ? 
r_sphericity_bonded          ?      ?      ? ?    'X-RAY DIFFRACTION' ? 
# 
_refine_ls_shell.pdbx_refine_id                   'X-RAY DIFFRACTION' 
_refine_ls_shell.pdbx_total_number_of_bins_used   20 
_refine_ls_shell.d_res_high                       1.30 
_refine_ls_shell.d_res_low                        1.33 
_refine_ls_shell.number_reflns_R_work             1386 
_refine_ls_shell.R_factor_R_work                  0.1780 
_refine_ls_shell.percent_reflns_obs               ? 
_refine_ls_shell.R_factor_R_free                  0.2550 
_refine_ls_shell.R_factor_R_free_error            ? 
_refine_ls_shell.percent_reflns_R_free            ? 
_refine_ls_shell.number_reflns_R_free             73 
_refine_ls_shell.number_reflns_all                ? 
_refine_ls_shell.R_factor_all                     ? 
# 
_struct.entry_id                  2W4F 
_struct.title                     'CRYSTAL STRUCTURE OF THE FIRST PDZ DOMAIN OF HUMAN SCRIB1' 
_struct.pdbx_model_details        ? 
_struct.pdbx_CASP_flag            ? 
_struct.pdbx_model_type_details   ? 
# 
_struct_keywords.entry_id        2W4F 
_struct_keywords.pdbx_keywords   'STRUCTURAL PROTEIN' 
_struct_keywords.text            
;STRUCTURAL PROTEIN, PHOSPHOPROTEIN, UBL CONJUGATION, LEUCINE-RICH REPEAT, ALTERNATIVE SPLICING, CYTOPLASM, CIRCLETAIL, COILED COIL, POLYMORPHISM, LAP4, CRIB1, SCRB1, VARTUL, MEMBRANE
;
# 
loop_
_struct_asym.id 
_struct_asym.pdbx_blank_PDB_chainid_flag 
_struct_asym.pdbx_modified 
_struct_asym.entity_id 
_struct_asym.details 
A N N 1 ? 
B N N 2 ? 
C N N 2 ? 
D N N 2 ? 
E N N 3 ? 
# 
_struct_biol.id   1 
# 
loop_
_struct_conf.conf_type_id 
_struct_conf.id 
_struct_conf.pdbx_PDB_helix_id 
_struct_conf.beg_label_comp_id 
_struct_conf.beg_label_asym_id 
_struct_conf.beg_label_seq_id 
_struct_conf.pdbx_beg_PDB_ins_code 
_struct_conf.end_label_comp_id 
_struct_conf.end_label_asym_id 
_struct_conf.end_label_seq_id 
_struct_conf.pdbx_end_PDB_ins_code 
_struct_conf.beg_auth_comp_id 
_struct_conf.beg_auth_asym_id 
_struct_conf.beg_auth_seq_id 
_struct_conf.end_auth_comp_id 
_struct_conf.end_auth_asym_id 
_struct_conf.end_auth_seq_id 
_struct_conf.pdbx_PDB_helix_class 
_struct_conf.details 
_struct_conf.pdbx_PDB_helix_length 
HELX_P HELX_P1 1 GLY A 45 ? GLY A 51 ? GLY A 767 GLY A 773 1 ? 7  
HELX_P HELX_P2 2 GLU A 70 ? GLY A 80 ? GLU A 792 GLY A 802 1 ? 11 
# 
_struct_conf_type.id          HELX_P 
_struct_conf_type.criteria    ? 
_struct_conf_type.reference   ? 
# 
loop_
_struct_sheet.id 
_struct_sheet.type 
_struct_sheet.number_strands 
_struct_sheet.details 
AA ? 4 ? 
AB ? 2 ? 
# 
loop_
_struct_sheet_order.sheet_id 
_struct_sheet_order.range_id_1 
_struct_sheet_order.range_id_2 
_struct_sheet_order.offset 
_struct_sheet_order.sense 
AA 1 2 ? anti-parallel 
AA 2 3 ? anti-parallel 
AA 3 4 ? anti-parallel 
AB 1 2 ? anti-parallel 
# 
loop_
_struct_sheet_range.sheet_id 
_struct_sheet_range.id 
_struct_sheet_range.beg_label_comp_id 
_struct_sheet_range.beg_label_asym_id 
_struct_sheet_range.beg_label_seq_id 
_struct_sheet_range.pdbx_beg_PDB_ins_code 
_struct_sheet_range.end_label_comp_id 
_struct_sheet_range.end_label_asym_id 
_struct_sheet_range.end_label_seq_id 
_struct_sheet_range.pdbx_end_PDB_ins_code 
_struct_sheet_range.beg_auth_comp_id 
_struct_sheet_range.beg_auth_asym_id 
_struct_sheet_range.beg_auth_seq_id 
_struct_sheet_range.end_auth_comp_id 
_struct_sheet_range.end_auth_asym_id 
_struct_sheet_range.end_auth_seq_id 
AA 1 GLU A 4  ? LEU A 10 ? GLU A 726 LEU A 732 
AA 2 ALA A 84 ? TRP A 90 ? ALA A 806 TRP A 812 
AA 3 LYS A 57 ? VAL A 61 ? LYS A 779 VAL A 783 
AA 4 VAL A 64 ? ALA A 65 ? VAL A 786 ALA A 787 
AB 1 ILE A 18 ? GLY A 22 ? ILE A 740 GLY A 744 
AB 2 ILE A 36 ? VAL A 41 ? ILE A 758 VAL A 763 
# 
loop_
_pdbx_struct_sheet_hbond.sheet_id 
_pdbx_struct_sheet_hbond.range_id_1 
_pdbx_struct_sheet_hbond.range_id_2 
_pdbx_struct_sheet_hbond.range_1_label_atom_id 
_pdbx_struct_sheet_hbond.range_1_label_comp_id 
_pdbx_struct_sheet_hbond.range_1_label_asym_id 
_pdbx_struct_sheet_hbond.range_1_label_seq_id 
_pdbx_struct_sheet_hbond.range_1_PDB_ins_code 
_pdbx_struct_sheet_hbond.range_1_auth_atom_id 
_pdbx_struct_sheet_hbond.range_1_auth_comp_id 
_pdbx_struct_sheet_hbond.range_1_auth_asym_id 
_pdbx_struct_sheet_hbond.range_1_auth_seq_id 
_pdbx_struct_sheet_hbond.range_2_label_atom_id 
_pdbx_struct_sheet_hbond.range_2_label_comp_id 
_pdbx_struct_sheet_hbond.range_2_label_asym_id 
_pdbx_struct_sheet_hbond.range_2_label_seq_id 
_pdbx_struct_sheet_hbond.range_2_PDB_ins_code 
_pdbx_struct_sheet_hbond.range_2_auth_atom_id 
_pdbx_struct_sheet_hbond.range_2_auth_comp_id 
_pdbx_struct_sheet_hbond.range_2_auth_asym_id 
_pdbx_struct_sheet_hbond.range_2_auth_seq_id 
AA 1 2 N ILE A 9  ? N ILE A 731 O VAL A 85 ? O VAL A 807 
AA 2 3 N TRP A 90 ? N TRP A 812 O LYS A 57 ? O LYS A 779 
AA 3 4 N VAL A 61 ? N VAL A 783 O VAL A 64 ? O VAL A 786 
AB 1 2 N ALA A 21 ? N ALA A 743 O PHE A 37 ? O PHE A 759 
# 
loop_
_struct_site.id 
_struct_site.pdbx_evidence_code 
_struct_site.pdbx_auth_asym_id 
_struct_site.pdbx_auth_comp_id 
_struct_site.pdbx_auth_seq_id 
_struct_site.pdbx_auth_ins_code 
_struct_site.pdbx_num_residues 
_struct_site.details 
AC1 Software ? ? ? ? 6 'BINDING SITE FOR RESIDUE EDO A1820' 
AC2 Software ? ? ? ? 9 'BINDING SITE FOR RESIDUE EDO A1821' 
AC3 Software ? ? ? ? 5 'BINDING SITE FOR RESIDUE EDO A1822' 
# 
loop_
_struct_site_gen.id 
_struct_site_gen.site_id 
_struct_site_gen.pdbx_num_res 
_struct_site_gen.label_comp_id 
_struct_site_gen.label_asym_id 
_struct_site_gen.label_seq_id 
_struct_site_gen.pdbx_auth_ins_code 
_struct_site_gen.auth_comp_id 
_struct_site_gen.auth_asym_id 
_struct_site_gen.auth_seq_id 
_struct_site_gen.label_atom_id 
_struct_site_gen.label_alt_id 
_struct_site_gen.symmetry 
_struct_site_gen.details 
1  AC1 6 ALA A 21 ? ALA A 743  . ? 1_555 ? 
2  AC1 6 GLY A 22 ? GLY A 744  . ? 1_555 ? 
3  AC1 6 THR A 27 ? THR A 749  . ? 1_555 ? 
4  AC1 6 HIS A 71 ? HIS A 793  . ? 1_555 ? 
5  AC1 6 ARG A 93 ? ARG A 815  . ? 1_555 ? 
6  AC1 6 HOH E .  ? HOH A 2082 . ? 1_555 ? 
7  AC2 9 TYR A 29 ? TYR A 751  . ? 1_555 ? 
8  AC2 9 GLY A 55 ? GLY A 777  . ? 1_555 ? 
9  AC2 9 HIS A 71 ? HIS A 793  . ? 1_555 ? 
10 AC2 9 HIS A 72 ? HIS A 794  . ? 1_555 ? 
11 AC2 9 HOH E .  ? HOH A 2027 . ? 1_555 ? 
12 AC2 9 HOH E .  ? HOH A 2085 . ? 1_555 ? 
13 AC2 9 HOH E .  ? HOH A 2091 . ? 1_555 ? 
14 AC2 9 HOH E .  ? HOH A 2092 . ? 1_555 ? 
15 AC2 9 HOH E .  ? HOH A 2093 . ? 1_555 ? 
16 AC3 5 ILE A 36 ? ILE A 758  . ? 1_555 ? 
17 AC3 5 LEU A 58 ? LEU A 780  . ? 1_555 ? 
18 AC3 5 GLN A 67 ? GLN A 789  . ? 1_555 ? 
19 AC3 5 HOH E .  ? HOH A 2055 . ? 1_555 ? 
20 AC3 5 HOH E .  ? HOH A 2094 . ? 1_555 ? 
# 
_atom_sites.entry_id                    2W4F 
_atom_sites.fract_transf_matrix[1][1]   -0.02496991 
_atom_sites.fract_transf_matrix[1][2]   0.00760152 
_atom_sites.fract_transf_matrix[1][3]   0.00185262 
_atom_sites.fract_transf_matrix[2][1]   0.00536318 
_atom_sites.fract_transf_matrix[2][2]   0.02037205 
_atom_sites.fract_transf_matrix[2][3]   -0.01130312 
_atom_sites.fract_transf_matrix[3][1]   -0.00396167 
_atom_sites.fract_transf_matrix[3][2]   -0.00872351 
_atom_sites.fract_transf_matrix[3][3]   -0.01760248 
_atom_sites.fract_transf_vector[1]      -0.182145 
_atom_sites.fract_transf_vector[2]      0.158682 
_atom_sites.fract_transf_vector[3]      -0.166882 
# 
loop_
_atom_type.symbol 
C 
N 
O 
S 
# 
loop_
_atom_site.group_PDB 
_atom_site.id 
_atom_site.type_symbol 
_atom_site.label_atom_id 
_atom_site.label_alt_id 
_atom_site.label_comp_id 
_atom_site.label_asym_id 
_atom_site.label_entity_id 
_atom_site.label_seq_id 
_atom_site.pdbx_PDB_ins_code 
_atom_site.Cartn_x 
_atom_site.Cartn_y 
_atom_site.Cartn_z 
_atom_site.occupancy 
_atom_site.B_iso_or_equiv 
_atom_site.pdbx_formal_charge 
_atom_site.auth_seq_id 
_atom_site.auth_comp_id 
_atom_site.auth_asym_id 
_atom_site.auth_atom_id 
_atom_site.pdbx_PDB_model_num 
ATOM   1   N N   . GLU A 1 3  ? -0.787  8.080   -13.194 1.00 17.29 ? 725  GLU A N   1 
ATOM   2   C CA  . GLU A 1 3  ? -1.407  7.622   -11.926 1.00 16.99 ? 725  GLU A CA  1 
ATOM   3   C C   . GLU A 1 3  ? -0.930  6.218   -11.480 1.00 14.77 ? 725  GLU A C   1 
ATOM   4   O O   . GLU A 1 3  ? -1.023  5.913   -10.312 1.00 16.33 ? 725  GLU A O   1 
ATOM   5   C CB  . GLU A 1 3  ? -2.921  7.599   -12.060 1.00 21.71 ? 725  GLU A CB  1 
ATOM   6   C CG  . GLU A 1 3  ? -3.497  8.637   -13.013 1.00 33.33 ? 725  GLU A CG  1 
ATOM   7   C CD  . GLU A 1 3  ? -4.315  9.693   -12.322 1.00 35.93 ? 725  GLU A CD  1 
ATOM   8   O OE1 . GLU A 1 3  ? -4.691  9.505   -11.147 1.00 40.85 ? 725  GLU A OE1 1 
ATOM   9   O OE2 . GLU A 1 3  ? -4.596  10.719  -12.971 1.00 32.34 ? 725  GLU A OE2 1 
ATOM   10  N N   . GLU A 1 4  ? -0.443  5.354   -12.374 1.00 17.34 ? 726  GLU A N   1 
ATOM   11  C CA  . GLU A 1 4  ? 0.054   4.031   -11.963 1.00 16.59 ? 726  GLU A CA  1 
ATOM   12  C C   . GLU A 1 4  ? 1.578   4.015   -11.842 1.00 18.42 ? 726  GLU A C   1 
ATOM   13  O O   . GLU A 1 4  ? 2.274   4.498   -12.737 1.00 21.65 ? 726  GLU A O   1 
ATOM   14  C CB  . GLU A 1 4  ? -0.422  2.938   -12.925 1.00 22.78 ? 726  GLU A CB  1 
ATOM   15  C CG  . GLU A 1 4  ? -1.938  2.751   -12.916 1.00 25.58 ? 726  GLU A CG  1 
ATOM   16  C CD  . GLU A 1 4  ? -2.410  1.443   -13.548 1.00 37.18 ? 726  GLU A CD  1 
ATOM   17  O OE1 . GLU A 1 4  ? -1.588  0.736   -14.173 1.00 46.13 ? 726  GLU A OE1 1 
ATOM   18  O OE2 . GLU A 1 4  ? -3.614  1.126   -13.414 1.00 32.00 ? 726  GLU A OE2 1 
ATOM   19  N N   . LEU A 1 5  ? 2.081   3.448   -10.744 1.00 14.30 ? 727  LEU A N   1 
ATOM   20  C CA  . LEU A 1 5  ? 3.512   3.309   -10.483 1.00 14.46 ? 727  LEU A CA  1 
ATOM   21  C C   . LEU A 1 5  ? 3.809   1.924   -9.930  1.00 12.93 ? 727  LEU A C   1 
ATOM   22  O O   . LEU A 1 5  ? 3.012   1.352   -9.166  1.00 14.13 ? 727  LEU A O   1 
ATOM   23  C CB  . LEU A 1 5  ? 4.013   4.325   -9.454  1.00 16.48 ? 727  LEU A CB  1 
ATOM   24  C CG  . LEU A 1 5  ? 3.887   5.842   -9.612  1.00 17.97 ? 727  LEU A CG  1 
ATOM   25  C CD1 . LEU A 1 5  ? 2.644   6.376   -8.941  1.00 22.54 ? 727  LEU A CD1 1 
ATOM   26  C CD2 . LEU A 1 5  ? 5.102   6.539   -8.975  1.00 21.41 ? 727  LEU A CD2 1 
ATOM   27  N N   . THR A 1 6  ? 4.961   1.389   -10.326 1.00 13.83 ? 728  THR A N   1 
ATOM   28  C CA  . THR A 1 6  ? 5.531   0.167   -9.764  1.00 13.26 ? 728  THR A CA  1 
ATOM   29  C C   . THR A 1 6  ? 6.790   0.516   -8.980  1.00 17.62 ? 728  THR A C   1 
ATOM   30  O O   . THR A 1 6  ? 7.740   1.087   -9.523  1.00 18.07 ? 728  THR A O   1 
ATOM   31  C CB  . THR A 1 6  ? 5.883   -0.855  -10.870 1.00 14.30 ? 728  THR A CB  1 
ATOM   32  O OG1 . THR A 1 6  ? 4.678   -1.202  -11.564 1.00 15.23 ? 728  THR A OG1 1 
ATOM   33  C CG2 . THR A 1 6  ? 6.539   -2.111  -10.286 1.00 16.58 ? 728  THR A CG2 1 
ATOM   34  N N   . LEU A 1 7  ? 6.780   0.161   -7.702  1.00 14.11 ? 729  LEU A N   1 
ATOM   35  C CA  . LEU A 1 7  ? 7.821   0.533   -6.760  1.00 16.79 ? 729  LEU A CA  1 
ATOM   36  C C   . LEU A 1 7  ? 8.354   -0.741  -6.134  1.00 15.47 ? 729  LEU A C   1 
ATOM   37  O O   . LEU A 1 7  ? 7.617   -1.728  -6.033  1.00 17.15 ? 729  LEU A O   1 
ATOM   38  C CB  . LEU A 1 7  ? 7.227   1.466   -5.691  1.00 15.07 ? 729  LEU A CB  1 
ATOM   39  C CG  . LEU A 1 7  ? 6.535   2.692   -6.319  1.00 18.63 ? 729  LEU A CG  1 
ATOM   40  C CD1 . LEU A 1 7  ? 5.710   3.462   -5.309  1.00 20.81 ? 729  LEU A CD1 1 
ATOM   41  C CD2 . LEU A 1 7  ? 7.538   3.625   -7.002  1.00 19.05 ? 729  LEU A CD2 1 
ATOM   42  N N   . THR A 1 8  ? 9.608   -0.720  -5.683  1.00 15.51 ? 730  THR A N   1 
ATOM   43  C CA  . THR A 1 8  ? 10.246  -1.878  -5.039  1.00 15.90 ? 730  THR A CA  1 
ATOM   44  C C   . THR A 1 8  ? 10.873  -1.469  -3.706  1.00 17.53 ? 730  THR A C   1 
ATOM   45  O O   . THR A 1 8  ? 11.796  -0.655  -3.668  1.00 19.06 ? 730  THR A O   1 
ATOM   46  C CB  . THR A 1 8  ? 11.289  -2.540  -5.963  1.00 20.26 ? 730  THR A CB  1 
ATOM   47  O OG1 . THR A 1 8  ? 10.743  -2.694  -7.286  1.00 21.98 ? 730  THR A OG1 1 
ATOM   48  C CG2 . THR A 1 8  ? 11.687  -3.898  -5.398  1.00 24.18 ? 730  THR A CG2 1 
ATOM   49  N N   . ILE A 1 9  ? 10.367  -2.051  -2.622  1.00 15.12 ? 731  ILE A N   1 
ATOM   50  C CA  . ILE A 1 9  ? 10.731  -1.668  -1.260  1.00 16.03 ? 731  ILE A CA  1 
ATOM   51  C C   . ILE A 1 9  ? 11.658  -2.732  -0.681  1.00 17.83 ? 731  ILE A C   1 
ATOM   52  O O   . ILE A 1 9  ? 11.360  -3.929  -0.740  1.00 18.53 ? 731  ILE A O   1 
ATOM   53  C CB  . ILE A 1 9  ? 9.510   -1.611  -0.305  1.00 14.60 ? 731  ILE A CB  1 
ATOM   54  C CG1 A ILE A 1 9  ? 8.431   -0.629  -0.773  0.50 18.24 ? 731  ILE A CG1 1 
ATOM   55  C CG1 B ILE A 1 9  ? 8.484   -0.570  -0.794  0.50 15.95 ? 731  ILE A CG1 1 
ATOM   56  C CG2 A ILE A 1 9  ? 9.958   -1.249  1.109   0.50 18.47 ? 731  ILE A CG2 1 
ATOM   57  C CG2 B ILE A 1 9  ? 9.957   -1.266  1.109   0.50 18.51 ? 731  ILE A CG2 1 
ATOM   58  C CD1 A ILE A 1 9  ? 7.153   -0.730  0.075   0.50 17.51 ? 731  ILE A CD1 1 
ATOM   59  C CD1 B ILE A 1 9  ? 8.076   -0.706  -2.265  0.50 14.25 ? 731  ILE A CD1 1 
ATOM   60  N N   . LEU A 1 10 ? 12.759  -2.281  -0.097  1.00 16.68 ? 732  LEU A N   1 
ATOM   61  C CA  . LEU A 1 10 ? 13.720  -3.188  0.517   1.00 17.65 ? 732  LEU A CA  1 
ATOM   62  C C   . LEU A 1 10 ? 13.446  -3.254  2.003   1.00 17.22 ? 732  LEU A C   1 
ATOM   63  O O   . LEU A 1 10 ? 13.656  -2.268  2.727   1.00 18.65 ? 732  LEU A O   1 
ATOM   64  C CB  . LEU A 1 10 ? 15.142  -2.706  0.240   1.00 22.79 ? 732  LEU A CB  1 
ATOM   65  C CG  . LEU A 1 10 ? 15.511  -2.618  -1.245  1.00 30.99 ? 732  LEU A CG  1 
ATOM   66  C CD1 . LEU A 1 10 ? 16.997  -2.302  -1.409  1.00 33.91 ? 732  LEU A CD1 1 
ATOM   67  C CD2 . LEU A 1 10 ? 15.152  -3.903  -1.978  1.00 32.71 ? 732  LEU A CD2 1 
ATOM   68  N N   . ARG A 1 11 ? 12.975  -4.416  2.464   1.00 18.93 ? 733  ARG A N   1 
ATOM   69  C CA  . ARG A 1 11 ? 12.622  -4.599  3.871   1.00 20.46 ? 733  ARG A CA  1 
ATOM   70  C C   . ARG A 1 11 ? 13.830  -4.368  4.780   1.00 18.68 ? 733  ARG A C   1 
ATOM   71  O O   . ARG A 1 11 ? 14.956  -4.757  4.445   1.00 21.99 ? 733  ARG A O   1 
ATOM   72  C CB  . ARG A 1 11 ? 12.056  -6.007  4.078   1.00 21.01 ? 733  ARG A CB  1 
ATOM   73  C CG  . ARG A 1 11 ? 11.388  -6.253  5.419   1.00 21.98 ? 733  ARG A CG  1 
ATOM   74  C CD  . ARG A 1 11 ? 10.963  -7.709  5.536   1.00 22.41 ? 733  ARG A CD  1 
ATOM   75  N NE  . ARG A 1 11 ? 9.996   -8.101  4.505   1.00 19.32 ? 733  ARG A NE  1 
ATOM   76  C CZ  . ARG A 1 11 ? 8.670   -7.962  4.593   1.00 18.15 ? 733  ARG A CZ  1 
ATOM   77  N NH1 . ARG A 1 11 ? 8.114   -7.411  5.669   1.00 22.09 ? 733  ARG A NH1 1 
ATOM   78  N NH2 . ARG A 1 11 ? 7.897   -8.373  3.588   1.00 16.76 ? 733  ARG A NH2 1 
ATOM   79  N N   . GLN A 1 12 ? 13.599  -3.723  5.916   1.00 19.05 ? 734  GLN A N   1 
ATOM   80  C CA  . GLN A 1 12 ? 14.637  -3.534  6.921   1.00 20.64 ? 734  GLN A CA  1 
ATOM   81  C C   . GLN A 1 12 ? 14.145  -4.098  8.250   1.00 22.58 ? 734  GLN A C   1 
ATOM   82  O O   . GLN A 1 12 ? 13.029  -4.603  8.327   1.00 25.54 ? 734  GLN A O   1 
ATOM   83  C CB  . GLN A 1 12 ? 14.997  -2.050  7.037   1.00 23.24 ? 734  GLN A CB  1 
ATOM   84  C CG  . GLN A 1 12 ? 15.639  -1.475  5.782   1.00 30.91 ? 734  GLN A CG  1 
ATOM   85  N N   . THR A 1 13 ? 14.991  -4.052  9.280   1.00 23.64 ? 735  THR A N   1 
ATOM   86  C CA  . THR A 1 13 ? 14.636  -4.546  10.620  1.00 28.37 ? 735  THR A CA  1 
ATOM   87  C C   . THR A 1 13 ? 13.246  -4.115  11.109  1.00 31.77 ? 735  THR A C   1 
ATOM   88  O O   . THR A 1 13 ? 12.505  -4.917  11.690  1.00 30.98 ? 735  THR A O   1 
ATOM   89  C CB  . THR A 1 13 ? 15.689  -4.122  11.675  1.00 31.25 ? 735  THR A CB  1 
ATOM   90  O OG1 . THR A 1 13 ? 15.232  -4.474  12.990  1.00 37.60 ? 735  THR A OG1 1 
ATOM   91  C CG2 . THR A 1 13 ? 15.949  -2.617  11.626  1.00 37.31 ? 735  THR A CG2 1 
ATOM   92  N N   . GLY A 1 14 ? 12.899  -2.854  10.874  1.00 31.78 ? 736  GLY A N   1 
ATOM   93  C CA  . GLY A 1 14 ? 11.603  -2.319  11.296  1.00 32.59 ? 736  GLY A CA  1 
ATOM   94  C C   . GLY A 1 14 ? 10.393  -2.781  10.493  1.00 28.43 ? 736  GLY A C   1 
ATOM   95  O O   . GLY A 1 14 ? 9.257   -2.589  10.940  1.00 32.68 ? 736  GLY A O   1 
ATOM   96  N N   . GLY A 1 15 ? 10.629  -3.392  9.324   1.00 24.15 ? 737  GLY A N   1 
ATOM   97  C CA  . GLY A 1 15 ? 9.566   -3.741  8.357   1.00 21.35 ? 737  GLY A CA  1 
ATOM   98  C C   . GLY A 1 15 ? 9.665   -2.969  7.043   1.00 19.91 ? 737  GLY A C   1 
ATOM   99  O O   . GLY A 1 15 ? 10.754  -2.549  6.625   1.00 20.68 ? 737  GLY A O   1 
ATOM   100 N N   . LEU A 1 16 ? 8.520   -2.767  6.396   1.00 19.10 ? 738  LEU A N   1 
ATOM   101 C CA  . LEU A 1 16 ? 8.457   -2.061  5.118   1.00 17.01 ? 738  LEU A CA  1 
ATOM   102 C C   . LEU A 1 16 ? 8.299   -0.564  5.264   1.00 17.26 ? 738  LEU A C   1 
ATOM   103 O O   . LEU A 1 16 ? 8.429   0.159   4.279   1.00 17.69 ? 738  LEU A O   1 
ATOM   104 C CB  . LEU A 1 16 ? 7.311   -2.602  4.258   1.00 16.55 ? 738  LEU A CB  1 
ATOM   105 C CG  . LEU A 1 16 ? 7.406   -4.087  3.916   1.00 17.82 ? 738  LEU A CG  1 
ATOM   106 C CD1 . LEU A 1 16 ? 6.163   -4.529  3.185   1.00 19.14 ? 738  LEU A CD1 1 
ATOM   107 C CD2 . LEU A 1 16 ? 8.646   -4.350  3.074   1.00 19.62 ? 738  LEU A CD2 1 
ATOM   108 N N   . GLY A 1 17 ? 7.997   -0.095  6.471   1.00 15.78 ? 739  GLY A N   1 
ATOM   109 C CA  . GLY A 1 17 ? 7.858   1.325   6.730   1.00 15.20 ? 739  GLY A CA  1 
ATOM   110 C C   . GLY A 1 17 ? 6.563   1.917   6.197   1.00 13.87 ? 739  GLY A C   1 
ATOM   111 O O   . GLY A 1 17 ? 6.546   3.069   5.779   1.00 13.27 ? 739  GLY A O   1 
ATOM   112 N N   . ILE A 1 18 ? 5.477   1.132   6.219   1.00 13.16 ? 740  ILE A N   1 
ATOM   113 C CA  . ILE A 1 18 ? 4.139   1.611   5.874   1.00 11.50 ? 740  ILE A CA  1 
ATOM   114 C C   . ILE A 1 18 ? 3.101   1.049   6.801   1.00 12.52 ? 740  ILE A C   1 
ATOM   115 O O   . ILE A 1 18 ? 3.326   0.046   7.459   1.00 12.83 ? 740  ILE A O   1 
ATOM   116 C CB  . ILE A 1 18 ? 3.716   1.230   4.428   1.00 11.91 ? 740  ILE A CB  1 
ATOM   117 C CG1 . ILE A 1 18 ? 3.741   -0.287  4.214   1.00 17.52 ? 740  ILE A CG1 1 
ATOM   118 C CG2 . ILE A 1 18 ? 4.580   1.944   3.405   1.00 13.91 ? 740  ILE A CG2 1 
ATOM   119 C CD1 . ILE A 1 18 ? 3.119   -0.747  2.907   1.00 18.85 ? 740  ILE A CD1 1 
ATOM   120 N N   . SER A 1 19 ? 1.953   1.714   6.824   1.00 10.68 ? 741  SER A N   1 
ATOM   121 C CA  . SER A 1 19 ? 0.725   1.133   7.359   1.00 10.46 ? 741  SER A CA  1 
ATOM   122 C C   . SER A 1 19 ? -0.333  1.161   6.277   1.00 9.68  ? 741  SER A C   1 
ATOM   123 O O   . SER A 1 19 ? -0.315  2.044   5.424   1.00 10.09 ? 741  SER A O   1 
ATOM   124 C CB  . SER A 1 19 ? 0.225   1.852   8.604   1.00 10.45 ? 741  SER A CB  1 
ATOM   125 O OG  . SER A 1 19 ? 1.223   1.859   9.593   1.00 12.79 ? 741  SER A OG  1 
ATOM   126 N N   . ILE A 1 20 ? -1.236  0.185   6.335   1.00 10.03 ? 742  ILE A N   1 
ATOM   127 C CA  . ILE A 1 20 ? -2.342  0.099   5.410   1.00 9.67  ? 742  ILE A CA  1 
ATOM   128 C C   . ILE A 1 20 ? -3.688  0.173   6.129   1.00 8.95  ? 742  ILE A C   1 
ATOM   129 O O   . ILE A 1 20 ? -3.844  -0.256  7.280   1.00 9.43  ? 742  ILE A O   1 
ATOM   130 C CB  . ILE A 1 20 ? -2.276  -1.132  4.478   1.00 9.84  ? 742  ILE A CB  1 
ATOM   131 C CG1 . ILE A 1 20 ? -2.332  -2.455  5.258   1.00 11.91 ? 742  ILE A CG1 1 
ATOM   132 C CG2 . ILE A 1 20 ? -1.005  -1.066  3.594   1.00 13.63 ? 742  ILE A CG2 1 
ATOM   133 C CD1 . ILE A 1 20 ? -2.713  -3.655  4.390   1.00 14.15 ? 742  ILE A CD1 1 
ATOM   134 N N   . ALA A 1 21 ? -4.660  0.716   5.404   1.00 9.10  ? 743  ALA A N   1 
ATOM   135 C CA  . ALA A 1 21 ? -6.017  0.887   5.901   1.00 9.02  ? 743  ALA A CA  1 
ATOM   136 C C   . ALA A 1 21 ? -6.976  0.428   4.806   1.00 10.96 ? 743  ALA A C   1 
ATOM   137 O O   . ALA A 1 21 ? -6.661  0.487   3.619   1.00 12.28 ? 743  ALA A O   1 
ATOM   138 C CB  . ALA A 1 21 ? -6.286  2.369   6.246   1.00 11.61 ? 743  ALA A CB  1 
ATOM   139 N N   . GLY A 1 22 ? -8.161  -0.002  5.214   1.00 11.93 ? 744  GLY A N   1 
ATOM   140 C CA  . GLY A 1 22 ? -9.224  -0.361  4.289   1.00 12.46 ? 744  GLY A CA  1 
ATOM   141 C C   . GLY A 1 22 ? -9.297  -1.841  4.026   1.00 13.17 ? 744  GLY A C   1 
ATOM   142 O O   . GLY A 1 22 ? -8.717  -2.639  4.749   1.00 13.73 ? 744  GLY A O   1 
ATOM   143 N N   . GLY A 1 23 ? -10.035 -2.206  2.983   1.00 13.90 ? 745  GLY A N   1 
ATOM   144 C CA  . GLY A 1 23 ? -10.299 -3.600  2.674   1.00 15.62 ? 745  GLY A CA  1 
ATOM   145 C C   . GLY A 1 23 ? -11.754 -3.948  2.879   1.00 16.14 ? 745  GLY A C   1 
ATOM   146 O O   . GLY A 1 23 ? -12.455 -3.316  3.664   1.00 15.12 ? 745  GLY A O   1 
ATOM   147 N N   . LYS A 1 24 ? -12.196 -4.972  2.169   1.00 17.37 ? 746  LYS A N   1 
ATOM   148 C CA  . LYS A 1 24 ? -13.588 -5.406  2.199   1.00 17.88 ? 746  LYS A CA  1 
ATOM   149 C C   . LYS A 1 24 ? -14.018 -5.810  3.615   1.00 16.00 ? 746  LYS A C   1 
ATOM   150 O O   . LYS A 1 24 ? -13.449 -6.706  4.213   1.00 17.06 ? 746  LYS A O   1 
ATOM   151 C CB  . LYS A 1 24 ? -13.792 -6.569  1.218   1.00 19.87 ? 746  LYS A CB  1 
ATOM   152 C CG  . LYS A 1 24 ? -15.211 -7.125  1.154   1.00 23.06 ? 746  LYS A CG  1 
ATOM   153 C CD  . LYS A 1 24 ? -15.399 -8.039  -0.050  1.00 32.22 ? 746  LYS A CD  1 
ATOM   154 N N   . GLY A 1 25 ? -15.050 -5.149  4.122   1.00 15.75 ? 747  GLY A N   1 
ATOM   155 C CA  . GLY A 1 25 ? -15.554 -5.417  5.470   1.00 16.45 ? 747  GLY A CA  1 
ATOM   156 C C   . GLY A 1 25 ? -14.925 -4.626  6.608   1.00 14.78 ? 747  GLY A C   1 
ATOM   157 O O   . GLY A 1 25 ? -15.381 -4.733  7.754   1.00 15.54 ? 747  GLY A O   1 
ATOM   158 N N   . SER A 1 26 ? -13.895 -3.836  6.300   1.00 14.11 ? 748  SER A N   1 
ATOM   159 C CA  . SER A 1 26 ? -13.239 -2.954  7.265   1.00 13.83 ? 748  SER A CA  1 
ATOM   160 C C   . SER A 1 26 ? -13.749 -1.543  7.096   1.00 13.61 ? 748  SER A C   1 
ATOM   161 O O   . SER A 1 26 ? -14.353 -1.198  6.085   1.00 16.40 ? 748  SER A O   1 
ATOM   162 C CB  . SER A 1 26 ? -11.738 -2.883  6.979   1.00 14.76 ? 748  SER A CB  1 
ATOM   163 O OG  . SER A 1 26 ? -11.134 -4.133  7.103   1.00 17.93 ? 748  SER A OG  1 
ATOM   164 N N   . THR A 1 27 ? -13.465 -0.691  8.075   1.00 14.98 ? 749  THR A N   1 
ATOM   165 C CA  . THR A 1 27 ? -13.730 0.727   7.920   1.00 13.87 ? 749  THR A CA  1 
ATOM   166 C C   . THR A 1 27 ? -12.905 1.241   6.748   1.00 13.94 ? 749  THR A C   1 
ATOM   167 O O   . THR A 1 27 ? -11.708 0.993   6.699   1.00 13.87 ? 749  THR A O   1 
ATOM   168 C CB  . THR A 1 27 ? -13.350 1.488   9.204   1.00 14.82 ? 749  THR A CB  1 
ATOM   169 O OG1 . THR A 1 27 ? -14.150 0.988   10.274  1.00 18.70 ? 749  THR A OG1 1 
ATOM   170 C CG2 . THR A 1 27 ? -13.580 2.979   9.043   1.00 17.25 ? 749  THR A CG2 1 
ATOM   171 N N   . PRO A 1 28 ? -13.547 1.911   5.783   1.00 13.70 ? 750  PRO A N   1 
ATOM   172 C CA  . PRO A 1 28 ? -12.790 2.397   4.612   1.00 14.72 ? 750  PRO A CA  1 
ATOM   173 C C   . PRO A 1 28 ? -11.841 3.540   4.933   1.00 13.11 ? 750  PRO A C   1 
ATOM   174 O O   . PRO A 1 28 ? -12.064 4.315   5.864   1.00 15.97 ? 750  PRO A O   1 
ATOM   175 C CB  . PRO A 1 28 ? -13.879 2.875   3.650   1.00 16.30 ? 750  PRO A CB  1 
ATOM   176 C CG  . PRO A 1 28 ? -15.062 3.114   4.496   1.00 21.32 ? 750  PRO A CG  1 
ATOM   177 C CD  . PRO A 1 28 ? -14.984 2.219   5.690   1.00 17.66 ? 750  PRO A CD  1 
ATOM   178 N N   . TYR A 1 29 ? -10.785 3.643   4.146   1.00 12.14 ? 751  TYR A N   1 
ATOM   179 C CA  . TYR A 1 29 ? -9.860  4.753   4.243   1.00 13.07 ? 751  TYR A CA  1 
ATOM   180 C C   . TYR A 1 29 ? -10.500 6.066   3.788   1.00 14.68 ? 751  TYR A C   1 
ATOM   181 O O   . TYR A 1 29 ? -10.213 7.126   4.332   1.00 15.98 ? 751  TYR A O   1 
ATOM   182 C CB  . TYR A 1 29 ? -8.639  4.468   3.372   1.00 12.29 ? 751  TYR A CB  1 
ATOM   183 C CG  . TYR A 1 29 ? -7.605  5.558   3.389   1.00 11.40 ? 751  TYR A CG  1 
ATOM   184 C CD1 . TYR A 1 29 ? -6.890  5.851   4.549   1.00 12.29 ? 751  TYR A CD1 1 
ATOM   185 C CD2 . TYR A 1 29 ? -7.298  6.267   2.247   1.00 12.73 ? 751  TYR A CD2 1 
ATOM   186 C CE1 . TYR A 1 29 ? -5.924  6.828   4.568   1.00 12.74 ? 751  TYR A CE1 1 
ATOM   187 C CE2 . TYR A 1 29 ? -6.328  7.242   2.257   1.00 14.15 ? 751  TYR A CE2 1 
ATOM   188 C CZ  . TYR A 1 29 ? -5.642  7.521   3.423   1.00 13.72 ? 751  TYR A CZ  1 
ATOM   189 O OH  . TYR A 1 29 ? -4.655  8.486   3.414   1.00 16.61 ? 751  TYR A OH  1 
ATOM   190 N N   . LYS A 1 30 ? -11.343 5.990   2.767   1.00 14.77 ? 752  LYS A N   1 
ATOM   191 C CA  . LYS A 1 30 ? -12.105 7.145   2.332   1.00 17.61 ? 752  LYS A CA  1 
ATOM   192 C C   . LYS A 1 30 ? -13.449 6.689   1.845   1.00 17.14 ? 752  LYS A C   1 
ATOM   193 O O   . LYS A 1 30 ? -13.614 5.540   1.451   1.00 18.49 ? 752  LYS A O   1 
ATOM   194 C CB  . LYS A 1 30 ? -11.363 7.970   1.288   1.00 20.10 ? 752  LYS A CB  1 
ATOM   195 C CG  . LYS A 1 30 ? -10.869 7.234   0.087   1.00 19.46 ? 752  LYS A CG  1 
ATOM   196 C CD  . LYS A 1 30 ? -9.798  8.094   -0.586  1.00 23.85 ? 752  LYS A CD  1 
ATOM   197 C CE  . LYS A 1 30 ? -9.603  7.728   -2.014  1.00 21.78 ? 752  LYS A CE  1 
ATOM   198 N NZ  . LYS A 1 30 ? -8.381  8.384   -2.602  1.00 15.44 ? 752  LYS A NZ  1 
ATOM   199 N N   . GLY A 1 31 ? -14.406 7.609   1.887   1.00 17.91 ? 753  GLY A N   1 
ATOM   200 C CA  . GLY A 1 31 ? -15.824 7.289   1.775   1.00 22.14 ? 753  GLY A CA  1 
ATOM   201 C C   . GLY A 1 31 ? -16.229 6.580   0.512   1.00 24.20 ? 753  GLY A C   1 
ATOM   202 O O   . GLY A 1 31 ? -17.076 5.691   0.546   1.00 27.18 ? 753  GLY A O   1 
ATOM   203 N N   . ASP A 1 32 ? -15.607 6.952   -0.604  1.00 21.73 ? 754  ASP A N   1 
ATOM   204 C CA  . ASP A 1 32 ? -16.039 6.451   -1.918  1.00 19.99 ? 754  ASP A CA  1 
ATOM   205 C C   . ASP A 1 32 ? -15.289 5.209   -2.393  1.00 23.29 ? 754  ASP A C   1 
ATOM   206 O O   . ASP A 1 32 ? -15.504 4.772   -3.528  1.00 23.80 ? 754  ASP A O   1 
ATOM   207 C CB  . ASP A 1 32 ? -15.956 7.569   -2.966  1.00 22.70 ? 754  ASP A CB  1 
ATOM   208 C CG  . ASP A 1 32 ? -14.561 8.147   -3.115  1.00 23.63 ? 754  ASP A CG  1 
ATOM   209 O OD1 . ASP A 1 32 ? -13.652 7.743   -2.361  1.00 25.80 ? 754  ASP A OD1 1 
ATOM   210 O OD2 . ASP A 1 32 ? -14.366 9.017   -3.993  1.00 28.05 ? 754  ASP A OD2 1 
ATOM   211 N N   . ASP A 1 33 ? -14.435 4.630   -1.539  1.00 21.10 ? 755  ASP A N   1 
ATOM   212 C CA  . ASP A 1 33 ? -13.631 3.473   -1.932  1.00 19.91 ? 755  ASP A CA  1 
ATOM   213 C C   . ASP A 1 33 ? -13.297 2.578   -0.736  1.00 19.47 ? 755  ASP A C   1 
ATOM   214 O O   . ASP A 1 33 ? -12.628 3.005   0.208   1.00 19.26 ? 755  ASP A O   1 
ATOM   215 C CB  . ASP A 1 33 ? -12.362 3.965   -2.601  1.00 20.18 ? 755  ASP A CB  1 
ATOM   216 C CG  . ASP A 1 33 ? -11.597 2.865   -3.299  1.00 15.58 ? 755  ASP A CG  1 
ATOM   217 O OD1 . ASP A 1 33 ? -10.923 3.198   -4.295  1.00 18.05 ? 755  ASP A OD1 1 
ATOM   218 O OD2 . ASP A 1 33 ? -11.693 1.683   -2.882  1.00 16.76 ? 755  ASP A OD2 1 
ATOM   219 N N   . GLU A 1 34 ? -13.713 1.322   -0.821  1.00 18.81 ? 756  GLU A N   1 
ATOM   220 C CA  . GLU A 1 34 ? -13.509 0.328   0.216   1.00 18.54 ? 756  GLU A CA  1 
ATOM   221 C C   . GLU A 1 34 ? -12.163 -0.425  0.136   1.00 18.57 ? 756  GLU A C   1 
ATOM   222 O O   . GLU A 1 34 ? -11.914 -1.297  0.947   1.00 21.18 ? 756  GLU A O   1 
ATOM   223 C CB  . GLU A 1 34 ? -14.666 -0.682  0.224   1.00 23.67 ? 756  GLU A CB  1 
ATOM   224 N N   . GLY A 1 35 ? -11.297 -0.087  -0.824  1.00 15.42 ? 757  GLY A N   1 
ATOM   225 C CA  . GLY A 1 35 ? -10.040 -0.818  -1.067  1.00 14.91 ? 757  GLY A CA  1 
ATOM   226 C C   . GLY A 1 35 ? -8.888  -0.551  -0.091  1.00 12.58 ? 757  GLY A C   1 
ATOM   227 O O   . GLY A 1 35 ? -9.049  0.117   0.929   1.00 13.25 ? 757  GLY A O   1 
ATOM   228 N N   . ILE A 1 36 ? -7.730  -1.141  -0.386  1.00 11.98 ? 758  ILE A N   1 
ATOM   229 C CA  . ILE A 1 36 ? -6.537  -1.039  0.441   1.00 11.96 ? 758  ILE A CA  1 
ATOM   230 C C   . ILE A 1 36 ? -5.746  0.215   0.064   1.00 11.22 ? 758  ILE A C   1 
ATOM   231 O O   . ILE A 1 36 ? -5.402  0.419   -1.094  1.00 12.61 ? 758  ILE A O   1 
ATOM   232 C CB  . ILE A 1 36 ? -5.607  -2.278  0.263   1.00 12.38 ? 758  ILE A CB  1 
ATOM   233 C CG1 . ILE A 1 36 ? -6.335  -3.624  0.520   1.00 14.31 ? 758  ILE A CG1 1 
ATOM   234 C CG2 . ILE A 1 36 ? -4.403  -2.151  1.162   1.00 13.18 ? 758  ILE A CG2 1 
ATOM   235 C CD1 . ILE A 1 36 ? -6.845  -3.787  1.921   1.00 14.10 ? 758  ILE A CD1 1 
ATOM   236 N N   . PHE A 1 37 ? -5.456  1.041   1.063   1.00 10.00 ? 759  PHE A N   1 
ATOM   237 C CA  . PHE A 1 37 ? -4.651  2.241   0.881   1.00 9.45  ? 759  PHE A CA  1 
ATOM   238 C C   . PHE A 1 37 ? -3.461  2.272   1.821   1.00 9.34  ? 759  PHE A C   1 
ATOM   239 O O   . PHE A 1 37 ? -3.502  1.765   2.935   1.00 10.65 ? 759  PHE A O   1 
ATOM   240 C CB  . PHE A 1 37 ? -5.508  3.492   1.132   1.00 10.40 ? 759  PHE A CB  1 
ATOM   241 C CG  . PHE A 1 37 ? -6.524  3.739   0.060   1.00 9.61  ? 759  PHE A CG  1 
ATOM   242 C CD1 . PHE A 1 37 ? -7.748  3.071   0.070   1.00 12.15 ? 759  PHE A CD1 1 
ATOM   243 C CD2 . PHE A 1 37 ? -6.259  4.631   -0.964  1.00 10.23 ? 759  PHE A CD2 1 
ATOM   244 C CE1 . PHE A 1 37 ? -8.678  3.296   -0.935  1.00 12.37 ? 759  PHE A CE1 1 
ATOM   245 C CE2 . PHE A 1 37 ? -7.200  4.843   -1.967  1.00 11.16 ? 759  PHE A CE2 1 
ATOM   246 C CZ  . PHE A 1 37 ? -8.385  4.169   -1.943  1.00 12.81 ? 759  PHE A CZ  1 
ATOM   247 N N   . ILE A 1 38 ? -2.410  2.951   1.389   1.00 8.87  ? 760  ILE A N   1 
ATOM   248 C CA  . ILE A 1 38 ? -1.247  3.214   2.229   1.00 9.50  ? 760  ILE A CA  1 
ATOM   249 C C   . ILE A 1 38 ? -1.588  4.451   3.042   1.00 9.82  ? 760  ILE A C   1 
ATOM   250 O O   . ILE A 1 38 ? -1.665  5.544   2.516   1.00 12.97 ? 760  ILE A O   1 
ATOM   251 C CB  . ILE A 1 38 ? 0.022   3.444   1.363   1.00 12.27 ? 760  ILE A CB  1 
ATOM   252 C CG1 A ILE A 1 38 ? 0.316   2.249   0.470   0.50 16.94 ? 760  ILE A CG1 1 
ATOM   253 C CG1 B ILE A 1 38 ? 0.270   2.166   0.545   0.50 19.40 ? 760  ILE A CG1 1 
ATOM   254 C CG2 A ILE A 1 38 ? 1.224   3.757   2.254   0.50 13.29 ? 760  ILE A CG2 1 
ATOM   255 C CG2 B ILE A 1 38 ? 1.217   3.778   2.246   0.50 13.44 ? 760  ILE A CG2 1 
ATOM   256 C CD1 A ILE A 1 38 ? 1.003   1.176   1.173   0.50 15.06 ? 760  ILE A CD1 1 
ATOM   257 C CD1 B ILE A 1 38 ? 1.543   2.118   -0.242  0.50 22.81 ? 760  ILE A CD1 1 
ATOM   258 N N   . SER A 1 39 ? -1.804  4.263   4.334   1.00 9.73  ? 761  SER A N   1 
ATOM   259 C CA  . SER A 1 39 ? -2.281  5.333   5.197   1.00 10.58 ? 761  SER A CA  1 
ATOM   260 C C   . SER A 1 39 ? -1.150  6.020   5.974   1.00 10.42 ? 761  SER A C   1 
ATOM   261 O O   . SER A 1 39 ? -1.351  7.086   6.533   1.00 12.54 ? 761  SER A O   1 
ATOM   262 C CB  . SER A 1 39 ? -3.330  4.781   6.150   1.00 11.60 ? 761  SER A CB  1 
ATOM   263 O OG  . SER A 1 39 ? -2.831  3.668   6.865   1.00 11.95 ? 761  SER A OG  1 
ATOM   264 N N   . ARG A 1 40 ? 0.028   5.410   6.015   1.00 10.45 ? 762  ARG A N   1 
ATOM   265 C CA  . ARG A 1 40 ? 1.169   5.970   6.709   1.00 11.44 ? 762  ARG A CA  1 
ATOM   266 C C   . ARG A 1 40 ? 2.417   5.489   6.000   1.00 12.35 ? 762  ARG A C   1 
ATOM   267 O O   . ARG A 1 40 ? 2.467   4.347   5.561   1.00 11.04 ? 762  ARG A O   1 
ATOM   268 C CB  . ARG A 1 40 ? 1.178   5.506   8.181   1.00 12.41 ? 762  ARG A CB  1 
ATOM   269 C CG  . ARG A 1 40 ? 2.153   6.245   9.093   1.00 15.92 ? 762  ARG A CG  1 
ATOM   270 C CD  . ARG A 1 40 ? 2.265   5.551   10.447  1.00 17.77 ? 762  ARG A CD  1 
ATOM   271 N NE  . ARG A 1 40 ? 2.646   4.168   10.211  1.00 21.99 ? 762  ARG A NE  1 
ATOM   272 C CZ  . ARG A 1 40 ? 3.877   3.737   9.961   1.00 25.83 ? 762  ARG A CZ  1 
ATOM   273 N NH1 . ARG A 1 40 ? 4.935   4.565   10.001  1.00 25.50 ? 762  ARG A NH1 1 
ATOM   274 N NH2 . ARG A 1 40 ? 4.048   2.445   9.700   1.00 23.77 ? 762  ARG A NH2 1 
ATOM   275 N N   . VAL A 1 41 ? 3.399   6.385   5.885   1.00 12.57 ? 763  VAL A N   1 
ATOM   276 C CA  . VAL A 1 41 ? 4.717   6.051   5.342   1.00 12.43 ? 763  VAL A CA  1 
ATOM   277 C C   . VAL A 1 41 ? 5.762   6.622   6.297   1.00 14.37 ? 763  VAL A C   1 
ATOM   278 O O   . VAL A 1 41 ? 5.810   7.829   6.524   1.00 16.52 ? 763  VAL A O   1 
ATOM   279 C CB  . VAL A 1 41 ? 4.936   6.639   3.913   1.00 13.15 ? 763  VAL A CB  1 
ATOM   280 C CG1 . VAL A 1 41 ? 6.353   6.344   3.419   1.00 16.08 ? 763  VAL A CG1 1 
ATOM   281 C CG2 . VAL A 1 41 ? 3.892   6.139   2.941   1.00 13.95 ? 763  VAL A CG2 1 
ATOM   282 N N   . SER A 1 42 ? 6.593   5.761   6.860   1.00 17.22 ? 764  SER A N   1 
ATOM   283 C CA  . SER A 1 42 ? 7.650   6.213   7.759   1.00 19.83 ? 764  SER A CA  1 
ATOM   284 C C   . SER A 1 42 ? 8.595   7.132   7.001   1.00 20.14 ? 764  SER A C   1 
ATOM   285 O O   . SER A 1 42 ? 9.151   6.721   5.994   1.00 19.40 ? 764  SER A O   1 
ATOM   286 C CB  . SER A 1 42 ? 8.430   5.013   8.286   1.00 20.22 ? 764  SER A CB  1 
ATOM   287 O OG  . SER A 1 42 ? 7.598   4.127   9.005   1.00 24.54 ? 764  SER A OG  1 
ATOM   288 N N   . GLU A 1 43 ? 8.781   8.365   7.487   1.00 23.41 ? 765  GLU A N   1 
ATOM   289 C CA  . GLU A 1 43 ? 9.485   9.406   6.721   1.00 27.52 ? 765  GLU A CA  1 
ATOM   290 C C   . GLU A 1 43 ? 10.913  8.996   6.363   1.00 27.50 ? 765  GLU A C   1 
ATOM   291 O O   . GLU A 1 43 ? 11.394  9.285   5.261   1.00 30.43 ? 765  GLU A O   1 
ATOM   292 C CB  . GLU A 1 43 ? 9.498   10.736  7.489   1.00 31.44 ? 765  GLU A CB  1 
ATOM   293 C CG  . GLU A 1 43 ? 9.911   11.941  6.638   1.00 41.19 ? 765  GLU A CG  1 
ATOM   294 C CD  . GLU A 1 43 ? 10.195  13.185  7.461   1.00 48.93 ? 765  GLU A CD  1 
ATOM   295 O OE1 . GLU A 1 43 ? 9.598   13.338  8.550   1.00 53.20 ? 765  GLU A OE1 1 
ATOM   296 O OE2 . GLU A 1 43 ? 11.020  14.012  7.015   1.00 54.47 ? 765  GLU A OE2 1 
ATOM   297 N N   . GLU A 1 44 ? 11.575  8.304   7.281   1.00 27.30 ? 766  GLU A N   1 
ATOM   298 C CA  . GLU A 1 44 ? 12.966  7.906   7.081   1.00 30.73 ? 766  GLU A CA  1 
ATOM   299 C C   . GLU A 1 44 ? 13.108  6.437   6.693   1.00 29.61 ? 766  GLU A C   1 
ATOM   300 O O   . GLU A 1 44 ? 14.199  5.880   6.783   1.00 33.98 ? 766  GLU A O   1 
ATOM   301 C CB  . GLU A 1 44 ? 13.770  8.181   8.360   1.00 33.68 ? 766  GLU A CB  1 
ATOM   302 N N   . GLY A 1 45 ? 12.016  5.808   6.256   1.00 23.29 ? 767  GLY A N   1 
ATOM   303 C CA  . GLY A 1 45 ? 11.988  4.358   6.087   1.00 20.08 ? 767  GLY A CA  1 
ATOM   304 C C   . GLY A 1 45 ? 12.091  3.845   4.666   1.00 18.30 ? 767  GLY A C   1 
ATOM   305 O O   . GLY A 1 45 ? 12.220  4.621   3.720   1.00 18.91 ? 767  GLY A O   1 
ATOM   306 N N   . PRO A 1 46 ? 12.012  2.512   4.498   1.00 17.37 ? 768  PRO A N   1 
ATOM   307 C CA  . PRO A 1 46 ? 12.221  1.853   3.219   1.00 18.42 ? 768  PRO A CA  1 
ATOM   308 C C   . PRO A 1 46 ? 11.230  2.208   2.118   1.00 16.20 ? 768  PRO A C   1 
ATOM   309 O O   . PRO A 1 46 ? 11.601  2.332   0.952   1.00 15.33 ? 768  PRO A O   1 
ATOM   310 C CB  . PRO A 1 46 ? 12.091  0.365   3.556   1.00 20.16 ? 768  PRO A CB  1 
ATOM   311 C CG  . PRO A 1 46 ? 12.097  0.229   4.992   1.00 20.29 ? 768  PRO A CG  1 
ATOM   312 C CD  . PRO A 1 46 ? 11.985  1.556   5.623   1.00 18.86 ? 768  PRO A CD  1 
ATOM   313 N N   . ALA A 1 47 ? 9.966   2.309   2.484   1.00 14.95 ? 769  ALA A N   1 
ATOM   314 C CA  . ALA A 1 47 ? 8.930   2.617   1.514   1.00 15.36 ? 769  ALA A CA  1 
ATOM   315 C C   . ALA A 1 47 ? 9.092   4.042   1.001   1.00 13.86 ? 769  ALA A C   1 
ATOM   316 O O   . ALA A 1 47 ? 8.950   4.298   -0.212  1.00 14.26 ? 769  ALA A O   1 
ATOM   317 C CB  . ALA A 1 47 ? 7.547   2.386   2.132   1.00 13.24 ? 769  ALA A CB  1 
ATOM   318 N N   . ALA A 1 48 ? 9.382   4.969   1.915   1.00 15.36 ? 770  ALA A N   1 
ATOM   319 C CA  . ALA A 1 48 ? 9.645   6.353   1.536   1.00 15.60 ? 770  ALA A CA  1 
ATOM   320 C C   . ALA A 1 48 ? 10.791  6.402   0.514   1.00 14.14 ? 770  ALA A C   1 
ATOM   321 O O   . ALA A 1 48 ? 10.670  7.015   -0.534  1.00 14.87 ? 770  ALA A O   1 
ATOM   322 C CB  . ALA A 1 48 ? 9.971   7.193   2.770   1.00 17.22 ? 770  ALA A CB  1 
ATOM   323 N N   . ARG A 1 49 ? 11.889  5.721   0.805   1.00 14.66 ? 771  ARG A N   1 
ATOM   324 C CA  . ARG A 1 49 ? 13.019  5.667   -0.129  1.00 13.98 ? 771  ARG A CA  1 
ATOM   325 C C   . ARG A 1 49 ? 12.662  5.089   -1.493  1.00 16.10 ? 771  ARG A C   1 
ATOM   326 O O   . ARG A 1 49 ? 13.187  5.530   -2.512  1.00 16.73 ? 771  ARG A O   1 
ATOM   327 C CB  . ARG A 1 49 ? 14.182  4.862   0.475   1.00 17.03 ? 771  ARG A CB  1 
ATOM   328 C CG  . ARG A 1 49 ? 14.915  5.587   1.589   1.00 19.52 ? 771  ARG A CG  1 
ATOM   329 C CD  . ARG A 1 49 ? 16.202  4.860   2.018   1.00 21.05 ? 771  ARG A CD  1 
ATOM   330 N NE  . ARG A 1 49 ? 15.940  3.632   2.767   1.00 24.73 ? 771  ARG A NE  1 
ATOM   331 C CZ  . ARG A 1 49 ? 15.634  3.579   4.062   1.00 26.35 ? 771  ARG A CZ  1 
ATOM   332 N NH1 . ARG A 1 49 ? 15.518  4.692   4.787   1.00 29.29 ? 771  ARG A NH1 1 
ATOM   333 N NH2 . ARG A 1 49 ? 15.430  2.396   4.638   1.00 27.68 ? 771  ARG A NH2 1 
ATOM   334 N N   . ALA A 1 50 ? 11.778  4.095   -1.507  1.00 15.11 ? 772  ALA A N   1 
ATOM   335 C CA  . ALA A 1 50 ? 11.320  3.467   -2.743  1.00 12.81 ? 772  ALA A CA  1 
ATOM   336 C C   . ALA A 1 50 ? 10.342  4.353   -3.533  1.00 13.34 ? 772  ALA A C   1 
ATOM   337 O O   . ALA A 1 50 ? 10.025  4.019   -4.670  1.00 16.57 ? 772  ALA A O   1 
ATOM   338 C CB  . ALA A 1 50 ? 10.636  2.133   -2.451  1.00 17.19 ? 772  ALA A CB  1 
ATOM   339 N N   . GLY A 1 51 ? 9.852   5.440   -2.935  1.00 12.62 ? 773  GLY A N   1 
ATOM   340 C CA  . GLY A 1 51 ? 8.921   6.327   -3.612  1.00 12.57 ? 773  GLY A CA  1 
ATOM   341 C C   . GLY A 1 51 ? 7.453   6.170   -3.296  1.00 11.49 ? 773  GLY A C   1 
ATOM   342 O O   . GLY A 1 51 ? 6.631   6.811   -3.940  1.00 12.15 ? 773  GLY A O   1 
ATOM   343 N N   . VAL A 1 52 ? 7.115   5.353   -2.298  1.00 10.69 ? 774  VAL A N   1 
ATOM   344 C CA  . VAL A 1 52 ? 5.722   5.197   -1.846  1.00 10.98 ? 774  VAL A CA  1 
ATOM   345 C C   . VAL A 1 52 ? 5.277   6.457   -1.138  1.00 11.42 ? 774  VAL A C   1 
ATOM   346 O O   . VAL A 1 52 ? 6.056   7.049   -0.394  1.00 12.07 ? 774  VAL A O   1 
ATOM   347 C CB  . VAL A 1 52 ? 5.567   3.990   -0.889  1.00 11.30 ? 774  VAL A CB  1 
ATOM   348 C CG1 . VAL A 1 52 ? 4.107   3.793   -0.463  1.00 12.00 ? 774  VAL A CG1 1 
ATOM   349 C CG2 . VAL A 1 52 ? 6.092   2.703   -1.551  1.00 13.15 ? 774  VAL A CG2 1 
ATOM   350 N N   . ARG A 1 53 ? 4.022   6.856   -1.352  1.00 9.77  ? 775  ARG A N   1 
ATOM   351 C CA  A ARG A 1 53 ? 3.502   8.055   -0.720  0.50 10.28 ? 775  ARG A CA  1 
ATOM   352 C CA  B ARG A 1 53 ? 3.463   8.081   -0.786  0.50 10.52 ? 775  ARG A CA  1 
ATOM   353 C C   . ARG A 1 53 ? 2.177   7.785   -0.023  1.00 9.34  ? 775  ARG A C   1 
ATOM   354 O O   . ARG A 1 53 ? 1.406   6.880   -0.382  1.00 9.58  ? 775  ARG A O   1 
ATOM   355 C CB  A ARG A 1 53 ? 3.392   9.190   -1.735  0.50 10.58 ? 775  ARG A CB  1 
ATOM   356 C CB  B ARG A 1 53 ? 3.166   9.090   -1.893  0.50 12.79 ? 775  ARG A CB  1 
ATOM   357 C CG  A ARG A 1 53 ? 4.729   9.585   -2.361  0.50 9.21  ? 775  ARG A CG  1 
ATOM   358 C CG  B ARG A 1 53 ? 4.360   9.482   -2.755  0.50 18.04 ? 775  ARG A CG  1 
ATOM   359 C CD  A ARG A 1 53 ? 5.693   10.184  -1.355  0.50 11.13 ? 775  ARG A CD  1 
ATOM   360 C CD  B ARG A 1 53 ? 5.327   10.399  -2.034  0.50 18.40 ? 775  ARG A CD  1 
ATOM   361 N NE  A ARG A 1 53 ? 6.962   10.560  -1.979  0.50 11.31 ? 775  ARG A NE  1 
ATOM   362 N NE  B ARG A 1 53 ? 6.110   11.198  -2.976  0.50 24.78 ? 775  ARG A NE  1 
ATOM   363 C CZ  A ARG A 1 53 ? 8.116   9.900   -1.831  0.50 12.63 ? 775  ARG A CZ  1 
ATOM   364 C CZ  B ARG A 1 53 ? 6.905   12.204  -2.626  0.50 25.98 ? 775  ARG A CZ  1 
ATOM   365 N NH1 A ARG A 1 53 ? 8.184   8.795   -1.092  0.50 10.70 ? 775  ARG A NH1 1 
ATOM   366 N NH1 B ARG A 1 53 ? 7.026   12.537  -1.347  0.50 33.35 ? 775  ARG A NH1 1 
ATOM   367 N NH2 A ARG A 1 53 ? 9.209   10.347  -2.438  0.50 15.04 ? 775  ARG A NH2 1 
ATOM   368 N NH2 B ARG A 1 53 ? 7.580   12.883  -3.551  0.50 20.25 ? 775  ARG A NH2 1 
ATOM   369 N N   . VAL A 1 54 ? 1.915   8.571   1.008   1.00 10.08 ? 776  VAL A N   1 
ATOM   370 C CA  . VAL A 1 54 ? 0.687   8.441   1.775   1.00 10.03 ? 776  VAL A CA  1 
ATOM   371 C C   . VAL A 1 54 ? -0.477  8.638   0.830   1.00 9.97  ? 776  VAL A C   1 
ATOM   372 O O   . VAL A 1 54 ? -0.455  9.552   -0.010  1.00 10.53 ? 776  VAL A O   1 
ATOM   373 C CB  . VAL A 1 54 ? 0.627   9.494   2.915   1.00 11.85 ? 776  VAL A CB  1 
ATOM   374 C CG1 . VAL A 1 54 ? -0.699  9.410   3.678   1.00 13.45 ? 776  VAL A CG1 1 
ATOM   375 C CG2 . VAL A 1 54 ? 1.797   9.344   3.840   1.00 15.24 ? 776  VAL A CG2 1 
ATOM   376 N N   . GLY A 1 55 ? -1.507  7.816   0.989   1.00 9.17  ? 777  GLY A N   1 
ATOM   377 C CA  . GLY A 1 55 ? -2.675  7.914   0.153   1.00 10.03 ? 777  GLY A CA  1 
ATOM   378 C C   . GLY A 1 55 ? -2.654  7.064   -1.094  1.00 9.37  ? 777  GLY A C   1 
ATOM   379 O O   . GLY A 1 55 ? -3.673  6.957   -1.791  1.00 10.41 ? 777  GLY A O   1 
ATOM   380 N N   . ASP A 1 56 ? -1.511  6.440   -1.407  1.00 8.68  ? 778  ASP A N   1 
ATOM   381 C CA  . ASP A 1 56 ? -1.444  5.562   -2.563  1.00 8.44  ? 778  ASP A CA  1 
ATOM   382 C C   . ASP A 1 56 ? -2.455  4.437   -2.363  1.00 8.65  ? 778  ASP A C   1 
ATOM   383 O O   . ASP A 1 56 ? -2.566  3.850   -1.275  1.00 9.19  ? 778  ASP A O   1 
ATOM   384 C CB  . ASP A 1 56 ? -0.042  4.960   -2.714  1.00 8.87  ? 778  ASP A CB  1 
ATOM   385 C CG  . ASP A 1 56 ? 0.988   5.927   -3.299  1.00 9.19  ? 778  ASP A CG  1 
ATOM   386 O OD1 . ASP A 1 56 ? 0.615   7.037   -3.776  1.00 9.38  ? 778  ASP A OD1 1 
ATOM   387 O OD2 . ASP A 1 56 ? 2.191   5.544   -3.280  1.00 9.68  ? 778  ASP A OD2 1 
ATOM   388 N N   . LYS A 1 57 ? -3.157  4.089   -3.439  1.00 8.73  ? 779  LYS A N   1 
ATOM   389 C CA  . LYS A 1 57 ? -4.036  2.944   -3.442  1.00 9.69  ? 779  LYS A CA  1 
ATOM   390 C C   . LYS A 1 57 ? -3.217  1.739   -3.860  1.00 10.82 ? 779  LYS A C   1 
ATOM   391 O O   . LYS A 1 57 ? -2.591  1.758   -4.911  1.00 10.75 ? 779  LYS A O   1 
ATOM   392 C CB  . LYS A 1 57 ? -5.170  3.152   -4.432  1.00 11.29 ? 779  LYS A CB  1 
ATOM   393 C CG  . LYS A 1 57 ? -6.171  2.061   -4.316  1.00 16.59 ? 779  LYS A CG  1 
ATOM   394 C CD  . LYS A 1 57 ? -7.390  2.265   -5.103  1.00 22.45 ? 779  LYS A CD  1 
ATOM   395 C CE  . LYS A 1 57 ? -8.404  1.342   -4.493  1.00 24.56 ? 779  LYS A CE  1 
ATOM   396 N NZ  . LYS A 1 57 ? -9.508  1.152   -5.358  1.00 21.97 ? 779  LYS A NZ  1 
ATOM   397 N N   . LEU A 1 58 ? -3.225  0.690   -3.051  1.00 10.45 ? 780  LEU A N   1 
ATOM   398 C CA  . LEU A 1 58 ? -2.406  -0.491  -3.301  1.00 11.58 ? 780  LEU A CA  1 
ATOM   399 C C   . LEU A 1 58 ? -3.140  -1.474  -4.182  1.00 11.54 ? 780  LEU A C   1 
ATOM   400 O O   . LEU A 1 58 ? -4.062  -2.136  -3.738  1.00 13.09 ? 780  LEU A O   1 
ATOM   401 C CB  . LEU A 1 58 ? -1.987  -1.147  -1.981  1.00 12.93 ? 780  LEU A CB  1 
ATOM   402 C CG  . LEU A 1 58 ? -0.930  -2.260  -2.069  1.00 12.57 ? 780  LEU A CG  1 
ATOM   403 C CD1 . LEU A 1 58 ? 0.366   -1.869  -2.781  1.00 14.21 ? 780  LEU A CD1 1 
ATOM   404 C CD2 . LEU A 1 58 ? -0.623  -2.737  -0.657  1.00 14.98 ? 780  LEU A CD2 1 
ATOM   405 N N   . LEU A 1 59 ? -2.716  -1.561  -5.442  1.00 11.53 ? 781  LEU A N   1 
ATOM   406 C CA  . LEU A 1 59 ? -3.346  -2.429  -6.442  1.00 12.23 ? 781  LEU A CA  1 
ATOM   407 C C   . LEU A 1 59 ? -2.777  -3.837  -6.434  1.00 10.88 ? 781  LEU A C   1 
ATOM   408 O O   . LEU A 1 59 ? -3.540  -4.787  -6.629  1.00 14.12 ? 781  LEU A O   1 
ATOM   409 C CB  . LEU A 1 59 ? -3.205  -1.842  -7.847  1.00 12.11 ? 781  LEU A CB  1 
ATOM   410 C CG  . LEU A 1 59 ? -3.733  -0.423  -8.077  1.00 16.44 ? 781  LEU A CG  1 
ATOM   411 C CD1 . LEU A 1 59 ? -3.460  0.027   -9.507  1.00 17.90 ? 781  LEU A CD1 1 
ATOM   412 C CD2 . LEU A 1 59 ? -5.206  -0.305  -7.767  1.00 19.98 ? 781  LEU A CD2 1 
ATOM   413 N N   . GLU A 1 60 ? -1.458  -3.978  -6.296  1.00 13.18 ? 782  GLU A N   1 
ATOM   414 C CA  . GLU A 1 60 ? -0.817  -5.306  -6.294  1.00 12.28 ? 782  GLU A CA  1 
ATOM   415 C C   . GLU A 1 60 ? 0.343   -5.387  -5.351  1.00 14.09 ? 782  GLU A C   1 
ATOM   416 O O   . GLU A 1 60 ? 1.056   -4.415  -5.168  1.00 13.41 ? 782  GLU A O   1 
ATOM   417 C CB  . GLU A 1 60 ? -0.235  -5.707  -7.656  1.00 14.59 ? 782  GLU A CB  1 
ATOM   418 C CG  . GLU A 1 60 ? -1.149  -5.568  -8.841  1.00 14.81 ? 782  GLU A CG  1 
ATOM   419 C CD  . GLU A 1 60 ? -0.463  -5.832  -10.191 1.00 16.98 ? 782  GLU A CD  1 
ATOM   420 O OE1 . GLU A 1 60 ? -1.046  -5.448  -11.222 1.00 21.36 ? 782  GLU A OE1 1 
ATOM   421 O OE2 . GLU A 1 60 ? 0.643   -6.406  -10.228 1.00 19.02 ? 782  GLU A OE2 1 
ATOM   422 N N   . VAL A 1 61 ? 0.579   -6.595  -4.849  1.00 13.62 ? 783  VAL A N   1 
ATOM   423 C CA  . VAL A 1 61 ? 1.777   -6.920  -4.092  1.00 13.38 ? 783  VAL A CA  1 
ATOM   424 C C   . VAL A 1 61 ? 2.426   -8.130  -4.766  1.00 14.53 ? 783  VAL A C   1 
ATOM   425 O O   . VAL A 1 61 ? 1.790   -9.165  -4.900  1.00 14.62 ? 783  VAL A O   1 
ATOM   426 C CB  . VAL A 1 61 ? 1.430   -7.225  -2.602  1.00 13.69 ? 783  VAL A CB  1 
ATOM   427 C CG1 . VAL A 1 61 ? 2.667   -7.692  -1.832  1.00 16.86 ? 783  VAL A CG1 1 
ATOM   428 C CG2 . VAL A 1 61 ? 0.828   -6.010  -1.954  1.00 15.41 ? 783  VAL A CG2 1 
ATOM   429 N N   . ASN A 1 62 ? 3.668   -7.989  -5.214  1.00 14.90 ? 784  ASN A N   1 
ATOM   430 C CA  . ASN A 1 62 ? 4.357   -9.064  -5.950  1.00 15.61 ? 784  ASN A CA  1 
ATOM   431 C C   . ASN A 1 62 ? 3.466   -9.690  -7.025  1.00 16.14 ? 784  ASN A C   1 
ATOM   432 O O   . ASN A 1 62 ? 3.389   -10.922 -7.176  1.00 18.70 ? 784  ASN A O   1 
ATOM   433 C CB  . ASN A 1 62 ? 4.919   -10.108 -4.971  1.00 15.71 ? 784  ASN A CB  1 
ATOM   434 C CG  . ASN A 1 62 ? 6.137   -9.602  -4.207  1.00 14.25 ? 784  ASN A CG  1 
ATOM   435 O OD1 . ASN A 1 62 ? 6.544   -8.458  -4.350  1.00 17.92 ? 784  ASN A OD1 1 
ATOM   436 N ND2 . ASN A 1 62 ? 6.715   -10.464 -3.375  1.00 19.49 ? 784  ASN A ND2 1 
ATOM   437 N N   . GLY A 1 63 ? 2.791   -8.823  -7.775  1.00 16.96 ? 785  GLY A N   1 
ATOM   438 C CA  . GLY A 1 63 ? 1.993   -9.239  -8.907  1.00 17.34 ? 785  GLY A CA  1 
ATOM   439 C C   . GLY A 1 63 ? 0.607   -9.768  -8.603  1.00 17.62 ? 785  GLY A C   1 
ATOM   440 O O   . GLY A 1 63 ? -0.139  -10.122 -9.522  1.00 20.99 ? 785  GLY A O   1 
ATOM   441 N N   . VAL A 1 64 ? 0.235   -9.797  -7.325  1.00 16.04 ? 786  VAL A N   1 
ATOM   442 C CA  . VAL A 1 64 ? -1.084  -10.282 -6.933  1.00 16.69 ? 786  VAL A CA  1 
ATOM   443 C C   . VAL A 1 64 ? -2.050  -9.120  -6.677  1.00 16.02 ? 786  VAL A C   1 
ATOM   444 O O   . VAL A 1 64 ? -1.809  -8.271  -5.813  1.00 16.03 ? 786  VAL A O   1 
ATOM   445 C CB  . VAL A 1 64 ? -1.011  -11.196 -5.687  1.00 17.19 ? 786  VAL A CB  1 
ATOM   446 C CG1 . VAL A 1 64 ? -2.401  -11.696 -5.302  1.00 18.71 ? 786  VAL A CG1 1 
ATOM   447 C CG2 . VAL A 1 64 ? -0.055  -12.380 -5.933  1.00 20.62 ? 786  VAL A CG2 1 
ATOM   448 N N   . ALA A 1 65 ? -3.161  -9.115  -7.406  1.00 14.63 ? 787  ALA A N   1 
ATOM   449 C CA  . ALA A 1 65 ? -4.134  -8.036  -7.335  1.00 16.08 ? 787  ALA A CA  1 
ATOM   450 C C   . ALA A 1 65 ? -4.878  -8.054  -5.999  1.00 16.14 ? 787  ALA A C   1 
ATOM   451 O O   . ALA A 1 65 ? -5.298  -9.110  -5.520  1.00 19.65 ? 787  ALA A O   1 
ATOM   452 C CB  . ALA A 1 65 ? -5.118  -8.138  -8.475  1.00 19.57 ? 787  ALA A CB  1 
ATOM   453 N N   . LEU A 1 66 ? -5.046  -6.879  -5.398  1.00 13.85 ? 788  LEU A N   1 
ATOM   454 C CA  . LEU A 1 66 ? -5.777  -6.749  -4.130  1.00 14.59 ? 788  LEU A CA  1 
ATOM   455 C C   . LEU A 1 66 ? -7.243  -6.332  -4.301  1.00 15.28 ? 788  LEU A C   1 
ATOM   456 O O   . LEU A 1 66 ? -7.944  -6.160  -3.309  1.00 17.07 ? 788  LEU A O   1 
ATOM   457 C CB  . LEU A 1 66 ? -5.049  -5.789  -3.173  1.00 13.82 ? 788  LEU A CB  1 
ATOM   458 C CG  . LEU A 1 66 ? -3.662  -6.231  -2.692  1.00 16.33 ? 788  LEU A CG  1 
ATOM   459 C CD1 . LEU A 1 66 ? -3.058  -5.239  -1.715  1.00 17.64 ? 788  LEU A CD1 1 
ATOM   460 C CD2 . LEU A 1 66 ? -3.694  -7.613  -2.057  1.00 21.88 ? 788  LEU A CD2 1 
ATOM   461 N N   . GLN A 1 67 ? -7.722  -6.192  -5.539  1.00 16.68 ? 789  GLN A N   1 
ATOM   462 C CA  . GLN A 1 67 ? -9.121  -5.828  -5.779  1.00 19.59 ? 789  GLN A CA  1 
ATOM   463 C C   . GLN A 1 67 ? -10.076 -6.780  -5.062  1.00 19.15 ? 789  GLN A C   1 
ATOM   464 O O   . GLN A 1 67 ? -9.984  -7.997  -5.226  1.00 19.74 ? 789  GLN A O   1 
ATOM   465 C CB  . GLN A 1 67 ? -9.444  -5.849  -7.270  1.00 20.88 ? 789  GLN A CB  1 
ATOM   466 C CG  . GLN A 1 67 ? -10.857 -5.396  -7.608  1.00 26.24 ? 789  GLN A CG  1 
ATOM   467 C CD  . GLN A 1 67 ? -11.022 -5.083  -9.073  1.00 34.02 ? 789  GLN A CD  1 
ATOM   468 O OE1 . GLN A 1 67 ? -11.154 -5.986  -9.900  1.00 44.62 ? 789  GLN A OE1 1 
ATOM   469 N NE2 . GLN A 1 67 ? -11.027 -3.799  -9.406  1.00 30.02 ? 789  GLN A NE2 1 
ATOM   470 N N   . GLY A 1 68 ? -10.974 -6.216  -4.255  1.00 19.31 ? 790  GLY A N   1 
ATOM   471 C CA  . GLY A 1 68 ? -11.945 -7.000  -3.501  1.00 21.09 ? 790  GLY A CA  1 
ATOM   472 C C   . GLY A 1 68 ? -11.375 -7.679  -2.260  1.00 19.90 ? 790  GLY A C   1 
ATOM   473 O O   . GLY A 1 68 ? -12.085 -8.411  -1.580  1.00 22.84 ? 790  GLY A O   1 
ATOM   474 N N   . ALA A 1 69 ? -10.099 -7.440  -1.953  1.00 17.90 ? 791  ALA A N   1 
ATOM   475 C CA  . ALA A 1 69 ? -9.430  -8.160  -0.856  1.00 16.16 ? 791  ALA A CA  1 
ATOM   476 C C   . ALA A 1 69 ? -9.882  -7.623  0.494   1.00 16.04 ? 791  ALA A C   1 
ATOM   477 O O   . ALA A 1 69 ? -10.193 -6.447  0.631   1.00 16.83 ? 791  ALA A O   1 
ATOM   478 C CB  . ALA A 1 69 ? -7.915  -8.023  -0.946  1.00 18.87 ? 791  ALA A CB  1 
ATOM   479 N N   . GLU A 1 70 ? -9.928  -8.510  1.482   1.00 14.45 ? 792  GLU A N   1 
ATOM   480 C CA  . GLU A 1 70 ? -10.095 -8.095  2.869   1.00 15.47 ? 792  GLU A CA  1 
ATOM   481 C C   . GLU A 1 70 ? -8.793  -7.559  3.432   1.00 13.70 ? 792  GLU A C   1 
ATOM   482 O O   . GLU A 1 70 ? -7.709  -7.918  2.969   1.00 13.96 ? 792  GLU A O   1 
ATOM   483 C CB  . GLU A 1 70 ? -10.488 -9.278  3.758   1.00 20.05 ? 792  GLU A CB  1 
ATOM   484 C CG  . GLU A 1 70 ? -11.867 -9.882  3.574   1.00 27.99 ? 792  GLU A CG  1 
ATOM   485 C CD  . GLU A 1 70 ? -12.347 -10.675 4.811   1.00 30.60 ? 792  GLU A CD  1 
ATOM   486 O OE1 . GLU A 1 70 ? -11.533 -11.072 5.702   1.00 29.78 ? 792  GLU A OE1 1 
ATOM   487 O OE2 . GLU A 1 70 ? -13.569 -10.890 4.890   1.00 43.89 ? 792  GLU A OE2 1 
ATOM   488 N N   . HIS A 1 71 ? -8.913  -6.745  4.466   1.00 12.66 ? 793  HIS A N   1 
ATOM   489 C CA  . HIS A 1 71 ? -7.757  -6.172  5.138   1.00 11.91 ? 793  HIS A CA  1 
ATOM   490 C C   . HIS A 1 71 ? -6.738  -7.216  5.586   1.00 11.21 ? 793  HIS A C   1 
ATOM   491 O O   . HIS A 1 71 ? -5.538  -7.074  5.359   1.00 12.21 ? 793  HIS A O   1 
ATOM   492 C CB  . HIS A 1 71 ? -8.248  -5.386  6.342   1.00 11.94 ? 793  HIS A CB  1 
ATOM   493 C CG  . HIS A 1 71 ? -7.186  -4.583  7.026   1.00 11.07 ? 793  HIS A CG  1 
ATOM   494 N ND1 . HIS A 1 71 ? -6.885  -3.283  6.680   1.00 12.13 ? 793  HIS A ND1 1 
ATOM   495 C CD2 . HIS A 1 71 ? -6.354  -4.900  8.043   1.00 11.96 ? 793  HIS A CD2 1 
ATOM   496 C CE1 . HIS A 1 71 ? -5.910  -2.836  7.447   1.00 12.71 ? 793  HIS A CE1 1 
ATOM   497 N NE2 . HIS A 1 71 ? -5.564  -3.799  8.280   1.00 13.05 ? 793  HIS A NE2 1 
ATOM   498 N N   . HIS A 1 72 ? -7.230  -8.253  6.242   1.00 13.92 ? 794  HIS A N   1 
ATOM   499 C CA  . HIS A 1 72 ? -6.371  -9.263  6.815   1.00 15.68 ? 794  HIS A CA  1 
ATOM   500 C C   . HIS A 1 72 ? -5.519  -9.973  5.751   1.00 15.79 ? 794  HIS A C   1 
ATOM   501 O O   . HIS A 1 72 ? -4.328  -10.216 5.950   1.00 15.13 ? 794  HIS A O   1 
ATOM   502 C CB  . HIS A 1 72 ? -7.249  -10.246 7.580   1.00 19.57 ? 794  HIS A CB  1 
ATOM   503 C CG  A HIS A 1 72 ? -6.465  -11.254 8.353   0.50 21.95 ? 794  HIS A CG  1 
ATOM   504 C CG  B HIS A 1 72 ? -6.506  -11.262 8.378   0.50 18.88 ? 794  HIS A CG  1 
ATOM   505 N ND1 A HIS A 1 72 ? -6.783  -12.596 8.377   0.50 22.18 ? 794  HIS A ND1 1 
ATOM   506 N ND1 B HIS A 1 72 ? -6.292  -11.120 9.729   0.50 18.10 ? 794  HIS A ND1 1 
ATOM   507 C CD2 A HIS A 1 72 ? -5.337  -11.119 9.091   0.50 23.67 ? 794  HIS A CD2 1 
ATOM   508 C CD2 B HIS A 1 72 ? -5.963  -12.453 8.031   0.50 21.30 ? 794  HIS A CD2 1 
ATOM   509 C CE1 A HIS A 1 72 ? -5.899  -13.237 9.121   0.50 28.61 ? 794  HIS A CE1 1 
ATOM   510 C CE1 B HIS A 1 72 ? -5.645  -12.177 10.183  0.50 16.52 ? 794  HIS A CE1 1 
ATOM   511 N NE2 A HIS A 1 72 ? -5.009  -12.367 9.562   0.50 29.69 ? 794  HIS A NE2 1 
ATOM   512 N NE2 B HIS A 1 72 ? -5.421  -12.996 9.170   0.50 27.87 ? 794  HIS A NE2 1 
ATOM   513 N N   . GLU A 1 73 ? -6.133  -10.272 4.610   1.00 16.48 ? 795  GLU A N   1 
ATOM   514 C CA  . GLU A 1 73 ? -5.424  -10.915 3.506   1.00 16.45 ? 795  GLU A CA  1 
ATOM   515 C C   . GLU A 1 73 ? -4.369  -9.977  2.923   1.00 14.39 ? 795  GLU A C   1 
ATOM   516 O O   . GLU A 1 73 ? -3.289  -10.418 2.550   1.00 15.52 ? 795  GLU A O   1 
ATOM   517 C CB  . GLU A 1 73 ? -6.356  -11.281 2.359   1.00 20.49 ? 795  GLU A CB  1 
ATOM   518 C CG  . GLU A 1 73 ? -7.570  -12.141 2.601   1.00 30.44 ? 795  GLU A CG  1 
ATOM   519 C CD  . GLU A 1 73 ? -8.415  -12.203 1.321   1.00 36.54 ? 795  GLU A CD  1 
ATOM   520 O OE1 . GLU A 1 73 ? -8.060  -12.998 0.424   1.00 46.29 ? 795  GLU A OE1 1 
ATOM   521 O OE2 . GLU A 1 73 ? -9.397  -11.434 1.177   1.00 26.72 ? 795  GLU A OE2 1 
ATOM   522 N N   . ALA A 1 74 ? -4.674  -8.681  2.832   1.00 14.07 ? 796  ALA A N   1 
ATOM   523 C CA  . ALA A 1 74 ? -3.672  -7.721  2.346   1.00 13.72 ? 796  ALA A CA  1 
ATOM   524 C C   . ALA A 1 74 ? -2.474  -7.646  3.300   1.00 11.08 ? 796  ALA A C   1 
ATOM   525 O O   . ALA A 1 74 ? -1.323  -7.589  2.864   1.00 12.49 ? 796  ALA A O   1 
ATOM   526 C CB  . ALA A 1 74 ? -4.291  -6.344  2.153   1.00 14.94 ? 796  ALA A CB  1 
ATOM   527 N N   . VAL A 1 75 ? -2.738  -7.623  4.603   1.00 11.49 ? 797  VAL A N   1 
ATOM   528 C CA  . VAL A 1 75 ? -1.655  -7.616  5.577   1.00 12.15 ? 797  VAL A CA  1 
ATOM   529 C C   . VAL A 1 75 ? -0.763  -8.856  5.426   1.00 12.56 ? 797  VAL A C   1 
ATOM   530 O O   . VAL A 1 75 ? 0.470   -8.762  5.422   1.00 14.05 ? 797  VAL A O   1 
ATOM   531 C CB  . VAL A 1 75 ? -2.205  -7.491  7.022   1.00 13.49 ? 797  VAL A CB  1 
ATOM   532 C CG1 . VAL A 1 75 ? -1.116  -7.698  8.066   1.00 14.02 ? 797  VAL A CG1 1 
ATOM   533 C CG2 . VAL A 1 75 ? -2.832  -6.129  7.224   1.00 13.26 ? 797  VAL A CG2 1 
ATOM   534 N N   . GLU A 1 76 ? -1.392  -10.018 5.281   1.00 15.02 ? 798  GLU A N   1 
ATOM   535 C CA  . GLU A 1 76 ? -0.659  -11.263 5.100   1.00 17.56 ? 798  GLU A CA  1 
ATOM   536 C C   . GLU A 1 76 ? 0.219   -11.239 3.848   1.00 14.58 ? 798  GLU A C   1 
ATOM   537 O O   . GLU A 1 76 ? 1.353   -11.705 3.860   1.00 16.13 ? 798  GLU A O   1 
ATOM   538 C CB  . GLU A 1 76 ? -1.638  -12.440 5.042   1.00 19.64 ? 798  GLU A CB  1 
ATOM   539 C CG  . GLU A 1 76 ? -2.324  -12.751 6.376   1.00 26.49 ? 798  GLU A CG  1 
ATOM   540 C CD  . GLU A 1 76 ? -3.416  -13.810 6.259   1.00 39.20 ? 798  GLU A CD  1 
ATOM   541 O OE1 . GLU A 1 76 ? -4.043  -13.934 5.179   1.00 40.57 ? 798  GLU A OE1 1 
ATOM   542 O OE2 . GLU A 1 76 ? -3.656  -14.513 7.265   1.00 47.54 ? 798  GLU A OE2 1 
ATOM   543 N N   . ALA A 1 77 ? -0.317  -10.708 2.762   1.00 14.40 ? 799  ALA A N   1 
ATOM   544 C CA  . ALA A 1 77 ? 0.444   -10.603 1.535   1.00 14.53 ? 799  ALA A CA  1 
ATOM   545 C C   . ALA A 1 77 ? 1.707   -9.770  1.722   1.00 14.33 ? 799  ALA A C   1 
ATOM   546 O O   . ALA A 1 77 ? 2.781   -10.158 1.277   1.00 15.68 ? 799  ALA A O   1 
ATOM   547 C CB  . ALA A 1 77 ? -0.414  -10.051 0.424   1.00 16.13 ? 799  ALA A CB  1 
ATOM   548 N N   . LEU A 1 78 ? 1.593   -8.639  2.407   1.00 13.73 ? 800  LEU A N   1 
ATOM   549 C CA  . LEU A 1 78 ? 2.744   -7.795  2.658   1.00 12.81 ? 800  LEU A CA  1 
ATOM   550 C C   . LEU A 1 78 ? 3.740   -8.456  3.605   1.00 13.88 ? 800  LEU A C   1 
ATOM   551 O O   . LEU A 1 78 ? 4.955   -8.404  3.365   1.00 15.37 ? 800  LEU A O   1 
ATOM   552 C CB  . LEU A 1 78 ? 2.309   -6.427  3.180   1.00 13.45 ? 800  LEU A CB  1 
ATOM   553 C CG  . LEU A 1 78 ? 1.610   -5.585  2.101   1.00 11.94 ? 800  LEU A CG  1 
ATOM   554 C CD1 . LEU A 1 78 ? 0.647   -4.575  2.712   1.00 14.91 ? 800  LEU A CD1 1 
ATOM   555 C CD2 . LEU A 1 78 ? 2.660   -4.894  1.198   1.00 15.00 ? 800  LEU A CD2 1 
ATOM   556 N N   . ARG A 1 79 ? 3.242   -9.082  4.670   1.00 14.05 ? 801  ARG A N   1 
ATOM   557 C CA  . ARG A 1 79 ? 4.127   -9.766  5.603   1.00 16.27 ? 801  ARG A CA  1 
ATOM   558 C C   . ARG A 1 79 ? 4.875   -10.938 4.943   1.00 17.11 ? 801  ARG A C   1 
ATOM   559 O O   . ARG A 1 79 ? 6.004   -11.239 5.322   1.00 18.38 ? 801  ARG A O   1 
ATOM   560 C CB  . ARG A 1 79 ? 3.376   -10.249 6.847   1.00 18.53 ? 801  ARG A CB  1 
ATOM   561 C CG  . ARG A 1 79 ? 2.835   -9.131  7.726   1.00 20.65 ? 801  ARG A CG  1 
ATOM   562 C CD  . ARG A 1 79 ? 2.586   -9.612  9.152   1.00 19.70 ? 801  ARG A CD  1 
ATOM   563 N NE  . ARG A 1 79 ? 1.723   -8.712  9.912   1.00 21.91 ? 801  ARG A NE  1 
ATOM   564 C CZ  . ARG A 1 79 ? 2.089   -7.539  10.423  1.00 25.08 ? 801  ARG A CZ  1 
ATOM   565 N NH1 . ARG A 1 79 ? 3.325   -7.068  10.261  1.00 26.02 ? 801  ARG A NH1 1 
ATOM   566 N NH2 . ARG A 1 79 ? 1.198   -6.819  11.097  1.00 25.53 ? 801  ARG A NH2 1 
ATOM   567 N N   . GLY A 1 80 ? 4.244   -11.582 3.962   1.00 15.26 ? 802  GLY A N   1 
ATOM   568 C CA  . GLY A 1 80 ? 4.816   -12.761 3.290   1.00 16.29 ? 802  GLY A CA  1 
ATOM   569 C C   . GLY A 1 80 ? 5.531   -12.471 1.981   1.00 17.22 ? 802  GLY A C   1 
ATOM   570 O O   . GLY A 1 80 ? 5.932   -13.401 1.286   1.00 19.13 ? 802  GLY A O   1 
ATOM   571 N N   . ALA A 1 81 ? 5.734   -11.191 1.655   1.00 16.49 ? 803  ALA A N   1 
ATOM   572 C CA  . ALA A 1 81 ? 6.236   -10.771 0.343   1.00 16.59 ? 803  ALA A CA  1 
ATOM   573 C C   . ALA A 1 81 ? 7.758   -10.844 0.151   1.00 18.39 ? 803  ALA A C   1 
ATOM   574 O O   . ALA A 1 81 ? 8.252   -10.583 -0.945  1.00 19.02 ? 803  ALA A O   1 
ATOM   575 C CB  . ALA A 1 81 ? 5.741   -9.343  0.044   1.00 16.47 ? 803  ALA A CB  1 
ATOM   576 N N   . GLY A 1 82 ? 8.495   -11.192 1.197   1.00 17.70 ? 804  GLY A N   1 
ATOM   577 C CA  . GLY A 1 82 ? 9.950   -11.364 1.082   1.00 18.82 ? 804  GLY A CA  1 
ATOM   578 C C   . GLY A 1 82 ? 10.767  -10.121 1.379   1.00 18.21 ? 804  GLY A C   1 
ATOM   579 O O   . GLY A 1 82 ? 10.227  -9.110  1.850   1.00 18.72 ? 804  GLY A O   1 
ATOM   580 N N   . THR A 1 83 ? 12.067  -10.179 1.089   1.00 20.30 ? 805  THR A N   1 
ATOM   581 C CA  . THR A 1 83 ? 12.978  -9.102  1.499   1.00 20.18 ? 805  THR A CA  1 
ATOM   582 C C   . THR A 1 83 ? 12.950  -7.905  0.553   1.00 17.05 ? 805  THR A C   1 
ATOM   583 O O   . THR A 1 83 ? 13.384  -6.812  0.934   1.00 20.59 ? 805  THR A O   1 
ATOM   584 C CB  . THR A 1 83 ? 14.426  -9.594  1.675   1.00 23.54 ? 805  THR A CB  1 
ATOM   585 O OG1 . THR A 1 83 ? 14.907  -10.142 0.443   1.00 28.91 ? 805  THR A OG1 1 
ATOM   586 C CG2 . THR A 1 83 ? 14.501  -10.645 2.794   1.00 28.62 ? 805  THR A CG2 1 
ATOM   587 N N   . ALA A 1 84 ? 12.452  -8.110  -0.663  1.00 16.94 ? 806  ALA A N   1 
ATOM   588 C CA  . ALA A 1 84 ? 12.199  -7.007  -1.577  1.00 16.72 ? 806  ALA A CA  1 
ATOM   589 C C   . ALA A 1 84 ? 10.753  -7.151  -2.026  1.00 17.13 ? 806  ALA A C   1 
ATOM   590 O O   . ALA A 1 84 ? 10.339  -8.218  -2.478  1.00 18.53 ? 806  ALA A O   1 
ATOM   591 C CB  . ALA A 1 84 ? 13.143  -7.055  -2.778  1.00 19.30 ? 806  ALA A CB  1 
ATOM   592 N N   . VAL A 1 85 ? 9.983   -6.075  -1.925  1.00 17.14 ? 807  VAL A N   1 
ATOM   593 C CA  . VAL A 1 85 ? 8.534   -6.152  -2.166  1.00 17.15 ? 807  VAL A CA  1 
ATOM   594 C C   . VAL A 1 85 ? 8.149   -5.212  -3.308  1.00 15.22 ? 807  VAL A C   1 
ATOM   595 O O   . VAL A 1 85 ? 8.351   -4.002  -3.201  1.00 16.98 ? 807  VAL A O   1 
ATOM   596 C CB  . VAL A 1 85 ? 7.750   -5.830  -0.880  1.00 15.99 ? 807  VAL A CB  1 
ATOM   597 C CG1 . VAL A 1 85 ? 6.250   -5.942  -1.123  1.00 17.44 ? 807  VAL A CG1 1 
ATOM   598 C CG2 . VAL A 1 85 ? 8.198   -6.776  0.249   1.00 19.56 ? 807  VAL A CG2 1 
ATOM   599 N N   . GLN A 1 86 ? 7.626   -5.778  -4.400  1.00 13.45 ? 808  GLN A N   1 
ATOM   600 C CA  . GLN A 1 86 ? 7.110   -4.994  -5.523  1.00 14.70 ? 808  GLN A CA  1 
ATOM   601 C C   . GLN A 1 86 ? 5.673   -4.559  -5.241  1.00 13.34 ? 808  GLN A C   1 
ATOM   602 O O   . GLN A 1 86 ? 4.769   -5.394  -5.083  1.00 14.71 ? 808  GLN A O   1 
ATOM   603 C CB  . GLN A 1 86 ? 7.130   -5.798  -6.817  1.00 16.97 ? 808  GLN A CB  1 
ATOM   604 C CG  . GLN A 1 86 ? 6.831   -4.973  -8.051  1.00 16.58 ? 808  GLN A CG  1 
ATOM   605 C CD  . GLN A 1 86 ? 6.616   -5.824  -9.263  1.00 16.49 ? 808  GLN A CD  1 
ATOM   606 O OE1 . GLN A 1 86 ? 5.598   -6.514  -9.368  1.00 17.35 ? 808  GLN A OE1 1 
ATOM   607 N NE2 . GLN A 1 86 ? 7.577   -5.819  -10.173 1.00 16.77 ? 808  GLN A NE2 1 
ATOM   608 N N   . MET A 1 87 ? 5.451   -3.253  -5.251  1.00 13.06 ? 809  MET A N   1 
ATOM   609 C CA  . MET A 1 87 ? 4.122   -2.669  -5.020  1.00 14.02 ? 809  MET A CA  1 
ATOM   610 C C   . MET A 1 87 ? 3.659   -1.931  -6.262  1.00 13.08 ? 809  MET A C   1 
ATOM   611 O O   . MET A 1 87 ? 4.380   -1.083  -6.753  1.00 15.78 ? 809  MET A O   1 
ATOM   612 C CB  . MET A 1 87 ? 4.178   -1.660  -3.870  1.00 15.81 ? 809  MET A CB  1 
ATOM   613 C CG  A MET A 1 87 ? 4.732   -2.258  -2.567  0.50 18.65 ? 809  MET A CG  1 
ATOM   614 C CG  B MET A 1 87 ? 4.970   -2.073  -2.657  0.50 25.36 ? 809  MET A CG  1 
ATOM   615 S SD  A MET A 1 87 ? 4.430   -1.277  -1.079  0.50 15.89 ? 809  MET A SD  1 
ATOM   616 S SD  B MET A 1 87 ? 3.972   -2.855  -1.431  0.50 23.56 ? 809  MET A SD  1 
ATOM   617 C CE  A MET A 1 87 ? 2.978   -0.374  -1.582  0.50 19.58 ? 809  MET A CE  1 
ATOM   618 C CE  B MET A 1 87 ? 3.146   -1.457  -0.688  0.50 14.29 ? 809  MET A CE  1 
ATOM   619 N N   . ARG A 1 88 ? 2.462   -2.235  -6.756  1.00 11.55 ? 810  ARG A N   1 
ATOM   620 C CA  . ARG A 1 88 ? 1.828   -1.455  -7.797  1.00 11.22 ? 810  ARG A CA  1 
ATOM   621 C C   . ARG A 1 88 ? 0.716   -0.615  -7.177  1.00 10.97 ? 810  ARG A C   1 
ATOM   622 O O   . ARG A 1 88 ? -0.168  -1.156  -6.478  1.00 10.72 ? 810  ARG A O   1 
ATOM   623 C CB  . ARG A 1 88 ? 1.344   -2.340  -8.942  1.00 13.30 ? 810  ARG A CB  1 
ATOM   624 C CG  . ARG A 1 88 ? 2.523   -3.054  -9.628  1.00 16.96 ? 810  ARG A CG  1 
ATOM   625 C CD  . ARG A 1 88 ? 2.254   -3.441  -11.077 1.00 17.67 ? 810  ARG A CD  1 
ATOM   626 N NE  . ARG A 1 88 ? 3.498   -3.833  -11.771 1.00 18.83 ? 810  ARG A NE  1 
ATOM   627 C CZ  . ARG A 1 88 ? 3.925   -5.082  -11.973 1.00 17.50 ? 810  ARG A CZ  1 
ATOM   628 N NH1 . ARG A 1 88 ? 3.211   -6.137  -11.591 1.00 18.88 ? 810  ARG A NH1 1 
ATOM   629 N NH2 . ARG A 1 88 ? 5.088   -5.281  -12.595 1.00 16.55 ? 810  ARG A NH2 1 
ATOM   630 N N   . VAL A 1 89 ? 0.783   0.700   -7.411  1.00 11.63 ? 811  VAL A N   1 
ATOM   631 C CA  . VAL A 1 89 ? -0.126  1.661   -6.775  1.00 11.10 ? 811  VAL A CA  1 
ATOM   632 C C   . VAL A 1 89 ? -0.840  2.543   -7.791  1.00 12.11 ? 811  VAL A C   1 
ATOM   633 O O   . VAL A 1 89 ? -0.357  2.722   -8.900  1.00 12.98 ? 811  VAL A O   1 
ATOM   634 C CB  . VAL A 1 89 ? 0.595   2.546   -5.733  1.00 11.68 ? 811  VAL A CB  1 
ATOM   635 C CG1 . VAL A 1 89 ? 1.252   1.690   -4.656  1.00 12.79 ? 811  VAL A CG1 1 
ATOM   636 C CG2 . VAL A 1 89 ? 1.634   3.451   -6.378  1.00 14.83 ? 811  VAL A CG2 1 
ATOM   637 N N   . TRP A 1 90 ? -1.991  3.097   -7.387  1.00 11.32 ? 812  TRP A N   1 
ATOM   638 C CA  . TRP A 1 90 ? -2.697  4.174   -8.093  1.00 11.54 ? 812  TRP A CA  1 
ATOM   639 C C   . TRP A 1 90 ? -2.557  5.404   -7.199  1.00 10.00 ? 812  TRP A C   1 
ATOM   640 O O   . TRP A 1 90 ? -2.943  5.397   -6.027  1.00 11.42 ? 812  TRP A O   1 
ATOM   641 C CB  . TRP A 1 90 ? -4.197  3.842   -8.337  1.00 14.69 ? 812  TRP A CB  1 
ATOM   642 C CG  . TRP A 1 90 ? -5.012  5.016   -8.933  1.00 17.53 ? 812  TRP A CG  1 
ATOM   643 C CD1 . TRP A 1 90 ? -5.568  6.079   -8.250  1.00 17.49 ? 812  TRP A CD1 1 
ATOM   644 C CD2 . TRP A 1 90 ? -5.335  5.228   -10.308 1.00 19.86 ? 812  TRP A CD2 1 
ATOM   645 N NE1 . TRP A 1 90 ? -6.199  6.928   -9.114  1.00 21.25 ? 812  TRP A NE1 1 
ATOM   646 C CE2 . TRP A 1 90 ? -6.077  6.432   -10.383 1.00 16.71 ? 812  TRP A CE2 1 
ATOM   647 C CE3 . TRP A 1 90 ? -5.073  4.521   -11.487 1.00 22.39 ? 812  TRP A CE3 1 
ATOM   648 C CZ2 . TRP A 1 90 ? -6.558  6.939   -11.584 1.00 22.48 ? 812  TRP A CZ2 1 
ATOM   649 C CZ3 . TRP A 1 90 ? -5.559  5.032   -12.694 1.00 21.16 ? 812  TRP A CZ3 1 
ATOM   650 C CH2 . TRP A 1 90 ? -6.285  6.230   -12.726 1.00 22.03 ? 812  TRP A CH2 1 
ATOM   651 N N   . ARG A 1 91 ? -2.015  6.464   -7.783  1.00 9.60  ? 813  ARG A N   1 
ATOM   652 C CA  . ARG A 1 91 ? -1.756  7.704   -7.088  1.00 10.26 ? 813  ARG A CA  1 
ATOM   653 C C   . ARG A 1 91 ? -2.482  8.869   -7.765  1.00 11.29 ? 813  ARG A C   1 
ATOM   654 O O   . ARG A 1 91 ? -2.257  9.162   -8.935  1.00 12.24 ? 813  ARG A O   1 
ATOM   655 C CB  . ARG A 1 91 ? -0.261  7.987   -7.100  1.00 9.72  ? 813  ARG A CB  1 
ATOM   656 C CG  . ARG A 1 91 ? 0.125   9.289   -6.424  1.00 9.90  ? 813  ARG A CG  1 
ATOM   657 C CD  . ARG A 1 91 ? 1.624   9.477   -6.367  1.00 10.96 ? 813  ARG A CD  1 
ATOM   658 N NE  . ARG A 1 91 ? 2.242   8.387   -5.612  1.00 9.65  ? 813  ARG A NE  1 
ATOM   659 C CZ  . ARG A 1 91 ? 3.533   8.090   -5.633  1.00 10.74 ? 813  ARG A CZ  1 
ATOM   660 N NH1 . ARG A 1 91 ? 4.390   8.805   -6.342  1.00 12.32 ? 813  ARG A NH1 1 
ATOM   661 N NH2 . ARG A 1 91 ? 3.956   7.041   -4.954  1.00 10.97 ? 813  ARG A NH2 1 
ATOM   662 N N   . GLU A 1 92 ? -3.338  9.545   -7.012  1.00 13.65 ? 814  GLU A N   1 
ATOM   663 C CA  . GLU A 1 92 ? -4.019  10.760  -7.494  1.00 15.34 ? 814  GLU A CA  1 
ATOM   664 C C   . GLU A 1 92 ? -3.049  11.902  -7.627  1.00 14.54 ? 814  GLU A C   1 
ATOM   665 O O   . GLU A 1 92 ? -2.323  12.185  -6.699  1.00 17.82 ? 814  GLU A O   1 
ATOM   666 C CB  . GLU A 1 92 ? -5.087  11.256  -6.510  1.00 18.65 ? 814  GLU A CB  1 
ATOM   667 C CG  . GLU A 1 92 ? -6.264  10.412  -6.352  1.00 22.10 ? 814  GLU A CG  1 
ATOM   668 C CD  . GLU A 1 92 ? -7.434  11.229  -5.800  1.00 19.32 ? 814  GLU A CD  1 
ATOM   669 O OE1 . GLU A 1 92 ? -8.485  11.317  -6.469  1.00 25.40 ? 814  GLU A OE1 1 
ATOM   670 O OE2 . GLU A 1 92 ? -7.317  11.795  -4.697  1.00 16.39 ? 814  GLU A OE2 1 
ATOM   671 N N   . ARG A 1 93 ? -3.089  12.617  -8.748  1.00 16.96 ? 815  ARG A N   1 
ATOM   672 C CA  . ARG A 1 93 ? -2.248  13.803  -8.903  1.00 17.67 ? 815  ARG A CA  1 
ATOM   673 C C   . ARG A 1 93 ? -2.800  14.961  -8.069  1.00 15.63 ? 815  ARG A C   1 
ATOM   674 O O   . ARG A 1 93 ? -2.064  15.838  -7.650  1.00 17.63 ? 815  ARG A O   1 
ATOM   675 C CB  . ARG A 1 93 ? -2.148  14.229  -10.370 1.00 21.33 ? 815  ARG A CB  1 
ATOM   676 C CG  . ARG A 1 93 ? -1.430  13.217  -11.264 1.00 31.21 ? 815  ARG A CG  1 
ATOM   677 C CD  . ARG A 1 93 ? -1.013  13.844  -12.590 1.00 45.93 ? 815  ARG A CD  1 
ATOM   678 N NE  . ARG A 1 93 ? -2.150  14.063  -13.485 1.00 58.29 ? 815  ARG A NE  1 
ATOM   679 C CZ  . ARG A 1 93 ? -2.632  13.169  -14.351 1.00 67.56 ? 815  ARG A CZ  1 
ATOM   680 N NH1 . ARG A 1 93 ? -2.091  11.957  -14.463 1.00 71.71 ? 815  ARG A NH1 1 
ATOM   681 N NH2 . ARG A 1 93 ? -3.670  13.489  -15.117 1.00 70.79 ? 815  ARG A NH2 1 
ATOM   682 N N   . GLU A 1 94 ? -4.102  14.937  -7.835  1.00 12.41 ? 816  GLU A N   1 
ATOM   683 C CA  . GLU A 1 94 ? -4.807  16.002  -7.136  1.00 11.28 ? 816  GLU A CA  1 
ATOM   684 C C   . GLU A 1 94 ? -6.171  15.445  -6.785  1.00 11.29 ? 816  GLU A C   1 
ATOM   685 O O   . GLU A 1 94 ? -6.597  14.434  -7.364  1.00 13.94 ? 816  GLU A O   1 
ATOM   686 C CB  . GLU A 1 94 ? -4.951  17.253  -8.011  1.00 11.28 ? 816  GLU A CB  1 
ATOM   687 C CG  . GLU A 1 94 ? -5.756  17.005  -9.281  1.00 14.09 ? 816  GLU A CG  1 
ATOM   688 C CD  . GLU A 1 94 ? -5.731  18.148  -10.299 1.00 16.84 ? 816  GLU A CD  1 
ATOM   689 O OE1 . GLU A 1 94 ? -6.280  17.984  -11.415 1.00 21.53 ? 816  GLU A OE1 1 
ATOM   690 O OE2 . GLU A 1 94 ? -5.201  19.216  -10.008 1.00 15.98 ? 816  GLU A OE2 1 
ATOM   691 N N   . THR A 1 95 ? -6.856  16.087  -5.844  1.00 10.21 ? 817  THR A N   1 
ATOM   692 C CA  . THR A 1 95 ? -8.147  15.608  -5.385  1.00 10.52 ? 817  THR A CA  1 
ATOM   693 C C   . THR A 1 95 ? -9.199  16.678  -5.585  1.00 9.67  ? 817  THR A C   1 
ATOM   694 O O   . THR A 1 95 ? -9.071  17.781  -5.066  1.00 10.35 ? 817  THR A O   1 
ATOM   695 C CB  . THR A 1 95 ? -8.096  15.209  -3.920  1.00 12.21 ? 817  THR A CB  1 
ATOM   696 O OG1 . THR A 1 95 ? -7.039  14.255  -3.724  1.00 13.28 ? 817  THR A OG1 1 
ATOM   697 C CG2 . THR A 1 95 ? -9.443  14.645  -3.452  1.00 13.18 ? 817  THR A CG2 1 
ATOM   698 N N   . SER A 1 96 ? -10.230 16.330  -6.346  1.00 11.05 ? 818  SER A N   1 
ATOM   699 C CA  . SER A 1 96 ? -11.341 17.190  -6.612  1.00 12.62 ? 818  SER A CA  1 
ATOM   700 C C   . SER A 1 96 ? -12.269 17.274  -5.404  1.00 13.50 ? 818  SER A C   1 
ATOM   701 O O   . SER A 1 96 ? -12.684 16.243  -4.870  1.00 15.64 ? 818  SER A O   1 
ATOM   702 C CB  . SER A 1 96 ? -12.103 16.609  -7.812  1.00 15.95 ? 818  SER A CB  1 
ATOM   703 O OG  . SER A 1 96 ? -13.266 17.332  -8.118  1.00 19.35 ? 818  SER A OG  1 
ATOM   704 N N   . VAL A 1 97 ? -12.598 18.500  -4.992  1.00 14.75 ? 819  VAL A N   1 
ATOM   705 C CA  . VAL A 1 97 ? -13.574 18.767  -3.938  1.00 18.03 ? 819  VAL A CA  1 
ATOM   706 C C   . VAL A 1 97 ? -14.543 19.887  -4.343  1.00 20.00 ? 819  VAL A C   1 
ATOM   707 O O   . VAL A 1 97 ? -14.420 20.577  -5.373  1.00 18.86 ? 819  VAL A O   1 
ATOM   708 C CB  . VAL A 1 97 ? -12.893 19.161  -2.605  1.00 17.09 ? 819  VAL A CB  1 
ATOM   709 C CG1 . VAL A 1 97 ? -11.989 18.042  -2.116  1.00 18.53 ? 819  VAL A CG1 1 
ATOM   710 C CG2 . VAL A 1 97 ? -12.105 20.458  -2.761  1.00 20.49 ? 819  VAL A CG2 1 
ATOM   711 O OXT . VAL A 1 97 ? -15.519 20.135  -3.620  1.00 23.11 ? 819  VAL A OXT 1 
HETATM 712 C C1  . EDO B 2 .  ? -0.318  15.387  -4.043  1.00 27.57 ? 1820 EDO A C1  1 
HETATM 713 O O1  . EDO B 2 .  ? -1.731  15.552  -3.954  1.00 21.88 ? 1820 EDO A O1  1 
HETATM 714 C C2  . EDO B 2 .  ? 0.176   16.261  -5.183  1.00 36.34 ? 1820 EDO A C2  1 
HETATM 715 O O2  . EDO B 2 .  ? 1.067   15.514  -5.994  1.00 39.51 ? 1820 EDO A O2  1 
HETATM 716 C C1  . EDO C 2 .  ? -8.536  -7.294  9.458   1.00 26.57 ? 1821 EDO A C1  1 
HETATM 717 O O1  . EDO C 2 .  ? -9.398  -8.411  9.681   1.00 28.39 ? 1821 EDO A O1  1 
HETATM 718 C C2  . EDO C 2 .  ? -7.587  -7.082  10.625  1.00 21.05 ? 1821 EDO A C2  1 
HETATM 719 O O2  . EDO C 2 .  ? -6.949  -8.323  10.934  1.00 39.30 ? 1821 EDO A O2  1 
HETATM 720 C C1  . EDO D 2 .  ? -6.763  -2.638  -4.546  1.00 25.68 ? 1822 EDO A C1  1 
HETATM 721 O O1  . EDO D 2 .  ? -6.732  -2.036  -3.219  1.00 24.97 ? 1822 EDO A O1  1 
HETATM 722 C C2  . EDO D 2 .  ? -8.066  -2.403  -5.319  1.00 32.04 ? 1822 EDO A C2  1 
HETATM 723 O O2  . EDO D 2 .  ? -7.921  -2.600  -6.738  1.00 32.49 ? 1822 EDO A O2  1 
HETATM 724 O O   . HOH E 3 .  ? 10.606  1.967   8.690   1.00 37.17 ? 2001 HOH A O   1 
HETATM 725 O O   . HOH E 3 .  ? -0.609  -12.907 -2.142  1.00 24.07 ? 2002 HOH A O   1 
HETATM 726 O O   . HOH E 3 .  ? -5.479  -13.864 -5.102  1.00 36.70 ? 2003 HOH A O   1 
HETATM 727 O O   . HOH E 3 .  ? -0.593  -13.747 0.404   1.00 34.65 ? 2004 HOH A O   1 
HETATM 728 O O   . HOH E 3 .  ? -3.609  -11.995 -1.414  1.00 40.59 ? 2005 HOH A O   1 
HETATM 729 O O   . HOH E 3 .  ? 1.495   12.347  -8.434  1.00 17.79 ? 2006 HOH A O   1 
HETATM 730 O O   . HOH E 3 .  ? 2.173   14.703  -9.615  1.00 29.50 ? 2007 HOH A O   1 
HETATM 731 O O   . HOH E 3 .  ? -5.030  12.130  -10.745 1.00 32.95 ? 2008 HOH A O   1 
HETATM 732 O O   . HOH E 3 .  ? -7.466  9.446   -10.224 1.00 35.24 ? 2009 HOH A O   1 
HETATM 733 O O   . HOH E 3 .  ? -1.157  -0.940  -12.179 1.00 30.07 ? 2010 HOH A O   1 
HETATM 734 O O   . HOH E 3 .  ? 6.302   2.759   -12.568 1.00 21.52 ? 2011 HOH A O   1 
HETATM 735 O O   . HOH E 3 .  ? 10.110  -4.842  -9.085  1.00 20.74 ? 2012 HOH A O   1 
HETATM 736 O O   . HOH E 3 .  ? 11.160  -0.725  -8.979  1.00 32.13 ? 2013 HOH A O   1 
HETATM 737 O O   . HOH E 3 .  ? 13.343  1.219   -6.229  1.00 40.92 ? 2014 HOH A O   1 
HETATM 738 O O   . HOH E 3 .  ? 15.614  -0.224  3.075   1.00 34.12 ? 2015 HOH A O   1 
HETATM 739 O O   . HOH E 3 .  ? 9.629   -7.263  8.518   1.00 29.48 ? 2016 HOH A O   1 
HETATM 740 O O   . HOH E 3 .  ? 5.738   -6.791  6.748   1.00 23.46 ? 2017 HOH A O   1 
HETATM 741 O O   . HOH E 3 .  ? 10.893  -11.244 4.811   1.00 24.84 ? 2018 HOH A O   1 
HETATM 742 O O   . HOH E 3 .  ? 8.262   -0.548  9.493   1.00 32.48 ? 2019 HOH A O   1 
HETATM 743 O O   . HOH E 3 .  ? 6.552   -4.394  11.010  1.00 40.51 ? 2020 HOH A O   1 
HETATM 744 O O   . HOH E 3 .  ? 11.772  -0.469  8.581   1.00 35.79 ? 2021 HOH A O   1 
HETATM 745 O O   . HOH E 3 .  ? 0.367   1.805   12.159  1.00 23.44 ? 2022 HOH A O   1 
HETATM 746 O O   . HOH E 3 .  ? -17.972 -5.483  7.954   1.00 25.76 ? 2023 HOH A O   1 
HETATM 747 O O   . HOH E 3 .  ? -16.168 -2.696  2.755   1.00 32.98 ? 2024 HOH A O   1 
HETATM 748 O O   . HOH E 3 .  ? -13.785 -0.545  3.410   1.00 24.56 ? 2025 HOH A O   1 
HETATM 749 O O   . HOH E 3 .  ? -11.373 -6.495  5.940   1.00 16.65 ? 2026 HOH A O   1 
HETATM 750 O O   . HOH E 3 .  ? -10.070 -4.801  9.365   1.00 22.61 ? 2027 HOH A O   1 
HETATM 751 O O   . HOH E 3 .  ? -11.978 -1.598  10.427  1.00 15.01 ? 2028 HOH A O   1 
HETATM 752 O O   . HOH E 3 .  ? -14.279 5.702   6.858   1.00 29.73 ? 2029 HOH A O   1 
HETATM 753 O O   . HOH E 3 .  ? -9.012  7.529   6.996   1.00 29.66 ? 2030 HOH A O   1 
HETATM 754 O O   . HOH E 3 .  ? -3.472  8.780   5.909   1.00 16.19 ? 2031 HOH A O   1 
HETATM 755 O O   . HOH E 3 .  ? -7.868  6.791   -5.287  1.00 10.58 ? 2032 HOH A O   1 
HETATM 756 O O   . HOH E 3 .  ? -16.069 2.470   -4.750  1.00 19.85 ? 2033 HOH A O   1 
HETATM 757 O O   . HOH E 3 .  ? -11.953 -0.792  -4.249  1.00 27.40 ? 2034 HOH A O   1 
HETATM 758 O O   . HOH E 3 .  ? -16.633 2.184   -0.531  1.00 36.16 ? 2035 HOH A O   1 
HETATM 759 O O   . HOH E 3 .  ? -15.553 0.360   -2.987  1.00 24.97 ? 2036 HOH A O   1 
HETATM 760 O O   . HOH E 3 .  ? -10.749 1.956   1.999   1.00 15.71 ? 2037 HOH A O   1 
HETATM 761 O O   . HOH E 3 .  ? 5.334   7.225   10.719  1.00 28.31 ? 2038 HOH A O   1 
HETATM 762 O O   . HOH E 3 .  ? 4.523   9.142   9.293   1.00 28.18 ? 2039 HOH A O   1 
HETATM 763 O O   . HOH E 3 .  ? 6.116   10.022  5.053   1.00 31.07 ? 2040 HOH A O   1 
HETATM 764 O O   . HOH E 3 .  ? 2.807   8.996   7.092   1.00 17.71 ? 2041 HOH A O   1 
HETATM 765 O O   . HOH E 3 .  ? 8.973   4.195   4.756   1.00 17.22 ? 2042 HOH A O   1 
HETATM 766 O O   . HOH E 3 .  ? 7.186   9.430   9.619   1.00 32.26 ? 2043 HOH A O   1 
HETATM 767 O O   . HOH E 3 .  ? 12.469  9.720   1.968   1.00 38.46 ? 2044 HOH A O   1 
HETATM 768 O O   . HOH E 3 .  ? 13.451  0.607   -0.116  1.00 20.15 ? 2045 HOH A O   1 
HETATM 769 O O   . HOH E 3 .  ? 15.193  7.298   -2.489  1.00 21.53 ? 2046 HOH A O   1 
HETATM 770 O O   . HOH E 3 .  ? 15.766  7.971   3.967   1.00 25.76 ? 2047 HOH A O   1 
HETATM 771 O O   . HOH E 3 .  ? 15.937  1.272   1.272   1.00 29.19 ? 2048 HOH A O   1 
HETATM 772 O O   . HOH E 3 .  ? 14.503  1.858   -2.293  1.00 33.82 ? 2049 HOH A O   1 
HETATM 773 O O   . HOH E 3 .  ? 10.875  1.933   -6.220  1.00 19.19 ? 2050 HOH A O   1 
HETATM 774 O O   . HOH E 3 .  ? 7.200   8.150   -6.256  1.00 23.24 ? 2051 HOH A O   1 
HETATM 775 O O   . HOH E 3 .  ? 7.495   11.403  1.503   1.00 31.59 ? 2052 HOH A O   1 
HETATM 776 O O   . HOH E 3 .  ? 11.606  8.812   -2.541  1.00 26.47 ? 2053 HOH A O   1 
HETATM 777 O O   . HOH E 3 .  ? -0.419  9.298   -2.812  1.00 12.26 ? 2054 HOH A O   1 
HETATM 778 O O   . HOH E 3 .  ? -6.110  -4.751  -7.654  1.00 21.28 ? 2055 HOH A O   1 
HETATM 779 O O   . HOH E 3 .  ? -2.632  -3.266  -11.333 1.00 31.11 ? 2056 HOH A O   1 
HETATM 780 O O   . HOH E 3 .  ? 1.318   -11.050 -2.861  1.00 23.61 ? 2057 HOH A O   1 
HETATM 781 O O   . HOH E 3 .  ? 2.473   -13.228 -8.895  1.00 28.66 ? 2058 HOH A O   1 
HETATM 782 O O   . HOH E 3 .  ? -0.262  -10.909 -12.125 1.00 26.77 ? 2059 HOH A O   1 
HETATM 783 O O   . HOH E 3 .  ? -5.835  -11.581 -6.688  1.00 27.98 ? 2060 HOH A O   1 
HETATM 784 O O   . HOH E 3 .  ? -10.913 -3.248  -3.724  1.00 32.93 ? 2061 HOH A O   1 
HETATM 785 O O   . HOH E 3 .  ? -10.419 -4.307  -0.943  1.00 29.57 ? 2062 HOH A O   1 
HETATM 786 O O   . HOH E 3 .  ? -15.899 -8.923  4.507   1.00 29.45 ? 2063 HOH A O   1 
HETATM 787 O O   . HOH E 3 .  ? -14.580 -12.520 6.464   1.00 26.68 ? 2064 HOH A O   1 
HETATM 788 O O   . HOH E 3 .  ? -3.011  -12.969 1.575   1.00 27.72 ? 2065 HOH A O   1 
HETATM 789 O O   . HOH E 3 .  ? -11.724 -11.420 -0.285  1.00 40.41 ? 2066 HOH A O   1 
HETATM 790 O O   . HOH E 3 .  ? 3.052   -11.982 -0.749  1.00 25.38 ? 2067 HOH A O   1 
HETATM 791 O O   . HOH E 3 .  ? 7.022   -10.602 7.783   1.00 20.51 ? 2068 HOH A O   1 
HETATM 792 O O   . HOH E 3 .  ? 5.816   -8.254  9.157   1.00 25.69 ? 2069 HOH A O   1 
HETATM 793 O O   . HOH E 3 .  ? -1.170  -7.498  12.221  1.00 35.62 ? 2070 HOH A O   1 
HETATM 794 O O   . HOH E 3 .  ? 8.162   -12.116 3.893   1.00 19.93 ? 2071 HOH A O   1 
HETATM 795 O O   . HOH E 3 .  ? 0.455   -12.288 8.384   1.00 37.43 ? 2072 HOH A O   1 
HETATM 796 O O   . HOH E 3 .  ? 9.422   -12.598 -2.682  1.00 37.92 ? 2073 HOH A O   1 
HETATM 797 O O   . HOH E 3 .  ? 12.886  -12.879 0.460   1.00 28.70 ? 2074 HOH A O   1 
HETATM 798 O O   . HOH E 3 .  ? 11.525  -10.530 -2.610  1.00 29.51 ? 2075 HOH A O   1 
HETATM 799 O O   . HOH E 3 .  ? 3.310   -5.968  -7.785  1.00 18.00 ? 2076 HOH A O   1 
HETATM 800 O O   . HOH E 3 .  ? 5.644   -9.286  -9.869  1.00 28.53 ? 2077 HOH A O   1 
HETATM 801 O O   . HOH E 3 .  ? 3.683   -8.649  -12.807 1.00 27.75 ? 2078 HOH A O   1 
HETATM 802 O O   . HOH E 3 .  ? -4.708  7.299   -4.775  1.00 19.80 ? 2079 HOH A O   1 
HETATM 803 O O   . HOH E 3 .  ? 4.066   11.240  -7.933  1.00 20.95 ? 2080 HOH A O   1 
HETATM 804 O O   . HOH E 3 .  ? 0.056   10.577  -9.876  1.00 24.06 ? 2081 HOH A O   1 
HETATM 805 O O   . HOH E 3 .  ? 0.101   12.853  -6.052  1.00 18.08 ? 2082 HOH A O   1 
HETATM 806 O O   . HOH E 3 .  ? -9.043  11.107  -2.600  1.00 23.02 ? 2083 HOH A O   1 
HETATM 807 O O   . HOH E 3 .  ? -10.160 13.440  -6.963  1.00 26.05 ? 2084 HOH A O   1 
HETATM 808 O O   . HOH E 3 .  ? -4.859  11.475  -2.973  1.00 25.66 ? 2085 HOH A O   1 
HETATM 809 O O   . HOH E 3 .  ? -2.990  9.370   -3.972  1.00 16.95 ? 2086 HOH A O   1 
HETATM 810 O O   . HOH E 3 .  ? -0.825  18.760  -9.250  1.00 40.97 ? 2087 HOH A O   1 
HETATM 811 O O   . HOH E 3 .  ? -5.736  19.777  -13.433 1.00 31.43 ? 2088 HOH A O   1 
HETATM 812 O O   . HOH E 3 .  ? -15.585 16.026  -7.644  1.00 23.07 ? 2089 HOH A O   1 
HETATM 813 O O   . HOH E 3 .  ? -14.037 20.011  -8.106  1.00 24.91 ? 2090 HOH A O   1 
HETATM 814 O O   . HOH E 3 .  ? -4.636  -7.735  9.991   1.00 17.39 ? 2091 HOH A O   1 
HETATM 815 O O   . HOH E 3 .  ? -7.443  -7.562  13.437  1.00 16.88 ? 2092 HOH A O   1 
HETATM 816 O O   . HOH E 3 .  ? -10.011 -8.420  7.143   1.00 17.16 ? 2093 HOH A O   1 
HETATM 817 O O   . HOH E 3 .  ? -8.490  -3.223  -2.478  1.00 24.88 ? 2094 HOH A O   1 
# 
loop_
_atom_site_anisotrop.id 
_atom_site_anisotrop.type_symbol 
_atom_site_anisotrop.pdbx_label_atom_id 
_atom_site_anisotrop.pdbx_label_alt_id 
_atom_site_anisotrop.pdbx_label_comp_id 
_atom_site_anisotrop.pdbx_label_asym_id 
_atom_site_anisotrop.pdbx_label_seq_id 
_atom_site_anisotrop.pdbx_PDB_ins_code 
_atom_site_anisotrop.U[1][1] 
_atom_site_anisotrop.U[2][2] 
_atom_site_anisotrop.U[3][3] 
_atom_site_anisotrop.U[1][2] 
_atom_site_anisotrop.U[1][3] 
_atom_site_anisotrop.U[2][3] 
_atom_site_anisotrop.pdbx_auth_seq_id 
_atom_site_anisotrop.pdbx_auth_comp_id 
_atom_site_anisotrop.pdbx_auth_asym_id 
_atom_site_anisotrop.pdbx_auth_atom_id 
1   N N   . GLU A 3  ? 0.2753 0.1970 0.1846 0.0514  -0.0134 0.0112  725  GLU A N   
2   C CA  . GLU A 3  ? 0.2995 0.2059 0.1400 -0.0092 -0.0221 0.0330  725  GLU A CA  
3   C C   . GLU A 3  ? 0.2615 0.1455 0.1539 0.0025  0.0255  0.0084  725  GLU A C   
4   O O   . GLU A 3  ? 0.3264 0.1771 0.1170 0.0117  0.0569  0.0011  725  GLU A O   
5   C CB  . GLU A 3  ? 0.2618 0.2992 0.2639 0.0065  0.0225  -0.0136 725  GLU A CB  
6   C CG  . GLU A 3  ? 0.4104 0.3692 0.4866 -0.0169 -0.0264 0.0353  725  GLU A CG  
7   C CD  . GLU A 3  ? 0.5042 0.4016 0.4594 -0.0129 0.0123  0.0209  725  GLU A CD  
8   O OE1 . GLU A 3  ? 0.5302 0.5392 0.4825 -0.0279 -0.0346 0.0187  725  GLU A OE1 
9   O OE2 . GLU A 3  ? 0.4487 0.3974 0.3825 0.0666  -0.0543 0.0367  725  GLU A OE2 
10  N N   . GLU A 4  ? 0.3049 0.1994 0.1542 0.0344  0.0127  0.0175  726  GLU A N   
11  C CA  . GLU A 4  ? 0.2865 0.2314 0.1125 0.0212  0.0286  -0.0065 726  GLU A CA  
12  C C   . GLU A 4  ? 0.2857 0.2407 0.1733 0.0314  0.0371  -0.0090 726  GLU A C   
13  O O   . GLU A 4  ? 0.3277 0.3244 0.1705 0.0559  0.0888  0.0300  726  GLU A O   
14  C CB  . GLU A 4  ? 0.3334 0.2856 0.2464 0.0229  -0.0143 -0.0236 726  GLU A CB  
15  C CG  . GLU A 4  ? 0.3225 0.3582 0.2909 0.0205  0.0104  -0.0182 726  GLU A CG  
16  C CD  . GLU A 4  ? 0.4515 0.4579 0.5033 -0.0352 0.0012  -0.0203 726  GLU A CD  
17  O OE1 . GLU A 4  ? 0.5957 0.5729 0.5840 0.0204  0.0004  -0.0578 726  GLU A OE1 
18  O OE2 . GLU A 4  ? 0.4368 0.3363 0.4424 -0.0224 -0.0435 0.0276  726  GLU A OE2 
19  N N   . LEU A 5  ? 0.2386 0.1631 0.1417 0.0182  0.0599  0.0089  727  LEU A N   
20  C CA  . LEU A 5  ? 0.2383 0.1593 0.1517 -0.0049 0.0590  0.0008  727  LEU A CA  
21  C C   . LEU A 5  ? 0.2042 0.1333 0.1536 -0.0113 0.0497  0.0004  727  LEU A C   
22  O O   . LEU A 5  ? 0.2231 0.1589 0.1548 0.0047  0.0875  -0.0022 727  LEU A O   
23  C CB  . LEU A 5  ? 0.2764 0.1715 0.1780 -0.0039 0.0515  0.0126  727  LEU A CB  
24  C CG  . LEU A 5  ? 0.2774 0.1754 0.2299 -0.0114 0.0479  0.0316  727  LEU A CG  
25  C CD1 . LEU A 5  ? 0.3306 0.2437 0.2821 0.0486  0.0488  -0.0339 727  LEU A CD1 
26  C CD2 . LEU A 5  ? 0.3087 0.2318 0.2727 -0.0377 0.0398  -0.0376 727  LEU A CD2 
27  N N   . THR A 6  ? 0.1806 0.1934 0.1513 0.0217  0.0646  0.0080  728  THR A N   
28  C CA  . THR A 6  ? 0.2017 0.1702 0.1319 0.0003  0.0552  0.0186  728  THR A CA  
29  C C   . THR A 6  ? 0.2338 0.1846 0.2508 -0.0082 0.0471  0.0193  728  THR A C   
30  O O   . THR A 6  ? 0.2208 0.2349 0.2308 -0.0375 0.0582  0.0520  728  THR A O   
31  C CB  . THR A 6  ? 0.1889 0.1702 0.1841 0.0061  0.0662  -0.0037 728  THR A CB  
32  O OG1 . THR A 6  ? 0.2228 0.1943 0.1615 0.0172  0.0633  -0.0332 728  THR A OG1 
33  C CG2 . THR A 6  ? 0.2568 0.1792 0.1940 0.0292  0.0539  -0.0206 728  THR A CG2 
34  N N   . LEU A 7  ? 0.1946 0.1553 0.1860 -0.0088 0.0383  0.0241  729  LEU A N   
35  C CA  . LEU A 7  ? 0.2169 0.1852 0.2358 -0.0038 0.0148  0.0160  729  LEU A CA  
36  C C   . LEU A 7  ? 0.1890 0.1710 0.2277 0.0000  0.0106  0.0340  729  LEU A C   
37  O O   . LEU A 7  ? 0.1717 0.1949 0.2847 -0.0089 0.0394  0.0553  729  LEU A O   
38  C CB  . LEU A 7  ? 0.2449 0.1620 0.1654 0.0014  0.0148  0.0445  729  LEU A CB  
39  C CG  . LEU A 7  ? 0.2594 0.1824 0.2660 0.0189  0.0132  -0.0116 729  LEU A CG  
40  C CD1 . LEU A 7  ? 0.3401 0.2423 0.2081 0.0383  0.0181  0.0022  729  LEU A CD1 
41  C CD2 . LEU A 7  ? 0.2881 0.1890 0.2464 -0.0133 -0.0042 0.0433  729  LEU A CD2 
42  N N   . THR A 8  ? 0.1922 0.1442 0.2529 -0.0064 0.0269  0.0286  730  THR A N   
43  C CA  . THR A 8  ? 0.1971 0.1535 0.2535 0.0037  0.0095  0.0033  730  THR A CA  
44  C C   . THR A 8  ? 0.1857 0.2137 0.2666 0.0301  0.0121  0.0192  730  THR A C   
45  O O   . THR A 8  ? 0.1908 0.2286 0.3047 0.0065  -0.0063 0.0162  730  THR A O   
46  C CB  . THR A 8  ? 0.2665 0.2371 0.2661 0.0247  -0.0205 -0.0003 730  THR A CB  
47  O OG1 . THR A 8  ? 0.3025 0.2269 0.3055 0.0274  -0.0075 -0.0244 730  THR A OG1 
48  C CG2 . THR A 8  ? 0.3226 0.2281 0.3677 0.0146  -0.0042 0.0451  730  THR A CG2 
49  N N   . ILE A 9  ? 0.1738 0.1781 0.2225 -0.0002 -0.0468 0.0362  731  ILE A N   
50  C CA  . ILE A 9  ? 0.1764 0.1744 0.2579 -0.0064 -0.0228 0.0340  731  ILE A CA  
51  C C   . ILE A 9  ? 0.2035 0.1985 0.2755 -0.0078 -0.0204 0.0578  731  ILE A C   
52  O O   . ILE A 9  ? 0.1996 0.2167 0.2875 0.0020  -0.0027 0.0536  731  ILE A O   
53  C CB  . ILE A 9  ? 0.1694 0.1426 0.2426 -0.0212 -0.0178 0.0334  731  ILE A CB  
54  C CG1 A ILE A 9  ? 0.1856 0.2190 0.2883 0.0033  -0.0315 0.0314  731  ILE A CG1 
55  C CG1 B ILE A 9  ? 0.1543 0.1827 0.2687 -0.0100 -0.0284 0.0417  731  ILE A CG1 
56  C CG2 A ILE A 9  ? 0.2177 0.2272 0.2566 0.0174  -0.0329 0.0360  731  ILE A CG2 
57  C CG2 B ILE A 9  ? 0.2184 0.2282 0.2565 0.0154  -0.0315 0.0362  731  ILE A CG2 
58  C CD1 A ILE A 9  ? 0.2311 0.1917 0.2422 0.0297  -0.0303 0.0002  731  ILE A CD1 
59  C CD1 B ILE A 9  ? 0.1149 0.1871 0.2396 -0.0449 0.0231  0.0154  731  ILE A CD1 
60  N N   . LEU A 10 ? 0.1765 0.2033 0.2538 -0.0010 0.0052  0.0550  732  LEU A N   
61  C CA  . LEU A 10 ? 0.1577 0.2559 0.2569 0.0602  0.0014  0.0555  732  LEU A CA  
62  C C   . LEU A 10 ? 0.1790 0.2134 0.2618 0.0273  -0.0343 0.0210  732  LEU A C   
63  O O   . LEU A 10 ? 0.2086 0.2107 0.2891 0.0346  -0.0270 0.0554  732  LEU A O   
64  C CB  . LEU A 10 ? 0.2220 0.3204 0.3232 0.0226  -0.0261 0.0239  732  LEU A CB  
65  C CG  . LEU A 10 ? 0.3530 0.4242 0.4000 0.0049  0.0080  0.0149  732  LEU A CG  
66  C CD1 . LEU A 10 ? 0.3509 0.4584 0.4792 0.0379  0.0371  -0.0002 732  LEU A CD1 
67  C CD2 . LEU A 10 ? 0.3617 0.4366 0.4445 0.0073  0.0057  -0.0043 732  LEU A CD2 
68  N N   . ARG A 11 ? 0.2314 0.2361 0.2517 0.0412  -0.0443 0.0413  733  ARG A N   
69  C CA  . ARG A 11 ? 0.2437 0.2588 0.2747 0.0081  -0.0181 0.0344  733  ARG A CA  
70  C C   . ARG A 11 ? 0.2328 0.2297 0.2470 0.0496  -0.0259 0.0480  733  ARG A C   
71  O O   . ARG A 11 ? 0.1897 0.3211 0.3249 0.0503  -0.0463 0.0555  733  ARG A O   
72  C CB  . ARG A 11 ? 0.2653 0.2658 0.2670 0.0112  0.0008  0.0347  733  ARG A CB  
73  C CG  . ARG A 11 ? 0.3248 0.2153 0.2950 0.0053  0.0183  0.0639  733  ARG A CG  
74  C CD  . ARG A 11 ? 0.2692 0.2362 0.3462 -0.0095 -0.0023 0.0258  733  ARG A CD  
75  N NE  . ARG A 11 ? 0.2138 0.2428 0.2774 0.0087  -0.0068 0.0085  733  ARG A NE  
76  C CZ  . ARG A 11 ? 0.2456 0.1867 0.2570 0.0296  0.0281  0.0147  733  ARG A CZ  
77  N NH1 . ARG A 11 ? 0.2775 0.2446 0.3173 0.0221  0.0744  -0.0047 733  ARG A NH1 
78  N NH2 . ARG A 11 ? 0.1742 0.1968 0.2655 0.0335  0.0383  0.0012  733  ARG A NH2 
79  N N   . GLN A 12 ? 0.2035 0.2395 0.2805 0.0296  -0.0380 0.0427  734  GLN A N   
80  C CA  . GLN A 12 ? 0.2163 0.2862 0.2816 0.0189  -0.0267 0.0289  734  GLN A CA  
81  C C   . GLN A 12 ? 0.2461 0.3338 0.2778 -0.0066 -0.0005 0.0278  734  GLN A C   
82  O O   . GLN A 12 ? 0.2600 0.3530 0.3570 0.0132  -0.0426 0.0381  734  GLN A O   
83  C CB  . GLN A 12 ? 0.2381 0.3290 0.3158 -0.0061 -0.0176 0.0066  734  GLN A CB  
84  C CG  . GLN A 12 ? 0.3915 0.4050 0.3779 -0.0443 -0.0170 0.0355  734  GLN A CG  
85  N N   . THR A 13 ? 0.2484 0.3395 0.3102 0.0171  -0.0279 0.0513  735  THR A N   
86  C CA  . THR A 13 ? 0.3441 0.3719 0.3619 -0.0015 -0.0018 0.0247  735  THR A CA  
87  C C   . THR A 13 ? 0.3820 0.4102 0.4148 0.0128  -0.0181 0.0128  735  THR A C   
88  O O   . THR A 13 ? 0.3466 0.4234 0.4071 0.0245  0.0063  -0.0167 735  THR A O   
89  C CB  . THR A 13 ? 0.3889 0.4080 0.3904 0.0141  -0.0359 0.0166  735  THR A CB  
90  O OG1 . THR A 13 ? 0.4710 0.4841 0.4735 -0.0147 0.0370  0.0124  735  THR A OG1 
91  C CG2 . THR A 13 ? 0.4770 0.4492 0.4912 -0.0149 0.0022  0.0143  735  THR A CG2 
92  N N   . GLY A 14 ? 0.3981 0.4006 0.4085 0.0232  -0.0146 -0.0191 736  GLY A N   
93  C CA  . GLY A 14 ? 0.3921 0.4242 0.4218 0.0109  -0.0091 -0.0205 736  GLY A CA  
94  C C   . GLY A 14 ? 0.3375 0.3773 0.3653 0.0202  -0.0106 -0.0099 736  GLY A C   
95  O O   . GLY A 14 ? 0.3705 0.4486 0.4223 0.0353  -0.0317 0.0179  736  GLY A O   
96  N N   . GLY A 15 ? 0.2729 0.3605 0.2840 0.0240  -0.0233 0.0500  737  GLY A N   
97  C CA  . GLY A 15 ? 0.2428 0.3008 0.2674 -0.0002 0.0086  0.0454  737  GLY A CA  
98  C C   . GLY A 15 ? 0.2060 0.2279 0.3222 -0.0100 0.0194  0.0899  737  GLY A C   
99  O O   . GLY A 15 ? 0.2171 0.2853 0.2834 0.0560  0.0131  0.1086  737  GLY A O   
100 N N   . LEU A 16 ? 0.2006 0.2642 0.2607 0.0082  0.0285  0.0931  738  LEU A N   
101 C CA  . LEU A 16 ? 0.1898 0.2205 0.2358 -0.0158 0.0330  0.0491  738  LEU A CA  
102 C C   . LEU A 16 ? 0.1757 0.2336 0.2463 0.0254  -0.0042 0.0482  738  LEU A C   
103 O O   . LEU A 16 ? 0.1836 0.2568 0.2315 0.0123  0.0096  0.0955  738  LEU A O   
104 C CB  . LEU A 16 ? 0.2254 0.1822 0.2209 -0.0185 0.0394  0.0337  738  LEU A CB  
105 C CG  . LEU A 16 ? 0.1992 0.2235 0.2543 0.0195  0.0389  0.0139  738  LEU A CG  
106 C CD1 . LEU A 16 ? 0.2329 0.2388 0.2555 0.0376  -0.0076 -0.0002 738  LEU A CD1 
107 C CD2 . LEU A 16 ? 0.1963 0.2472 0.3018 0.0137  0.0402  -0.0055 738  LEU A CD2 
108 N N   . GLY A 17 ? 0.1408 0.2331 0.2255 0.0440  -0.0123 0.0873  739  GLY A N   
109 C CA  . GLY A 17 ? 0.1335 0.2478 0.1961 0.0062  -0.0071 0.0466  739  GLY A CA  
110 C C   . GLY A 17 ? 0.1145 0.2102 0.2025 0.0083  -0.0002 0.0661  739  GLY A C   
111 O O   . GLY A 17 ? 0.1287 0.1918 0.1836 -0.0145 -0.0108 0.0501  739  GLY A O   
112 N N   . ILE A 18 ? 0.1242 0.1906 0.1852 0.0090  0.0071  0.0776  740  ILE A N   
113 C CA  . ILE A 18 ? 0.1132 0.1505 0.1732 0.0272  0.0057  0.0459  740  ILE A CA  
114 C C   . ILE A 18 ? 0.1527 0.1589 0.1638 -0.0033 0.0054  0.0526  740  ILE A C   
115 O O   . ILE A 18 ? 0.1195 0.1573 0.2105 0.0135  0.0152  0.0599  740  ILE A O   
116 C CB  . ILE A 18 ? 0.1204 0.1613 0.1706 0.0130  0.0224  0.0219  740  ILE A CB  
117 C CG1 . ILE A 18 ? 0.2401 0.1951 0.2302 0.0175  0.0245  -0.0096 740  ILE A CG1 
118 C CG2 . ILE A 18 ? 0.1469 0.2169 0.1646 0.0117  0.0265  0.0506  740  ILE A CG2 
119 C CD1 . ILE A 18 ? 0.2994 0.1753 0.2413 0.0120  0.0383  -0.0344 740  ILE A CD1 
120 N N   . SER A 19 ? 0.1253 0.1284 0.1522 0.0054  0.0079  0.0313  741  SER A N   
121 C CA  . SER A 19 ? 0.1259 0.1349 0.1366 -0.0229 0.0152  0.0300  741  SER A CA  
122 C C   . SER A 19 ? 0.1323 0.1335 0.1020 0.0025  -0.0040 0.0115  741  SER A C   
123 O O   . SER A 19 ? 0.1361 0.1315 0.1157 -0.0045 -0.0038 0.0145  741  SER A O   
124 C CB  . SER A 19 ? 0.1122 0.1575 0.1273 0.0024  0.0008  0.0062  741  SER A CB  
125 O OG  . SER A 19 ? 0.1525 0.1924 0.1408 -0.0216 -0.0399 0.0163  741  SER A OG  
126 N N   . ILE A 20 ? 0.1288 0.1483 0.1039 -0.0004 0.0145  0.0041  742  ILE A N   
127 C CA  . ILE A 20 ? 0.1178 0.1349 0.1145 0.0019  0.0137  0.0089  742  ILE A CA  
128 C C   . ILE A 20 ? 0.1196 0.1257 0.0948 -0.0169 0.0054  -0.0008 742  ILE A C   
129 O O   . ILE A 20 ? 0.1268 0.1349 0.0962 -0.0148 0.0073  0.0053  742  ILE A O   
130 C CB  . ILE A 20 ? 0.1303 0.1406 0.1028 -0.0033 0.0045  -0.0024 742  ILE A CB  
131 C CG1 . ILE A 20 ? 0.1619 0.1727 0.1180 -0.0107 0.0293  -0.0058 742  ILE A CG1 
132 C CG2 . ILE A 20 ? 0.1935 0.1727 0.1513 -0.0137 0.0592  -0.0164 742  ILE A CG2 
133 C CD1 . ILE A 20 ? 0.2508 0.1500 0.1368 -0.0216 0.0149  -0.0117 742  ILE A CD1 
134 N N   . ALA A 21 ? 0.0988 0.1575 0.0895 -0.0083 0.0015  0.0135  743  ALA A N   
135 C CA  . ALA A 21 ? 0.1034 0.1440 0.0952 -0.0066 0.0096  -0.0013 743  ALA A CA  
136 C C   . ALA A 21 ? 0.1282 0.1858 0.1023 -0.0242 0.0141  0.0020  743  ALA A C   
137 O O   . ALA A 21 ? 0.1154 0.2478 0.1032 -0.0260 -0.0003 -0.0046 743  ALA A O   
138 C CB  . ALA A 21 ? 0.1283 0.1533 0.1593 -0.0048 0.0009  -0.0009 743  ALA A CB  
139 N N   . GLY A 22 ? 0.1368 0.2213 0.0950 -0.0435 0.0221  -0.0159 744  GLY A N   
140 C CA  . GLY A 22 ? 0.1289 0.2089 0.1356 -0.0375 0.0059  0.0055  744  GLY A CA  
141 C C   . GLY A 22 ? 0.1168 0.2348 0.1487 -0.0328 0.0110  -0.0021 744  GLY A C   
142 O O   . GLY A 22 ? 0.1681 0.2020 0.1511 -0.0460 -0.0156 -0.0128 744  GLY A O   
143 N N   . GLY A 23 ? 0.1218 0.2431 0.1628 -0.0292 0.0071  -0.0242 745  GLY A N   
144 C CA  . GLY A 23 ? 0.1643 0.2491 0.1800 -0.0270 0.0212  -0.0172 745  GLY A CA  
145 C C   . GLY A 23 ? 0.1786 0.2472 0.1872 -0.0237 0.0073  -0.0476 745  GLY A C   
146 O O   . GLY A 23 ? 0.1425 0.2747 0.1573 -0.0347 -0.0181 -0.0292 745  GLY A O   
147 N N   . LYS A 24 ? 0.2218 0.2922 0.1459 -0.0571 0.0269  -0.0564 746  LYS A N   
148 C CA  . LYS A 24 ? 0.2126 0.2835 0.1832 -0.0461 0.0229  -0.0335 746  LYS A CA  
149 C C   . LYS A 24 ? 0.1930 0.2110 0.2038 -0.0609 -0.0116 -0.0461 746  LYS A C   
150 O O   . LYS A 24 ? 0.2161 0.2589 0.1728 -0.0406 0.0053  -0.0460 746  LYS A O   
151 C CB  . LYS A 24 ? 0.2366 0.3082 0.2101 -0.0519 0.0269  -0.0548 746  LYS A CB  
152 C CG  . LYS A 24 ? 0.2713 0.3513 0.2537 -0.0503 0.0299  -0.0345 746  LYS A CG  
153 C CD  . LYS A 24 ? 0.4329 0.4464 0.3449 -0.0402 -0.0103 -0.0836 746  LYS A CD  
154 N N   . GLY A 25 ? 0.1765 0.2643 0.1575 -0.0385 -0.0191 -0.0428 747  GLY A N   
155 C CA  . GLY A 25 ? 0.1845 0.2678 0.1725 -0.0251 0.0068  -0.0354 747  GLY A CA  
156 C C   . GLY A 25 ? 0.1355 0.2482 0.1777 -0.0310 0.0034  -0.0314 747  GLY A C   
157 O O   . GLY A 25 ? 0.1698 0.2619 0.1586 -0.0454 0.0132  0.0021  747  GLY A O   
158 N N   . SER A 26 ? 0.1472 0.2457 0.1431 -0.0216 0.0112  -0.0282 748  SER A N   
159 C CA  . SER A 26 ? 0.1524 0.2422 0.1305 -0.0427 0.0174  -0.0319 748  SER A CA  
160 C C   . SER A 26 ? 0.1412 0.2328 0.1431 -0.0164 0.0176  -0.0309 748  SER A C   
161 O O   . SER A 26 ? 0.1617 0.2832 0.1779 0.0241  -0.0208 -0.0299 748  SER A O   
162 C CB  . SER A 26 ? 0.1392 0.2660 0.1553 -0.0156 0.0210  -0.0524 748  SER A CB  
163 O OG  . SER A 26 ? 0.1947 0.2341 0.2523 -0.0121 -0.0261 -0.0346 748  SER A OG  
164 N N   . THR A 27 ? 0.1784 0.2219 0.1688 -0.0243 0.0240  -0.0449 749  THR A N   
165 C CA  . THR A 27 ? 0.1490 0.2426 0.1352 -0.0161 0.0295  -0.0148 749  THR A CA  
166 C C   . THR A 27 ? 0.1592 0.2214 0.1489 -0.0223 0.0133  -0.0204 749  THR A C   
167 O O   . THR A 27 ? 0.1542 0.2472 0.1253 -0.0043 0.0203  0.0062  749  THR A O   
168 C CB  . THR A 27 ? 0.1802 0.2237 0.1592 -0.0222 0.0398  -0.0331 749  THR A CB  
169 O OG1 . THR A 27 ? 0.2584 0.2699 0.1822 -0.0698 0.0823  -0.0371 749  THR A OG1 
170 C CG2 . THR A 27 ? 0.2672 0.2142 0.1738 -0.0573 0.0498  -0.0337 749  THR A CG2 
171 N N   . PRO A 28 ? 0.1207 0.2367 0.1631 -0.0036 0.0210  -0.0010 750  PRO A N   
172 C CA  . PRO A 28 ? 0.1543 0.2372 0.1675 -0.0022 0.0133  0.0052  750  PRO A CA  
173 C C   . PRO A 28 ? 0.1595 0.1948 0.1435 -0.0038 0.0186  -0.0321 750  PRO A C   
174 O O   . PRO A 28 ? 0.1893 0.2497 0.1678 -0.0171 0.0295  -0.0332 750  PRO A O   
175 C CB  . PRO A 28 ? 0.1690 0.2531 0.1971 -0.0210 0.0037  0.0068  750  PRO A CB  
176 C CG  . PRO A 28 ? 0.2036 0.3460 0.2602 0.0573  0.0024  0.0324  750  PRO A CG  
177 C CD  . PRO A 28 ? 0.1715 0.2978 0.2017 0.0132  0.0371  0.0153  750  PRO A CD  
178 N N   . TYR A 29 ? 0.1383 0.2124 0.1107 -0.0149 0.0006  -0.0109 751  TYR A N   
179 C CA  . TYR A 29 ? 0.1498 0.2001 0.1467 -0.0147 0.0091  -0.0333 751  TYR A CA  
180 C C   . TYR A 29 ? 0.1288 0.2423 0.1866 -0.0119 0.0072  -0.0493 751  TYR A C   
181 O O   . TYR A 29 ? 0.1761 0.2185 0.2126 -0.0031 0.0194  -0.0596 751  TYR A O   
182 C CB  . TYR A 29 ? 0.1317 0.2025 0.1327 0.0072  0.0018  -0.0371 751  TYR A CB  
183 C CG  . TYR A 29 ? 0.1341 0.1530 0.1457 0.0037  0.0077  -0.0416 751  TYR A CG  
184 C CD1 . TYR A 29 ? 0.1128 0.1645 0.1896 -0.0053 -0.0103 -0.0201 751  TYR A CD1 
185 C CD2 . TYR A 29 ? 0.1283 0.1827 0.1724 0.0076  0.0216  -0.0300 751  TYR A CD2 
186 C CE1 . TYR A 29 ? 0.1264 0.1558 0.2019 0.0286  0.0012  -0.0320 751  TYR A CE1 
187 C CE2 . TYR A 29 ? 0.1492 0.1977 0.1907 -0.0072 0.0272  -0.0050 751  TYR A CE2 
188 C CZ  . TYR A 29 ? 0.1384 0.1718 0.2108 -0.0114 0.0200  -0.0169 751  TYR A CZ  
189 O OH  . TYR A 29 ? 0.1916 0.1798 0.2598 -0.0155 0.0357  -0.0558 751  TYR A OH  
190 N N   . LYS A 30 ? 0.1449 0.2152 0.2008 0.0046  0.0012  -0.0337 752  LYS A N   
191 C CA  . LYS A 30 ? 0.1987 0.2377 0.2324 0.0183  -0.0106 0.0053  752  LYS A CA  
192 C C   . LYS A 30 ? 0.1933 0.2500 0.2076 0.0138  -0.0170 -0.0030 752  LYS A C   
193 O O   . LYS A 30 ? 0.1844 0.2580 0.2600 0.0373  -0.0701 -0.0003 752  LYS A O   
194 C CB  . LYS A 30 ? 0.2481 0.2609 0.2545 0.0429  -0.0190 0.0093  752  LYS A CB  
195 C CG  . LYS A 30 ? 0.2795 0.2504 0.2093 0.0261  0.0182  0.0234  752  LYS A CG  
196 C CD  . LYS A 30 ? 0.3209 0.2604 0.3247 -0.0052 0.0139  0.0478  752  LYS A CD  
197 C CE  . LYS A 30 ? 0.3130 0.1920 0.3222 0.0479  0.0510  0.0280  752  LYS A CE  
198 N NZ  . LYS A 30 ? 0.2026 0.1534 0.2305 0.0095  0.0134  0.0217  752  LYS A NZ  
199 N N   . GLY A 31 ? 0.2112 0.2674 0.2021 0.0381  0.0214  -0.0062 753  GLY A N   
200 C CA  . GLY A 31 ? 0.2193 0.3522 0.2696 0.0458  -0.0177 -0.0073 753  GLY A CA  
201 C C   . GLY A 31 ? 0.2666 0.3613 0.2913 0.0227  -0.0042 -0.0148 753  GLY A C   
202 O O   . GLY A 31 ? 0.3299 0.3997 0.3031 -0.0391 0.0104  -0.0120 753  GLY A O   
203 N N   . ASP A 32 ? 0.2565 0.3146 0.2544 0.0230  -0.0302 -0.0153 754  ASP A N   
204 C CA  . ASP A 32 ? 0.2397 0.2968 0.2229 0.0177  -0.0360 -0.0078 754  ASP A CA  
205 C C   . ASP A 32 ? 0.2989 0.3326 0.2532 0.0533  -0.0581 -0.0080 754  ASP A C   
206 O O   . ASP A 32 ? 0.3105 0.3225 0.2709 0.0385  -0.0509 -0.0191 754  ASP A O   
207 C CB  . ASP A 32 ? 0.2836 0.3213 0.2575 0.0424  -0.0221 0.0035  754  ASP A CB  
208 C CG  . ASP A 32 ? 0.2986 0.2864 0.3128 0.0070  -0.0140 0.0056  754  ASP A CG  
209 O OD1 . ASP A 32 ? 0.2978 0.4036 0.2788 0.0124  -0.0821 0.0261  754  ASP A OD1 
210 O OD2 . ASP A 32 ? 0.3678 0.3808 0.3169 0.0450  -0.0448 0.0218  754  ASP A OD2 
211 N N   . ASP A 33 ? 0.2582 0.2832 0.2600 0.0361  -0.0535 -0.0151 755  ASP A N   
212 C CA  . ASP A 33 ? 0.2512 0.2834 0.2215 0.0121  -0.0435 -0.0275 755  ASP A CA  
213 C C   . ASP A 33 ? 0.2213 0.2966 0.2215 0.0236  -0.0213 -0.0124 755  ASP A C   
214 O O   . ASP A 33 ? 0.1980 0.3478 0.1858 0.0082  -0.0276 -0.0469 755  ASP A O   
215 C CB  . ASP A 33 ? 0.2421 0.2864 0.2380 0.0324  -0.0513 -0.0220 755  ASP A CB  
216 C CG  . ASP A 33 ? 0.1688 0.2289 0.1940 0.0033  -0.0367 -0.0219 755  ASP A CG  
217 O OD1 . ASP A 33 ? 0.1848 0.2659 0.2348 -0.0017 -0.0581 -0.0032 755  ASP A OD1 
218 O OD2 . ASP A 33 ? 0.1895 0.2646 0.1825 -0.0137 -0.0393 0.0191  755  ASP A OD2 
219 N N   . GLU A 34 ? 0.1909 0.3503 0.1731 -0.0113 -0.0109 -0.0295 756  GLU A N   
220 C CA  . GLU A 34 ? 0.1927 0.2994 0.2122 -0.0401 -0.0477 0.0064  756  GLU A CA  
221 C C   . GLU A 34 ? 0.2553 0.2461 0.2038 -0.0316 -0.0637 -0.0143 756  GLU A C   
222 O O   . GLU A 34 ? 0.2550 0.2773 0.2723 -0.1129 -0.1066 0.0496  756  GLU A O   
223 C CB  . GLU A 34 ? 0.2714 0.3453 0.2824 -0.0490 -0.0078 0.0332  756  GLU A CB  
224 N N   . GLY A 35 ? 0.1907 0.2468 0.1483 -0.0435 -0.0332 0.0059  757  GLY A N   
225 C CA  . GLY A 35 ? 0.2284 0.2122 0.1258 -0.0320 -0.0361 0.0021  757  GLY A CA  
226 C C   . GLY A 35 ? 0.1589 0.2013 0.1176 -0.0403 -0.0118 -0.0053 757  GLY A C   
227 O O   . GLY A 35 ? 0.1339 0.2456 0.1236 -0.0594 -0.0025 -0.0183 757  GLY A O   
228 N N   . ILE A 36 ? 0.2047 0.1681 0.0822 -0.0043 -0.0263 -0.0305 758  ILE A N   
229 C CA  . ILE A 36 ? 0.1691 0.1745 0.1105 -0.0163 -0.0013 -0.0225 758  ILE A CA  
230 C C   . ILE A 36 ? 0.1964 0.1502 0.0796 -0.0097 0.0316  -0.0060 758  ILE A C   
231 O O   . ILE A 36 ? 0.2405 0.1263 0.1121 0.0120  0.0469  -0.0058 758  ILE A O   
232 C CB  . ILE A 36 ? 0.2050 0.1471 0.1180 -0.0290 0.0113  0.0018  758  ILE A CB  
233 C CG1 . ILE A 36 ? 0.2077 0.1716 0.1643 -0.0299 -0.0207 0.0018  758  ILE A CG1 
234 C CG2 . ILE A 36 ? 0.1730 0.1794 0.1482 -0.0178 -0.0106 -0.0008 758  ILE A CG2 
235 C CD1 . ILE A 36 ? 0.1701 0.2002 0.1653 0.0063  0.0027  0.0328  758  ILE A CD1 
236 N N   . PHE A 37 ? 0.1343 0.1321 0.1135 -0.0007 0.0299  0.0014  759  PHE A N   
237 C CA  . PHE A 37 ? 0.1110 0.1494 0.0986 0.0096  0.0134  -0.0003 759  PHE A CA  
238 C C   . PHE A 37 ? 0.1039 0.1423 0.1084 0.0008  0.0244  -0.0008 759  PHE A C   
239 O O   . PHE A 37 ? 0.1418 0.1643 0.0986 0.0019  0.0229  0.0220  759  PHE A O   
240 C CB  . PHE A 37 ? 0.1599 0.1367 0.0986 0.0131  0.0305  -0.0050 759  PHE A CB  
241 C CG  . PHE A 37 ? 0.1145 0.1299 0.1206 0.0140  0.0040  -0.0284 759  PHE A CG  
242 C CD1 . PHE A 37 ? 0.1451 0.1821 0.1345 0.0099  0.0158  -0.0064 759  PHE A CD1 
243 C CD2 . PHE A 37 ? 0.1183 0.1247 0.1457 0.0163  -0.0022 -0.0218 759  PHE A CD2 
244 C CE1 . PHE A 37 ? 0.1303 0.1851 0.1544 0.0187  -0.0070 -0.0259 759  PHE A CE1 
245 C CE2 . PHE A 37 ? 0.1434 0.1225 0.1581 0.0285  0.0079  -0.0115 759  PHE A CE2 
246 C CZ  . PHE A 37 ? 0.1385 0.1874 0.1607 0.0227  -0.0297 -0.0214 759  PHE A CZ  
247 N N   . ILE A 38 ? 0.1015 0.1382 0.0970 -0.0050 0.0233  0.0110  760  ILE A N   
248 C CA  . ILE A 38 ? 0.1193 0.1467 0.0948 0.0045  0.0310  0.0120  760  ILE A CA  
249 C C   . ILE A 38 ? 0.1248 0.1348 0.1134 0.0015  0.0058  0.0082  760  ILE A C   
250 O O   . ILE A 38 ? 0.2185 0.1451 0.1291 -0.0043 0.0250  0.0119  760  ILE A O   
251 C CB  . ILE A 38 ? 0.1227 0.2081 0.1351 -0.0014 0.0124  0.0064  760  ILE A CB  
252 C CG1 A ILE A 38 ? 0.1701 0.3090 0.1645 0.0558  0.0080  -0.0549 760  ILE A CG1 
253 C CG1 B ILE A 38 ? 0.2316 0.3210 0.1844 0.0386  0.0021  -0.0554 760  ILE A CG1 
254 C CG2 A ILE A 38 ? 0.1188 0.2487 0.1373 -0.0051 0.0028  0.0058  760  ILE A CG2 
255 C CG2 B ILE A 38 ? 0.1237 0.2486 0.1383 -0.0104 0.0005  0.0095  760  ILE A CG2 
256 C CD1 A ILE A 38 ? 0.2152 0.1824 0.1742 0.0169  0.0777  0.0030  760  ILE A CD1 
257 C CD1 B ILE A 38 ? 0.2649 0.3524 0.2489 0.0282  0.0242  0.0081  760  ILE A CD1 
258 N N   . SER A 39 ? 0.1395 0.1188 0.1111 0.0062  0.0119  0.0018  761  SER A N   
259 C CA  . SER A 39 ? 0.1356 0.1329 0.1334 -0.0060 0.0150  -0.0101 761  SER A CA  
260 C C   . SER A 39 ? 0.1429 0.1361 0.1166 -0.0016 0.0363  0.0054  761  SER A C   
261 O O   . SER A 39 ? 0.1759 0.1508 0.1498 0.0156  0.0166  -0.0386 761  SER A O   
262 C CB  . SER A 39 ? 0.1144 0.1674 0.1586 -0.0015 0.0288  0.0034  761  SER A CB  
263 O OG  . SER A 39 ? 0.1639 0.1566 0.1334 -0.0014 0.0398  0.0014  761  SER A OG  
264 N N   . ARG A 40 ? 0.1362 0.1449 0.1158 -0.0086 0.0046  -0.0123 762  ARG A N   
265 C CA  . ARG A 40 ? 0.1421 0.1524 0.1403 -0.0035 0.0186  -0.0033 762  ARG A CA  
266 C C   . ARG A 40 ? 0.1466 0.1783 0.1444 -0.0095 -0.0114 -0.0067 762  ARG A C   
267 O O   . ARG A 40 ? 0.1264 0.1590 0.1340 -0.0117 0.0027  0.0144  762  ARG A O   
268 C CB  . ARG A 40 ? 0.1650 0.1735 0.1326 -0.0188 -0.0054 0.0009  762  ARG A CB  
269 C CG  . ARG A 40 ? 0.2079 0.2480 0.1489 -0.0392 -0.0023 -0.0031 762  ARG A CG  
270 C CD  . ARG A 40 ? 0.2440 0.2608 0.1701 -0.0490 -0.0099 0.0117  762  ARG A CD  
271 N NE  . ARG A 40 ? 0.2951 0.2985 0.2417 -0.0104 -0.0131 0.0136  762  ARG A NE  
272 C CZ  . ARG A 40 ? 0.2930 0.3223 0.3659 -0.0264 -0.0018 0.0380  762  ARG A CZ  
273 N NH1 . ARG A 40 ? 0.2959 0.3802 0.2925 -0.0322 -0.0180 0.0087  762  ARG A NH1 
274 N NH2 . ARG A 40 ? 0.1723 0.3345 0.3965 0.0132  -0.0166 -0.0515 762  ARG A NH2 
275 N N   . VAL A 41 ? 0.1567 0.1664 0.1544 -0.0233 0.0027  -0.0068 763  VAL A N   
276 C CA  . VAL A 41 ? 0.1499 0.1716 0.1508 -0.0290 -0.0105 0.0037  763  VAL A CA  
277 C C   . VAL A 41 ? 0.1459 0.1883 0.2117 -0.0405 0.0053  0.0085  763  VAL A C   
278 O O   . VAL A 41 ? 0.1732 0.2109 0.2432 -0.0410 -0.0243 -0.0162 763  VAL A O   
279 C CB  . VAL A 41 ? 0.1499 0.1565 0.1932 -0.0350 0.0143  0.0165  763  VAL A CB  
280 C CG1 . VAL A 41 ? 0.1623 0.2477 0.2008 -0.0042 -0.0021 0.0306  763  VAL A CG1 
281 C CG2 . VAL A 41 ? 0.1745 0.1777 0.1776 -0.0138 -0.0196 0.0168  763  VAL A CG2 
282 N N   . SER A 42 ? 0.2114 0.2736 0.1691 -0.0483 -0.0383 -0.0037 764  SER A N   
283 C CA  . SER A 42 ? 0.2157 0.3238 0.2137 -0.0330 -0.0471 -0.0180 764  SER A CA  
284 C C   . SER A 42 ? 0.2266 0.2727 0.2657 -0.0563 -0.0390 -0.0358 764  SER A C   
285 O O   . SER A 42 ? 0.2065 0.3128 0.2174 -0.0605 -0.0331 0.0126  764  SER A O   
286 C CB  . SER A 42 ? 0.2309 0.2986 0.2388 -0.0254 -0.0305 0.0361  764  SER A CB  
287 O OG  . SER A 42 ? 0.2713 0.3962 0.2648 -0.0228 -0.0587 0.0413  764  SER A OG  
288 N N   . GLU A 43 ? 0.2979 0.3180 0.2733 -0.0365 -0.0056 -0.0217 765  GLU A N   
289 C CA  . GLU A 43 ? 0.3492 0.3511 0.3453 -0.0275 -0.0085 -0.0152 765  GLU A CA  
290 C C   . GLU A 43 ? 0.3345 0.3595 0.3508 -0.0590 -0.0094 -0.0124 765  GLU A C   
291 O O   . GLU A 43 ? 0.3587 0.3919 0.4054 -0.0896 0.0223  -0.0106 765  GLU A O   
292 C CB  . GLU A 43 ? 0.4011 0.4028 0.3904 -0.0246 0.0005  -0.0307 765  GLU A CB  
293 C CG  . GLU A 43 ? 0.5253 0.5101 0.5296 -0.0208 -0.0012 0.0267  765  GLU A CG  
294 C CD  . GLU A 43 ? 0.6444 0.5885 0.6260 -0.0087 -0.0104 -0.0272 765  GLU A CD  
295 O OE1 . GLU A 43 ? 0.6807 0.6657 0.6747 -0.0108 0.0186  -0.0062 765  GLU A OE1 
296 O OE2 . GLU A 43 ? 0.6910 0.6808 0.6977 -0.0215 0.0108  0.0135  765  GLU A OE2 
297 N N   . GLU A 44 ? 0.3113 0.3469 0.3791 -0.0550 -0.0168 -0.0147 766  GLU A N   
298 C CA  . GLU A 44 ? 0.3525 0.3888 0.4263 -0.0004 -0.0151 -0.0144 766  GLU A CA  
299 C C   . GLU A 44 ? 0.3094 0.3780 0.4374 -0.0277 -0.0238 -0.0122 766  GLU A C   
300 O O   . GLU A 44 ? 0.3183 0.4806 0.4919 0.0049  -0.0124 -0.0122 766  GLU A O   
301 C CB  . GLU A 44 ? 0.3913 0.4401 0.4481 -0.0018 -0.0310 -0.0111 766  GLU A CB  
302 N N   . GLY A 45 ? 0.1738 0.3600 0.3510 -0.0199 -0.0093 0.0012  767  GLY A N   
303 C CA  . GLY A 45 ? 0.1722 0.2907 0.2998 0.0126  -0.0326 0.0256  767  GLY A CA  
304 C C   . GLY A 45 ? 0.1271 0.2790 0.2892 -0.0108 -0.0342 0.0378  767  GLY A C   
305 O O   . GLY A 45 ? 0.1563 0.2889 0.2732 -0.0174 -0.0065 0.0654  767  GLY A O   
306 N N   . PRO A 46 ? 0.1334 0.2488 0.2778 0.0131  -0.0165 0.0661  768  PRO A N   
307 C CA  . PRO A 46 ? 0.1418 0.2847 0.2734 -0.0004 -0.0323 0.0219  768  PRO A CA  
308 C C   . PRO A 46 ? 0.1421 0.2450 0.2281 0.0037  -0.0198 0.0501  768  PRO A C   
309 O O   . PRO A 46 ? 0.1186 0.2249 0.2388 0.0020  -0.0087 0.0712  768  PRO A O   
310 C CB  . PRO A 46 ? 0.2380 0.2686 0.2591 -0.0017 -0.0358 -0.0048 768  PRO A CB  
311 C CG  . PRO A 46 ? 0.2175 0.2710 0.2825 -0.0117 0.0321  0.0559  768  PRO A CG  
312 C CD  . PRO A 46 ? 0.2098 0.2733 0.2335 0.0065  -0.0371 0.0457  768  PRO A CD  
313 N N   . ALA A 47 ? 0.1131 0.2294 0.2253 0.0027  0.0145  0.0760  769  ALA A N   
314 C CA  . ALA A 47 ? 0.1392 0.2017 0.2425 0.0111  -0.0078 0.0475  769  ALA A CA  
315 C C   . ALA A 47 ? 0.1155 0.2156 0.1954 -0.0005 0.0199  0.0212  769  ALA A C   
316 O O   . ALA A 47 ? 0.1032 0.2411 0.1975 -0.0070 0.0109  0.0551  769  ALA A O   
317 C CB  . ALA A 47 ? 0.1005 0.2046 0.1978 0.0066  0.0202  0.0594  769  ALA A CB  
318 N N   . ALA A 48 ? 0.1339 0.2241 0.2256 0.0211  0.0006  0.0445  770  ALA A N   
319 C CA  . ALA A 48 ? 0.1514 0.2226 0.2186 -0.0111 -0.0018 0.0434  770  ALA A CA  
320 C C   . ALA A 48 ? 0.1402 0.2104 0.1864 -0.0052 0.0010  0.0238  770  ALA A C   
321 O O   . ALA A 48 ? 0.1344 0.2191 0.2113 -0.0359 0.0070  0.0493  770  ALA A O   
322 C CB  . ALA A 48 ? 0.2103 0.2136 0.2302 -0.0169 0.0031  0.0384  770  ALA A CB  
323 N N   . ARG A 49 ? 0.1471 0.2169 0.1930 -0.0437 -0.0014 0.0736  771  ARG A N   
324 C CA  . ARG A 49 ? 0.1085 0.2038 0.2187 -0.0445 0.0262  0.0446  771  ARG A CA  
325 C C   . ARG A 49 ? 0.1468 0.2391 0.2257 0.0006  0.0350  0.0200  771  ARG A C   
326 O O   . ARG A 49 ? 0.1504 0.2421 0.2431 -0.0258 0.0322  0.0605  771  ARG A O   
327 C CB  . ARG A 49 ? 0.1399 0.2427 0.2644 -0.0388 0.0274  0.0543  771  ARG A CB  
328 C CG  . ARG A 49 ? 0.1728 0.2785 0.2902 0.0019  -0.0043 0.0159  771  ARG A CG  
329 C CD  . ARG A 49 ? 0.1971 0.2899 0.3126 -0.0020 -0.0053 0.0592  771  ARG A CD  
330 N NE  . ARG A 49 ? 0.2494 0.3432 0.3467 -0.0156 -0.0372 0.0027  771  ARG A NE  
331 C CZ  . ARG A 49 ? 0.2746 0.3531 0.3734 -0.0015 -0.0007 0.0267  771  ARG A CZ  
332 N NH1 . ARG A 49 ? 0.3762 0.3811 0.3554 0.0003  -0.0304 -0.0166 771  ARG A NH1 
333 N NH2 . ARG A 49 ? 0.3192 0.3455 0.3869 -0.0115 -0.0374 0.0677  771  ARG A NH2 
334 N N   . ALA A 50 ? 0.1405 0.2017 0.2320 -0.0122 -0.0003 0.0428  772  ALA A N   
335 C CA  . ALA A 50 ? 0.0979 0.1623 0.2264 -0.0018 0.0356  0.0330  772  ALA A CA  
336 C C   . ALA A 50 ? 0.1427 0.1502 0.2136 -0.0083 0.0238  0.0211  772  ALA A C   
337 O O   . ALA A 50 ? 0.1970 0.1747 0.2577 0.0183  0.0218  0.0082  772  ALA A O   
338 C CB  . ALA A 50 ? 0.1786 0.1793 0.2949 -0.0189 0.0225  0.0928  772  ALA A CB  
339 N N   . GLY A 51 ? 0.1080 0.1774 0.1938 -0.0011 0.0339  0.0335  773  GLY A N   
340 C CA  . GLY A 51 ? 0.1424 0.1278 0.2071 0.0146  0.0398  0.0252  773  GLY A CA  
341 C C   . GLY A 51 ? 0.0875 0.1649 0.1840 0.0084  0.0328  0.0375  773  GLY A C   
342 O O   . GLY A 51 ? 0.1098 0.1773 0.1743 0.0126  0.0164  0.0412  773  GLY A O   
343 N N   . VAL A 52 ? 0.0978 0.1526 0.1555 0.0156  0.0198  0.0257  774  VAL A N   
344 C CA  . VAL A 52 ? 0.1291 0.1560 0.1320 -0.0036 0.0056  0.0269  774  VAL A CA  
345 C C   . VAL A 52 ? 0.1319 0.1683 0.1337 -0.0146 -0.0090 -0.0020 774  VAL A C   
346 O O   . VAL A 52 ? 0.1307 0.1637 0.1642 -0.0084 -0.0109 0.0038  774  VAL A O   
347 C CB  . VAL A 52 ? 0.1581 0.1178 0.1534 0.0004  0.0372  0.0452  774  VAL A CB  
348 C CG1 . VAL A 52 ? 0.1210 0.1643 0.1705 -0.0066 0.0350  0.0226  774  VAL A CG1 
349 C CG2 . VAL A 52 ? 0.1386 0.1679 0.1932 0.0083  0.0149  0.0349  774  VAL A CG2 
350 N N   . ARG A 53 ? 0.1270 0.1153 0.1287 -0.0101 0.0010  0.0056  775  ARG A N   
351 C CA  A ARG A 53 ? 0.1179 0.1270 0.1454 0.0014  0.0060  0.0025  775  ARG A CA  
352 C CA  B ARG A 53 ? 0.1215 0.1269 0.1513 0.0008  0.0008  0.0013  775  ARG A CA  
353 C C   . ARG A 53 ? 0.0994 0.1326 0.1227 0.0095  -0.0008 -0.0005 775  ARG A C   
354 O O   . ARG A 53 ? 0.1144 0.1214 0.1280 0.0069  -0.0108 -0.0028 775  ARG A O   
355 C CB  A ARG A 53 ? 0.1283 0.1289 0.1446 0.0189  -0.0028 0.0026  775  ARG A CB  
356 C CB  B ARG A 53 ? 0.1879 0.1183 0.1797 0.0149  0.0106  -0.0063 775  ARG A CB  
357 C CG  A ARG A 53 ? 0.1484 0.1146 0.0869 -0.0006 0.0036  0.0159  775  ARG A CG  
358 C CG  B ARG A 53 ? 0.2292 0.2307 0.2252 -0.0003 0.0289  -0.0038 775  ARG A CG  
359 C CD  A ARG A 53 ? 0.1362 0.1395 0.1470 0.0040  0.0074  0.0275  775  ARG A CD  
360 C CD  B ARG A 53 ? 0.2174 0.2311 0.2504 0.0221  0.0054  -0.0057 775  ARG A CD  
361 N NE  A ARG A 53 ? 0.1461 0.0948 0.1885 -0.0152 -0.0293 0.0428  775  ARG A NE  
362 N NE  B ARG A 53 ? 0.3151 0.3114 0.3152 -0.0011 0.0255  0.0101  775  ARG A NE  
363 C CZ  A ARG A 53 ? 0.1277 0.1356 0.2162 -0.0071 0.0065  0.0328  775  ARG A CZ  
364 C CZ  B ARG A 53 ? 0.3400 0.3055 0.3414 -0.0068 0.0130  0.0264  775  ARG A CZ  
365 N NH1 A ARG A 53 ? 0.0935 0.1349 0.1781 -0.0308 0.0110  0.0091  775  ARG A NH1 
366 N NH1 B ARG A 53 ? 0.4453 0.4178 0.4039 0.0115  0.0025  -0.0063 775  ARG A NH1 
367 N NH2 A ARG A 53 ? 0.1958 0.1352 0.2404 -0.0252 0.0367  0.0247  775  ARG A NH2 
368 N NH2 B ARG A 53 ? 0.2729 0.1939 0.3024 0.0638  0.0343  0.0472  775  ARG A NH2 
369 N N   . VAL A 54 ? 0.1479 0.1179 0.1170 -0.0220 0.0145  -0.0212 776  VAL A N   
370 C CA  . VAL A 54 ? 0.1552 0.1313 0.0946 -0.0160 -0.0106 -0.0019 776  VAL A CA  
371 C C   . VAL A 54 ? 0.1742 0.1118 0.0927 0.0024  -0.0086 -0.0174 776  VAL A C   
372 O O   . VAL A 54 ? 0.1734 0.1163 0.1103 0.0030  -0.0117 -0.0114 776  VAL A O   
373 C CB  . VAL A 54 ? 0.1803 0.1806 0.0893 0.0059  -0.0197 -0.0237 776  VAL A CB  
374 C CG1 . VAL A 54 ? 0.2164 0.1579 0.1367 -0.0166 0.0222  -0.0342 776  VAL A CG1 
375 C CG2 . VAL A 54 ? 0.2116 0.2010 0.1662 0.0412  -0.0148 0.0012  776  VAL A CG2 
376 N N   . GLY A 55 ? 0.1216 0.1002 0.1264 0.0050  0.0163  -0.0146 777  GLY A N   
377 C CA  . GLY A 55 ? 0.1269 0.1145 0.1397 0.0258  0.0226  -0.0339 777  GLY A CA  
378 C C   . GLY A 55 ? 0.1243 0.0982 0.1335 0.0007  0.0133  -0.0320 777  GLY A C   
379 O O   . GLY A 55 ? 0.1192 0.1452 0.1311 0.0007  -0.0001 -0.0382 777  GLY A O   
380 N N   . ASP A 56 ? 0.1242 0.1061 0.0996 0.0184  -0.0167 -0.0261 778  ASP A N   
381 C CA  . ASP A 56 ? 0.1407 0.0990 0.0808 0.0046  0.0025  -0.0028 778  ASP A CA  
382 C C   . ASP A 56 ? 0.1190 0.1044 0.1049 0.0183  0.0094  -0.0069 778  ASP A C   
383 O O   . ASP A 56 ? 0.1311 0.1119 0.1061 0.0035  0.0085  0.0065  778  ASP A O   
384 C CB  . ASP A 56 ? 0.1376 0.0989 0.1004 0.0179  -0.0037 -0.0056 778  ASP A CB  
385 C CG  . ASP A 56 ? 0.1214 0.1249 0.1028 0.0246  0.0016  -0.0157 778  ASP A CG  
386 O OD1 . ASP A 56 ? 0.1247 0.1198 0.1119 0.0044  0.0084  0.0149  778  ASP A OD1 
387 O OD2 . ASP A 56 ? 0.1312 0.1148 0.1216 0.0069  0.0053  -0.0007 778  ASP A OD2 
388 N N   . LYS A 57 ? 0.1408 0.1018 0.0890 -0.0057 -0.0033 -0.0059 779  LYS A N   
389 C CA  . LYS A 57 ? 0.1323 0.1269 0.1087 -0.0039 0.0078  -0.0110 779  LYS A CA  
390 C C   . LYS A 57 ? 0.1670 0.1085 0.1357 -0.0191 0.0099  -0.0232 779  LYS A C   
391 O O   . LYS A 57 ? 0.1741 0.1103 0.1239 0.0041  0.0348  -0.0099 779  LYS A O   
392 C CB  . LYS A 57 ? 0.1430 0.1391 0.1467 -0.0158 0.0250  -0.0582 779  LYS A CB  
393 C CG  . LYS A 57 ? 0.1866 0.1750 0.2687 -0.0612 0.0244  -0.0652 779  LYS A CG  
394 C CD  . LYS A 57 ? 0.2324 0.3171 0.3034 -0.0716 -0.0333 -0.0966 779  LYS A CD  
395 C CE  . LYS A 57 ? 0.3438 0.3440 0.2452 -0.0059 -0.0074 0.0511  779  LYS A CE  
396 N NZ  . LYS A 57 ? 0.2623 0.3473 0.2248 -0.0197 -0.0388 0.0111  779  LYS A NZ  
397 N N   . LEU A 58 ? 0.2008 0.1050 0.0910 0.0019  0.0202  -0.0296 780  LEU A N   
398 C CA  . LEU A 58 ? 0.2169 0.1056 0.1176 -0.0230 0.0339  -0.0187 780  LEU A CA  
399 C C   . LEU A 58 ? 0.1765 0.1101 0.1518 -0.0252 0.0405  -0.0166 780  LEU A C   
400 O O   . LEU A 58 ? 0.2184 0.1512 0.1276 -0.0487 0.0474  -0.0366 780  LEU A O   
401 C CB  . LEU A 58 ? 0.1966 0.1346 0.1601 -0.0086 0.0443  -0.0253 780  LEU A CB  
402 C CG  . LEU A 58 ? 0.2225 0.1174 0.1375 0.0062  0.0251  -0.0299 780  LEU A CG  
403 C CD1 . LEU A 58 ? 0.2204 0.1651 0.1543 0.0161  0.0515  -0.0268 780  LEU A CD1 
404 C CD2 . LEU A 58 ? 0.2472 0.1377 0.1840 -0.0015 0.0264  0.0008  780  LEU A CD2 
405 N N   . LEU A 59 ? 0.1930 0.1213 0.1238 -0.0077 0.0396  -0.0206 781  LEU A N   
406 C CA  . LEU A 59 ? 0.1761 0.1326 0.1558 -0.0023 0.0205  -0.0227 781  LEU A CA  
407 C C   . LEU A 59 ? 0.1889 0.1190 0.1054 -0.0074 0.0120  -0.0255 781  LEU A C   
408 O O   . LEU A 59 ? 0.2238 0.1576 0.1550 -0.0451 0.0268  -0.0508 781  LEU A O   
409 C CB  . LEU A 59 ? 0.1890 0.1464 0.1247 0.0004  0.0035  -0.0285 781  LEU A CB  
410 C CG  . LEU A 59 ? 0.2555 0.1725 0.1966 0.0255  0.0196  -0.0157 781  LEU A CG  
411 C CD1 . LEU A 59 ? 0.2818 0.2072 0.1910 0.0192  -0.0098 -0.0124 781  LEU A CD1 
412 C CD2 . LEU A 59 ? 0.2702 0.2149 0.2736 -0.0004 -0.0138 0.0005  781  LEU A CD2 
413 N N   . GLU A 60 ? 0.2248 0.1262 0.1494 0.0053  0.0166  -0.0287 782  GLU A N   
414 C CA  . GLU A 60 ? 0.2085 0.1210 0.1371 0.0043  0.0433  -0.0297 782  GLU A CA  
415 C C   . GLU A 60 ? 0.2019 0.1657 0.1677 -0.0063 0.0599  -0.0028 782  GLU A C   
416 O O   . GLU A 60 ? 0.2267 0.1340 0.1487 -0.0098 0.0600  -0.0156 782  GLU A O   
417 C CB  . GLU A 60 ? 0.2869 0.1214 0.1459 -0.0091 0.0213  -0.0440 782  GLU A CB  
418 C CG  . GLU A 60 ? 0.2125 0.1825 0.1676 0.0030  0.0151  -0.0289 782  GLU A CG  
419 C CD  . GLU A 60 ? 0.2313 0.2712 0.1424 0.0414  0.0383  -0.0085 782  GLU A CD  
420 O OE1 . GLU A 60 ? 0.2976 0.3503 0.1636 0.0161  0.0093  -0.0441 782  GLU A OE1 
421 O OE2 . GLU A 60 ? 0.3102 0.2197 0.1926 0.0386  0.0377  -0.0246 782  GLU A OE2 
422 N N   . VAL A 61 ? 0.2550 0.1228 0.1396 -0.0140 0.0415  -0.0117 783  VAL A N   
423 C CA  . VAL A 61 ? 0.2194 0.1326 0.1562 -0.0013 0.0495  -0.0301 783  VAL A CA  
424 C C   . VAL A 61 ? 0.2132 0.1405 0.1983 -0.0072 0.0469  -0.0277 783  VAL A C   
425 O O   . VAL A 61 ? 0.2590 0.1295 0.1668 -0.0093 0.0435  -0.0261 783  VAL A O   
426 C CB  . VAL A 61 ? 0.2206 0.1497 0.1498 0.0083  0.0349  -0.0067 783  VAL A CB  
427 C CG1 . VAL A 61 ? 0.2480 0.1687 0.2239 0.0037  0.0254  -0.0024 783  VAL A CG1 
428 C CG2 . VAL A 61 ? 0.2450 0.1712 0.1693 0.0234  0.0578  -0.0425 783  VAL A CG2 
429 N N   . ASN A 62 ? 0.2283 0.1403 0.1974 0.0251  0.0587  -0.0207 784  ASN A N   
430 C CA  . ASN A 62 ? 0.2253 0.1666 0.2010 0.0353  0.0385  -0.0283 784  ASN A CA  
431 C C   . ASN A 62 ? 0.2575 0.1795 0.1760 0.0459  0.0474  -0.0202 784  ASN A C   
432 O O   . ASN A 62 ? 0.3282 0.1548 0.2273 0.0285  0.0286  -0.0495 784  ASN A O   
433 C CB  . ASN A 62 ? 0.2602 0.1336 0.2029 0.0348  0.0445  -0.0190 784  ASN A CB  
434 C CG  . ASN A 62 ? 0.2242 0.1381 0.1788 0.0384  0.0572  -0.0313 784  ASN A CG  
435 O OD1 . ASN A 62 ? 0.2489 0.1750 0.2569 0.0096  0.0440  0.0019  784  ASN A OD1 
436 N ND2 . ASN A 62 ? 0.3100 0.2163 0.2141 0.0644  -0.0109 0.0047  784  ASN A ND2 
437 N N   . GLY A 63 ? 0.2800 0.1778 0.1866 0.0366  0.0412  -0.0213 785  GLY A N   
438 C CA  . GLY A 63 ? 0.2914 0.1932 0.1739 0.0221  0.0411  -0.0170 785  GLY A CA  
439 C C   . GLY A 63 ? 0.3154 0.1709 0.1831 0.0000  0.0130  -0.0529 785  GLY A C   
440 O O   . GLY A 63 ? 0.3707 0.2439 0.1827 -0.0480 0.0010  -0.0355 785  GLY A O   
441 N N   . VAL A 64 ? 0.3087 0.1399 0.1607 0.0037  0.0298  -0.0505 786  VAL A N   
442 C CA  . VAL A 64 ? 0.2668 0.1713 0.1961 0.0081  0.0066  -0.0278 786  VAL A CA  
443 C C   . VAL A 64 ? 0.2789 0.1577 0.1721 0.0136  0.0065  -0.0363 786  VAL A C   
444 O O   . VAL A 64 ? 0.2849 0.1397 0.1843 -0.0211 0.0182  -0.0379 786  VAL A O   
445 C CB  . VAL A 64 ? 0.2779 0.1917 0.1835 0.0016  -0.0003 0.0042  786  VAL A CB  
446 C CG1 . VAL A 64 ? 0.2762 0.1989 0.2354 -0.0388 0.0053  0.0172  786  VAL A CG1 
447 C CG2 . VAL A 64 ? 0.3380 0.1632 0.2821 0.0137  -0.0398 -0.0315 786  VAL A CG2 
448 N N   . ALA A 65 ? 0.2466 0.1342 0.1748 0.0099  0.0331  -0.0506 787  ALA A N   
449 C CA  . ALA A 65 ? 0.2637 0.1713 0.1759 0.0092  0.0299  -0.0257 787  ALA A CA  
450 C C   . ALA A 65 ? 0.2488 0.1726 0.1917 -0.0006 0.0610  -0.0131 787  ALA A C   
451 O O   . ALA A 65 ? 0.3245 0.1857 0.2362 -0.0389 0.0240  -0.0439 787  ALA A O   
452 C CB  . ALA A 65 ? 0.2956 0.2197 0.2283 0.0589  0.0012  -0.0514 787  ALA A CB  
453 N N   . LEU A 66 ? 0.2182 0.1458 0.1620 0.0085  0.0398  -0.0385 788  LEU A N   
454 C CA  . LEU A 66 ? 0.2058 0.1771 0.1714 -0.0183 0.0310  -0.0263 788  LEU A CA  
455 C C   . LEU A 66 ? 0.2062 0.2008 0.1733 -0.0516 0.0240  -0.0249 788  LEU A C   
456 O O   . LEU A 66 ? 0.2129 0.2365 0.1990 -0.0462 0.0488  -0.0525 788  LEU A O   
457 C CB  . LEU A 66 ? 0.2061 0.1652 0.1536 -0.0122 0.0445  -0.0404 788  LEU A CB  
458 C CG  . LEU A 66 ? 0.2328 0.2276 0.1600 0.0211  0.0351  -0.0207 788  LEU A CG  
459 C CD1 . LEU A 66 ? 0.2292 0.2726 0.1682 0.0098  0.0119  -0.0273 788  LEU A CD1 
460 C CD2 . LEU A 66 ? 0.3009 0.2268 0.3034 0.0364  -0.0271 0.0045  788  LEU A CD2 
461 N N   . GLN A 67 ? 0.2459 0.2124 0.1752 -0.0242 0.0127  -0.0081 789  GLN A N   
462 C CA  . GLN A 67 ? 0.2455 0.2726 0.2262 -0.0264 -0.0025 -0.0267 789  GLN A CA  
463 C C   . GLN A 67 ? 0.2304 0.2733 0.2239 -0.0112 -0.0064 -0.0245 789  GLN A C   
464 O O   . GLN A 67 ? 0.3062 0.2702 0.1733 -0.0464 0.0081  -0.0297 789  GLN A O   
465 C CB  . GLN A 67 ? 0.2643 0.2811 0.2479 -0.0092 -0.0095 -0.0125 789  GLN A CB  
466 C CG  . GLN A 67 ? 0.3214 0.3622 0.3132 -0.0142 -0.0346 -0.0033 789  GLN A CG  
467 C CD  . GLN A 67 ? 0.4601 0.4396 0.3929 0.0005  -0.0089 0.0405  789  GLN A CD  
468 O OE1 . GLN A 67 ? 0.6035 0.5489 0.5429 -0.0002 -0.0104 -0.0380 789  GLN A OE1 
469 N NE2 . GLN A 67 ? 0.4391 0.3566 0.3446 -0.0210 -0.0277 0.0300  789  GLN A NE2 
470 N N   . GLY A 68 ? 0.2372 0.2799 0.2165 -0.0401 0.0021  -0.0280 790  GLY A N   
471 C CA  . GLY A 68 ? 0.2436 0.3204 0.2372 -0.0310 0.0171  -0.0053 790  GLY A CA  
472 C C   . GLY A 68 ? 0.2325 0.3108 0.2125 -0.0489 0.0102  -0.0031 790  GLY A C   
473 O O   . GLY A 68 ? 0.3139 0.3502 0.2037 -0.0900 0.0137  -0.0543 790  GLY A O   
474 N N   . ALA A 69 ? 0.2201 0.3018 0.1580 -0.0566 0.0093  -0.0626 791  ALA A N   
475 C CA  . ALA A 69 ? 0.2281 0.2117 0.1740 -0.0557 0.0252  -0.0236 791  ALA A CA  
476 C C   . ALA A 69 ? 0.2156 0.2018 0.1919 -0.0262 0.0245  -0.0321 791  ALA A C   
477 O O   . ALA A 69 ? 0.2121 0.2675 0.1597 -0.0455 0.0311  -0.0692 791  ALA A O   
478 C CB  . ALA A 69 ? 0.2451 0.2656 0.2062 -0.0176 0.0286  -0.0370 791  ALA A CB  
479 N N   . GLU A 70 ? 0.1984 0.1696 0.1810 -0.0552 0.0161  -0.0434 792  GLU A N   
480 C CA  . GLU A 70 ? 0.2057 0.2096 0.1725 -0.0381 0.0315  -0.0477 792  GLU A CA  
481 C C   . GLU A 70 ? 0.1995 0.1931 0.1277 -0.0454 0.0232  -0.0360 792  GLU A C   
482 O O   . GLU A 70 ? 0.1888 0.1793 0.1622 -0.0426 0.0416  -0.0345 792  GLU A O   
483 C CB  . GLU A 70 ? 0.3062 0.2578 0.1974 -0.0555 0.0664  -0.0450 792  GLU A CB  
484 C CG  . GLU A 70 ? 0.3714 0.3467 0.3451 -0.0613 0.0584  -0.0300 792  GLU A CG  
485 C CD  . GLU A 70 ? 0.5060 0.3933 0.2633 -0.0294 -0.0106 0.0014  792  GLU A CD  
486 O OE1 . GLU A 70 ? 0.3892 0.3159 0.4261 -0.0230 0.1494  0.1370  792  GLU A OE1 
487 O OE2 . GLU A 70 ? 0.5446 0.5861 0.5368 -0.0235 -0.0150 -0.0222 792  GLU A OE2 
488 N N   . HIS A 71 ? 0.1407 0.1863 0.1540 -0.0384 0.0189  -0.0397 793  HIS A N   
489 C CA  . HIS A 71 ? 0.1491 0.1604 0.1429 -0.0256 0.0148  -0.0211 793  HIS A CA  
490 C C   . HIS A 71 ? 0.1500 0.1585 0.1174 -0.0415 0.0069  0.0018  793  HIS A C   
491 O O   . HIS A 71 ? 0.1572 0.1513 0.1551 -0.0121 0.0105  -0.0165 793  HIS A O   
492 C CB  . HIS A 71 ? 0.1656 0.1661 0.1218 -0.0299 0.0302  -0.0188 793  HIS A CB  
493 C CG  . HIS A 71 ? 0.1526 0.1504 0.1173 -0.0114 0.0110  0.0013  793  HIS A CG  
494 N ND1 . HIS A 71 ? 0.1499 0.1797 0.1312 -0.0295 -0.0069 -0.0159 793  HIS A ND1 
495 C CD2 . HIS A 71 ? 0.1488 0.1552 0.1505 -0.0229 0.0284  -0.0116 793  HIS A CD2 
496 C CE1 . HIS A 71 ? 0.1864 0.1613 0.1351 -0.0457 0.0028  -0.0104 793  HIS A CE1 
497 N NE2 . HIS A 71 ? 0.1911 0.1610 0.1436 -0.0268 0.0293  -0.0152 793  HIS A NE2 
498 N N   . HIS A 72 ? 0.1944 0.1718 0.1627 -0.0438 0.0046  -0.0070 794  HIS A N   
499 C CA  . HIS A 72 ? 0.2520 0.1738 0.1698 -0.0314 0.0295  -0.0026 794  HIS A CA  
500 C C   . HIS A 72 ? 0.2300 0.1560 0.2138 -0.0106 0.0239  0.0104  794  HIS A C   
501 O O   . HIS A 72 ? 0.2385 0.1523 0.1839 -0.0190 0.0214  0.0030  794  HIS A O   
502 C CB  . HIS A 72 ? 0.3323 0.2400 0.1712 -0.0411 0.0332  0.0159  794  HIS A CB  
503 C CG  A HIS A 72 ? 0.3189 0.2588 0.2561 0.0061  0.0272  -0.0117 794  HIS A CG  
504 C CG  B HIS A 72 ? 0.2954 0.2131 0.2089 -0.0015 0.0370  -0.0135 794  HIS A CG  
505 N ND1 A HIS A 72 ? 0.2507 0.2799 0.3122 -0.0184 0.0290  -0.0407 794  HIS A ND1 
506 N ND1 B HIS A 72 ? 0.2395 0.2405 0.2077 0.0291  0.0075  0.0135  794  HIS A ND1 
507 C CD2 A HIS A 72 ? 0.3256 0.3212 0.2522 0.0200  0.0222  0.0061  794  HIS A CD2 
508 C CD2 B HIS A 72 ? 0.2916 0.2347 0.2829 0.0246  0.0547  0.0173  794  HIS A CD2 
509 C CE1 A HIS A 72 ? 0.3898 0.3326 0.3644 -0.0018 -0.0187 0.0177  794  HIS A CE1 
510 C CE1 B HIS A 72 ? 0.1869 0.2277 0.2129 0.0425  0.0231  0.0355  794  HIS A CE1 
511 N NE2 A HIS A 72 ? 0.4426 0.3283 0.3569 -0.0038 -0.0122 0.0038  794  HIS A NE2 
512 N NE2 B HIS A 72 ? 0.4221 0.3209 0.3160 0.0113  -0.0169 -0.0224 794  HIS A NE2 
513 N N   . GLU A 73 ? 0.2262 0.1787 0.2212 -0.0033 -0.0090 -0.0244 795  GLU A N   
514 C CA  . GLU A 73 ? 0.2259 0.2045 0.1945 -0.0148 0.0096  -0.0234 795  GLU A CA  
515 C C   . GLU A 73 ? 0.2275 0.1643 0.1546 0.0192  0.0130  -0.0097 795  GLU A C   
516 O O   . GLU A 73 ? 0.2282 0.1655 0.1958 0.0231  -0.0041 -0.0362 795  GLU A O   
517 C CB  . GLU A 73 ? 0.2731 0.2654 0.2397 0.0276  -0.0137 -0.0596 795  GLU A CB  
518 C CG  . GLU A 73 ? 0.3965 0.3771 0.3829 -0.0097 0.0317  -0.0512 795  GLU A CG  
519 C CD  . GLU A 73 ? 0.4655 0.4666 0.4560 0.0144  -0.0238 -0.0177 795  GLU A CD  
520 O OE1 . GLU A 73 ? 0.6234 0.5749 0.5602 0.0138  -0.0111 -0.0728 795  GLU A OE1 
521 O OE2 . GLU A 73 ? 0.3858 0.2587 0.3705 -0.0778 0.0144  -0.0652 795  GLU A OE2 
522 N N   . ALA A 74 ? 0.2295 0.1709 0.1339 0.0150  -0.0071 -0.0311 796  ALA A N   
523 C CA  . ALA A 74 ? 0.2227 0.1660 0.1325 0.0223  0.0099  -0.0072 796  ALA A CA  
524 C C   . ALA A 74 ? 0.1764 0.1163 0.1281 0.0280  0.0358  0.0246  796  ALA A C   
525 O O   . ALA A 74 ? 0.2126 0.1466 0.1153 0.0124  0.0371  -0.0028 796  ALA A O   
526 C CB  . ALA A 74 ? 0.2545 0.1662 0.1469 0.0388  0.0004  -0.0043 796  ALA A CB  
527 N N   . VAL A 75 ? 0.1816 0.1427 0.1121 -0.0077 0.0097  -0.0059 797  VAL A N   
528 C CA  . VAL A 75 ? 0.1836 0.1570 0.1210 -0.0065 0.0259  -0.0154 797  VAL A CA  
529 C C   . VAL A 75 ? 0.1906 0.1744 0.1121 -0.0217 0.0200  0.0080  797  VAL A C   
530 O O   . VAL A 75 ? 0.2086 0.1753 0.1497 0.0203  0.0121  -0.0024 797  VAL A O   
531 C CB  . VAL A 75 ? 0.2029 0.1856 0.1239 -0.0315 0.0393  -0.0156 797  VAL A CB  
532 C CG1 . VAL A 75 ? 0.2286 0.2037 0.1003 -0.0020 0.0081  -0.0075 797  VAL A CG1 
533 C CG2 . VAL A 75 ? 0.1805 0.1653 0.1578 0.0182  0.0116  -0.0347 797  VAL A CG2 
534 N N   . GLU A 76 ? 0.2363 0.1583 0.1758 0.0033  0.0117  0.0130  798  GLU A N   
535 C CA  . GLU A 76 ? 0.2548 0.1832 0.2291 0.0152  0.0189  0.0271  798  GLU A CA  
536 C C   . GLU A 76 ? 0.2205 0.1551 0.1784 0.0189  0.0016  0.0014  798  GLU A C   
537 O O   . GLU A 76 ? 0.2352 0.1692 0.2084 0.0257  0.0002  0.0000  798  GLU A O   
538 C CB  . GLU A 76 ? 0.3050 0.1887 0.2524 0.0143  0.0130  0.0063  798  GLU A CB  
539 C CG  . GLU A 76 ? 0.3534 0.2890 0.3638 0.0161  0.0522  0.0507  798  GLU A CG  
540 C CD  . GLU A 76 ? 0.4790 0.4700 0.5402 -0.0358 -0.0175 0.0129  798  GLU A CD  
541 O OE1 . GLU A 76 ? 0.5511 0.4902 0.5000 -0.0279 0.0101  0.0078  798  GLU A OE1 
542 O OE2 . GLU A 76 ? 0.6199 0.5869 0.5995 -0.0298 0.0356  0.0614  798  GLU A OE2 
543 N N   . ALA A 77 ? 0.1977 0.1515 0.1977 0.0406  0.0075  -0.0047 799  ALA A N   
544 C CA  . ALA A 77 ? 0.2223 0.1517 0.1780 0.0392  0.0272  -0.0276 799  ALA A CA  
545 C C   . ALA A 77 ? 0.2283 0.1750 0.1410 0.0187  0.0198  -0.0133 799  ALA A C   
546 O O   . ALA A 77 ? 0.2335 0.1628 0.1993 0.0259  0.0383  -0.0005 799  ALA A O   
547 C CB  . ALA A 77 ? 0.2402 0.1983 0.1743 0.0208  -0.0200 -0.0083 799  ALA A CB  
548 N N   . LEU A 78 ? 0.2293 0.1602 0.1318 0.0263  0.0328  -0.0076 800  LEU A N   
549 C CA  . LEU A 78 ? 0.1931 0.1611 0.1324 0.0359  0.0125  -0.0057 800  LEU A CA  
550 C C   . LEU A 78 ? 0.2003 0.1572 0.1698 -0.0023 0.0124  0.0216  800  LEU A C   
551 O O   . LEU A 78 ? 0.2096 0.1905 0.1836 0.0345  0.0189  0.0171  800  LEU A O   
552 C CB  . LEU A 78 ? 0.2183 0.1477 0.1451 0.0195  0.0429  -0.0168 800  LEU A CB  
553 C CG  . LEU A 78 ? 0.1990 0.1111 0.1434 0.0174  0.0250  0.0094  800  LEU A CG  
554 C CD1 . LEU A 78 ? 0.2065 0.1629 0.1970 0.0391  0.0572  0.0077  800  LEU A CD1 
555 C CD2 . LEU A 78 ? 0.2405 0.1692 0.1599 -0.0007 0.0359  0.0255  800  LEU A CD2 
556 N N   . ARG A 79 ? 0.2047 0.1743 0.1545 0.0376  0.0166  0.0290  801  ARG A N   
557 C CA  . ARG A 79 ? 0.2057 0.2127 0.1997 0.0349  -0.0057 0.0376  801  ARG A CA  
558 C C   . ARG A 79 ? 0.2046 0.2322 0.2134 0.0178  0.0284  0.0159  801  ARG A C   
559 O O   . ARG A 79 ? 0.2423 0.2423 0.2138 0.0281  0.0315  0.0267  801  ARG A O   
560 C CB  . ARG A 79 ? 0.2604 0.2113 0.2321 0.0244  0.0326  0.0501  801  ARG A CB  
561 C CG  . ARG A 79 ? 0.2916 0.2580 0.2350 0.0326  -0.0030 0.0168  801  ARG A CG  
562 C CD  . ARG A 79 ? 0.2387 0.2666 0.2430 0.0334  0.0073  0.0455  801  ARG A CD  
563 N NE  . ARG A 79 ? 0.2744 0.2727 0.2853 0.0216  -0.0116 -0.0136 801  ARG A NE  
564 C CZ  . ARG A 79 ? 0.3241 0.3211 0.3077 0.0090  0.0029  -0.0304 801  ARG A CZ  
565 N NH1 . ARG A 79 ? 0.3401 0.3722 0.2760 0.0324  0.0001  -0.0055 801  ARG A NH1 
566 N NH2 . ARG A 79 ? 0.3248 0.3702 0.2749 0.0323  -0.0140 -0.0461 801  ARG A NH2 
567 N N   . GLY A 80 ? 0.2173 0.1771 0.1854 0.0440  0.0119  0.0321  802  GLY A N   
568 C CA  . GLY A 80 ? 0.2354 0.1587 0.2247 0.0179  0.0259  0.0361  802  GLY A CA  
569 C C   . GLY A 80 ? 0.2529 0.1770 0.2242 0.0042  0.0373  0.0253  802  GLY A C   
570 O O   . GLY A 80 ? 0.3057 0.1849 0.2362 0.0274  0.0479  0.0037  802  GLY A O   
571 N N   . ALA A 81 ? 0.2792 0.1553 0.1919 0.0129  0.0099  0.0296  803  ALA A N   
572 C CA  . ALA A 81 ? 0.2653 0.1800 0.1850 0.0109  -0.0002 0.0200  803  ALA A CA  
573 C C   . ALA A 81 ? 0.2871 0.2102 0.2013 0.0441  0.0444  0.0206  803  ALA A C   
574 O O   . ALA A 81 ? 0.3384 0.2085 0.1758 0.0521  0.0573  0.0224  803  ALA A O   
575 C CB  . ALA A 81 ? 0.2457 0.1918 0.1881 0.0300  0.0065  0.0461  803  ALA A CB  
576 N N   . GLY A 82 ? 0.2547 0.2009 0.2169 0.0299  0.0305  0.0231  804  GLY A N   
577 C CA  . GLY A 82 ? 0.2570 0.2326 0.2252 0.0271  0.0525  0.0109  804  GLY A CA  
578 C C   . GLY A 82 ? 0.2280 0.2243 0.2393 0.0478  0.0543  0.0209  804  GLY A C   
579 O O   . GLY A 82 ? 0.2451 0.1956 0.2704 0.0444  0.0494  0.0273  804  GLY A O   
580 N N   . THR A 83 ? 0.2400 0.2139 0.3174 0.0395  0.0329  0.0153  805  THR A N   
581 C CA  . THR A 83 ? 0.2495 0.2228 0.2945 0.0406  0.0301  0.0248  805  THR A CA  
582 C C   . THR A 83 ? 0.1999 0.2334 0.2143 0.0301  0.0343  0.0274  805  THR A C   
583 O O   . THR A 83 ? 0.2701 0.2441 0.2681 0.0468  0.0074  0.0254  805  THR A O   
584 C CB  . THR A 83 ? 0.2638 0.3085 0.3218 0.0229  0.0189  0.0442  805  THR A CB  
585 O OG1 . THR A 83 ? 0.3367 0.3780 0.3836 0.0686  0.0273  -0.0039 805  THR A OG1 
586 C CG2 . THR A 83 ? 0.3688 0.3501 0.3683 0.0120  -0.0313 0.0486  805  THR A CG2 
587 N N   . ALA A 84 ? 0.2061 0.2057 0.2316 0.0531  0.0159  0.0106  806  ALA A N   
588 C CA  . ALA A 84 ? 0.1963 0.1743 0.2644 0.0073  0.0251  0.0209  806  ALA A CA  
589 C C   . ALA A 84 ? 0.1862 0.2220 0.2425 0.0225  0.0181  0.0285  806  ALA A C   
590 O O   . ALA A 84 ? 0.1810 0.2129 0.3099 0.0387  0.0265  0.0006  806  ALA A O   
591 C CB  . ALA A 84 ? 0.1843 0.2655 0.2835 0.0158  0.0479  -0.0021 806  ALA A CB  
592 N N   . VAL A 85 ? 0.1999 0.1889 0.2621 0.0210  0.0226  0.0520  807  VAL A N   
593 C CA  . VAL A 85 ? 0.2195 0.2057 0.2264 0.0143  0.0208  0.0396  807  VAL A CA  
594 C C   . VAL A 85 ? 0.1679 0.1624 0.2480 0.0189  0.0206  0.0178  807  VAL A C   
595 O O   . VAL A 85 ? 0.1929 0.1670 0.2853 0.0000  -0.0004 0.0524  807  VAL A O   
596 C CB  . VAL A 85 ? 0.1846 0.1509 0.2717 0.0144  0.0258  0.0607  807  VAL A CB  
597 C CG1 . VAL A 85 ? 0.1527 0.2163 0.2936 0.0004  0.0201  0.0343  807  VAL A CG1 
598 C CG2 . VAL A 85 ? 0.2295 0.2204 0.2931 0.0173  0.0123  0.0964  807  VAL A CG2 
599 N N   . GLN A 86 ? 0.1671 0.1360 0.2079 0.0359  0.0669  0.0354  808  GLN A N   
600 C CA  . GLN A 86 ? 0.1854 0.1941 0.1787 0.0149  0.0707  0.0072  808  GLN A CA  
601 C C   . GLN A 86 ? 0.1788 0.1486 0.1794 0.0137  0.0650  0.0110  808  GLN A C   
602 O O   . GLN A 86 ? 0.1787 0.1295 0.2505 0.0089  0.0752  -0.0160 808  GLN A O   
603 C CB  . GLN A 86 ? 0.2130 0.2230 0.2088 0.0032  0.0352  0.0130  808  GLN A CB  
604 C CG  . GLN A 86 ? 0.2132 0.1954 0.2212 0.0104  0.0396  -0.0230 808  GLN A CG  
605 C CD  . GLN A 86 ? 0.2214 0.2112 0.1938 -0.0014 0.0270  -0.0304 808  GLN A CD  
606 O OE1 . GLN A 86 ? 0.2000 0.2602 0.1988 -0.0033 0.0156  -0.0226 808  GLN A OE1 
607 N NE2 . GLN A 86 ? 0.2385 0.2136 0.1849 0.0472  0.0774  -0.0195 808  GLN A NE2 
608 N N   . MET A 87 ? 0.1578 0.1320 0.2063 0.0319  0.0492  0.0045  809  MET A N   
609 C CA  . MET A 87 ? 0.1859 0.1715 0.1751 0.0286  0.0573  0.0208  809  MET A CA  
610 C C   . MET A 87 ? 0.1929 0.1614 0.1426 0.0289  0.0493  0.0049  809  MET A C   
611 O O   . MET A 87 ? 0.1956 0.2182 0.1857 -0.0221 0.0460  0.0498  809  MET A O   
612 C CB  . MET A 87 ? 0.2019 0.1821 0.2165 0.0593  0.0689  0.0173  809  MET A CB  
613 C CG  A MET A 87 ? 0.2666 0.2312 0.2110 0.0307  0.0533  -0.0096 809  MET A CG  
614 C CG  B MET A 87 ? 0.3447 0.3318 0.2868 0.0211  0.0069  0.0002  809  MET A CG  
615 S SD  A MET A 87 ? 0.2410 0.1673 0.1954 0.0200  0.0362  -0.0197 809  MET A SD  
616 S SD  B MET A 87 ? 0.3000 0.3116 0.2833 0.0170  -0.0052 -0.0054 809  MET A SD  
617 C CE  A MET A 87 ? 0.2600 0.2209 0.2627 -0.0477 -0.0298 0.0404  809  MET A CE  
618 C CE  B MET A 87 ? 0.1522 0.2046 0.1860 -0.0473 -0.0133 0.0670  809  MET A CE  
619 N N   . ARG A 88 ? 0.2129 0.0934 0.1325 0.0044  0.0723  0.0040  810  ARG A N   
620 C CA  . ARG A 88 ? 0.1726 0.1102 0.1433 0.0044  0.0609  -0.0146 810  ARG A CA  
621 C C   . ARG A 88 ? 0.2083 0.1005 0.1078 0.0074  0.0416  0.0092  810  ARG A C   
622 O O   . ARG A 88 ? 0.1933 0.1019 0.1120 -0.0057 0.0532  -0.0202 810  ARG A O   
623 C CB  . ARG A 88 ? 0.2030 0.1518 0.1505 0.0050  0.0340  -0.0075 810  ARG A CB  
624 C CG  . ARG A 88 ? 0.2252 0.2194 0.1993 0.0227  0.0643  -0.0175 810  ARG A CG  
625 C CD  . ARG A 88 ? 0.1996 0.2745 0.1971 0.0042  0.0287  -0.0320 810  ARG A CD  
626 N NE  . ARG A 88 ? 0.2267 0.2413 0.2473 0.0409  0.0552  -0.0206 810  ARG A NE  
627 C CZ  . ARG A 88 ? 0.2269 0.2487 0.1893 -0.0193 0.0209  -0.0229 810  ARG A CZ  
628 N NH1 . ARG A 88 ? 0.2356 0.2100 0.2714 0.0136  0.0506  -0.0326 810  ARG A NH1 
629 N NH2 . ARG A 88 ? 0.2211 0.2276 0.1799 0.0040  0.0396  -0.0307 810  ARG A NH2 
630 N N   . VAL A 89 ? 0.2166 0.0965 0.1286 0.0106  0.0561  -0.0170 811  VAL A N   
631 C CA  . VAL A 89 ? 0.1768 0.1150 0.1301 0.0177  0.0431  -0.0161 811  VAL A CA  
632 C C   . VAL A 89 ? 0.2188 0.1101 0.1308 0.0001  0.0456  0.0022  811  VAL A C   
633 O O   . VAL A 89 ? 0.2308 0.1340 0.1284 0.0153  0.0516  -0.0080 811  VAL A O   
634 C CB  . VAL A 89 ? 0.1886 0.1155 0.1395 0.0049  0.0352  -0.0192 811  VAL A CB  
635 C CG1 . VAL A 89 ? 0.1927 0.1466 0.1467 0.0120  0.0459  -0.0256 811  VAL A CG1 
636 C CG2 . VAL A 89 ? 0.2415 0.1288 0.1929 -0.0165 0.0460  -0.0362 811  VAL A CG2 
637 N N   . TRP A 90 ? 0.1857 0.1223 0.1219 -0.0026 0.0309  -0.0004 812  TRP A N   
638 C CA  . TRP A 90 ? 0.1978 0.1156 0.1248 -0.0028 0.0100  -0.0140 812  TRP A CA  
639 C C   . TRP A 90 ? 0.1739 0.1163 0.0897 0.0141  -0.0050 -0.0063 812  TRP A C   
640 O O   . TRP A 90 ? 0.1958 0.1288 0.1093 -0.0080 0.0160  0.0061  812  TRP A O   
641 C CB  . TRP A 90 ? 0.2150 0.1889 0.1541 -0.0081 0.0028  0.0108  812  TRP A CB  
642 C CG  . TRP A 90 ? 0.2197 0.2484 0.1978 -0.0505 -0.0401 -0.0136 812  TRP A CG  
643 C CD1 . TRP A 90 ? 0.1999 0.2909 0.1736 -0.0009 -0.0413 0.0425  812  TRP A CD1 
644 C CD2 . TRP A 90 ? 0.2206 0.2584 0.2756 -0.0801 -0.0077 0.0209  812  TRP A CD2 
645 N NE1 . TRP A 90 ? 0.2551 0.2434 0.3086 -0.0032 -0.0202 0.0250  812  TRP A NE1 
646 C CE2 . TRP A 90 ? 0.1558 0.2296 0.2495 -0.0642 -0.0285 0.0437  812  TRP A CE2 
647 C CE3 . TRP A 90 ? 0.2821 0.2908 0.2776 -0.0596 -0.0136 0.0070  812  TRP A CE3 
648 C CZ2 . TRP A 90 ? 0.2187 0.3652 0.2699 -0.0183 -0.0648 0.0407  812  TRP A CZ2 
649 C CZ3 . TRP A 90 ? 0.1810 0.3114 0.3113 -0.0633 -0.0515 0.0076  812  TRP A CZ3 
650 C CH2 . TRP A 90 ? 0.2810 0.3148 0.2409 -0.0331 -0.0229 0.0215  812  TRP A CH2 
651 N N   . ARG A 91 ? 0.1585 0.1248 0.0814 0.0109  0.0169  0.0012  813  ARG A N   
652 C CA  . ARG A 91 ? 0.1525 0.1210 0.1163 0.0112  -0.0114 -0.0163 813  ARG A CA  
653 C C   . ARG A 91 ? 0.1849 0.1339 0.1101 0.0089  -0.0096 -0.0065 813  ARG A C   
654 O O   . ARG A 91 ? 0.1821 0.1654 0.1175 0.0473  -0.0121 -0.0001 813  ARG A O   
655 C CB  . ARG A 91 ? 0.1540 0.0974 0.1179 0.0135  -0.0122 -0.0063 813  ARG A CB  
656 C CG  . ARG A 91 ? 0.1232 0.1128 0.1402 0.0145  0.0039  0.0170  813  ARG A CG  
657 C CD  . ARG A 91 ? 0.1554 0.1068 0.1539 -0.0126 0.0041  0.0078  813  ARG A CD  
658 N NE  . ARG A 91 ? 0.1239 0.1320 0.1108 0.0123  0.0085  0.0094  813  ARG A NE  
659 C CZ  . ARG A 91 ? 0.1232 0.1538 0.1308 -0.0092 0.0020  0.0073  813  ARG A CZ  
660 N NH1 . ARG A 91 ? 0.1434 0.1636 0.1608 0.0096  0.0107  0.0255  813  ARG A NH1 
661 N NH2 . ARG A 91 ? 0.1210 0.1602 0.1353 0.0260  0.0127  0.0196  813  ARG A NH2 
662 N N   . GLU A 92 ? 0.2048 0.1610 0.1528 0.0574  0.0275  0.0000  814  GLU A N   
663 C CA  . GLU A 92 ? 0.1885 0.1820 0.2125 0.0685  -0.0133 -0.0119 814  GLU A CA  
664 C C   . GLU A 92 ? 0.1827 0.1616 0.2080 0.0908  0.0104  0.0037  814  GLU A C   
665 O O   . GLU A 92 ? 0.2770 0.1987 0.2012 0.0712  0.0022  0.0085  814  GLU A O   
666 C CB  . GLU A 92 ? 0.1688 0.2668 0.2729 0.0581  -0.0228 -0.0120 814  GLU A CB  
667 C CG  . GLU A 92 ? 0.2610 0.2771 0.3014 0.0225  -0.0531 -0.0208 814  GLU A CG  
668 C CD  . GLU A 92 ? 0.2417 0.2390 0.2530 0.0063  0.0233  -0.0579 814  GLU A CD  
669 O OE1 . GLU A 92 ? 0.3050 0.3883 0.2717 0.0046  -0.0022 -0.0023 814  GLU A OE1 
670 O OE2 . GLU A 92 ? 0.2607 0.1545 0.2074 -0.0244 0.0179  -0.0080 814  GLU A OE2 
671 N N   . ARG A 93 ? 0.2716 0.1794 0.1932 0.0826  0.0253  -0.0243 815  ARG A N   
672 C CA  . ARG A 93 ? 0.2519 0.2114 0.2081 0.0470  0.0104  -0.0037 815  ARG A CA  
673 C C   . ARG A 93 ? 0.2044 0.1698 0.2194 0.0473  0.0039  0.0143  815  ARG A C   
674 O O   . ARG A 93 ? 0.2015 0.2321 0.2361 0.0354  0.0118  -0.0043 815  ARG A O   
675 C CB  . ARG A 93 ? 0.3128 0.2555 0.2419 0.0438  0.0295  -0.0107 815  ARG A CB  
676 C CG  . ARG A 93 ? 0.4006 0.3910 0.3939 0.0440  0.0352  -0.0680 815  ARG A CG  
677 C CD  . ARG A 93 ? 0.6425 0.5769 0.5254 -0.0188 0.0375  0.0212  815  ARG A CD  
678 N NE  . ARG A 93 ? 0.7030 0.7663 0.7455 0.0201  -0.0099 0.0184  815  ARG A NE  
679 C CZ  . ARG A 93 ? 0.8687 0.8541 0.8443 -0.0213 -0.0043 -0.0197 815  ARG A CZ  
680 N NH1 . ARG A 93 ? 0.9132 0.8968 0.9145 0.0056  0.0043  0.0009  815  ARG A NH1 
681 N NH2 . ARG A 93 ? 0.8859 0.9046 0.8992 0.0056  -0.0063 0.0047  815  ARG A NH2 
682 N N   . GLU A 94 ? 0.1853 0.1298 0.1564 0.0282  0.0119  -0.0018 816  GLU A N   
683 C CA  . GLU A 94 ? 0.1641 0.1238 0.1407 0.0370  0.0034  -0.0310 816  GLU A CA  
684 C C   . GLU A 94 ? 0.1703 0.1133 0.1450 0.0021  -0.0098 -0.0297 816  GLU A C   
685 O O   . GLU A 94 ? 0.2156 0.1273 0.1864 -0.0167 0.0041  -0.0513 816  GLU A O   
686 C CB  . GLU A 94 ? 0.1768 0.1089 0.1429 0.0422  -0.0140 -0.0287 816  GLU A CB  
687 C CG  . GLU A 94 ? 0.2340 0.1561 0.1452 0.0278  0.0019  -0.0306 816  GLU A CG  
688 C CD  . GLU A 94 ? 0.2634 0.1803 0.1962 0.0042  -0.0165 -0.0183 816  GLU A CD  
689 O OE1 . GLU A 94 ? 0.3481 0.2652 0.2046 -0.0172 -0.0797 -0.0125 816  GLU A OE1 
690 O OE2 . GLU A 94 ? 0.2584 0.1622 0.1865 -0.0007 -0.0339 0.0109  816  GLU A OE2 
691 N N   . THR A 95 ? 0.1445 0.1103 0.1330 -0.0004 -0.0090 -0.0165 817  THR A N   
692 C CA  . THR A 95 ? 0.1622 0.0810 0.1563 -0.0075 -0.0112 -0.0356 817  THR A CA  
693 C C   . THR A 95 ? 0.1165 0.1112 0.1394 -0.0055 -0.0128 -0.0135 817  THR A C   
694 O O   . THR A 95 ? 0.1390 0.0930 0.1613 -0.0057 -0.0164 -0.0252 817  THR A O   
695 C CB  . THR A 95 ? 0.2091 0.1255 0.1291 0.0049  -0.0103 -0.0086 817  THR A CB  
696 O OG1 . THR A 95 ? 0.2038 0.1303 0.1702 0.0159  -0.0525 -0.0001 817  THR A OG1 
697 C CG2 . THR A 95 ? 0.2086 0.1477 0.1443 -0.0304 -0.0080 -0.0092 817  THR A CG2 
698 N N   . SER A 96 ? 0.1605 0.0975 0.1616 0.0002  -0.0324 -0.0114 818  SER A N   
699 C CA  . SER A 96 ? 0.1884 0.1149 0.1762 -0.0205 -0.0247 0.0087  818  SER A CA  
700 C C   . SER A 96 ? 0.1755 0.1369 0.2003 -0.0048 -0.0003 0.0380  818  SER A C   
701 O O   . SER A 96 ? 0.2106 0.1494 0.2340 -0.0085 0.0362  0.0320  818  SER A O   
702 C CB  . SER A 96 ? 0.1738 0.2384 0.1937 -0.0051 -0.0349 -0.0137 818  SER A CB  
703 O OG  . SER A 96 ? 0.2418 0.2178 0.2754 -0.0043 -0.0410 -0.0207 818  SER A OG  
704 N N   . VAL A 97 ? 0.1637 0.1635 0.2332 -0.0334 0.0165  0.0019  819  VAL A N   
705 C CA  . VAL A 97 ? 0.2406 0.1843 0.2602 -0.0160 0.0139  0.0200  819  VAL A CA  
706 C C   . VAL A 97 ? 0.2570 0.2392 0.2633 0.0218  0.0332  0.0176  819  VAL A C   
707 O O   . VAL A 97 ? 0.2015 0.2095 0.3052 0.0297  0.0100  0.0266  819  VAL A O   
708 C CB  . VAL A 97 ? 0.2609 0.1669 0.2212 0.0077  0.0138  0.0129  819  VAL A CB  
709 C CG1 . VAL A 97 ? 0.2686 0.2085 0.2266 0.0188  -0.0137 0.0022  819  VAL A CG1 
710 C CG2 . VAL A 97 ? 0.2861 0.2337 0.2585 -0.0066 0.0050  0.0173  819  VAL A CG2 
711 O OXT . VAL A 97 ? 0.2934 0.2248 0.3598 0.0452  0.0601  0.0462  819  VAL A OXT 
712 C C1  . EDO B .  ? 0.3256 0.3306 0.3912 0.0450  -0.0413 -0.0044 1820 EDO A C1  
713 O O1  . EDO B .  ? 0.3071 0.1944 0.3297 0.0336  -0.0030 -0.0416 1820 EDO A O1  
714 C C2  . EDO B .  ? 0.4503 0.4876 0.4427 -0.0461 -0.0092 0.0046  1820 EDO A C2  
715 O O2  . EDO B .  ? 0.5080 0.4467 0.5462 0.0059  -0.0196 -0.0056 1820 EDO A O2  
716 C C1  . EDO C .  ? 0.4060 0.3361 0.2672 -0.0415 0.0390  0.0089  1821 EDO A C1  
717 O O1  . EDO C .  ? 0.4118 0.3725 0.2945 -0.0491 0.0321  -0.0187 1821 EDO A O1  
718 C C2  . EDO C .  ? 0.2680 0.3020 0.2297 -0.0128 0.0878  0.0513  1821 EDO A C2  
719 O O2  . EDO C .  ? 0.5366 0.4649 0.4917 0.0534  -0.0162 0.0111  1821 EDO A O2  
720 C C1  . EDO D .  ? 0.3619 0.3373 0.2766 -0.0136 -0.0073 -0.0423 1822 EDO A C1  
721 O O1  . EDO D .  ? 0.3163 0.3704 0.2620 0.0124  0.0042  -0.0534 1822 EDO A O1  
722 C C2  . EDO D .  ? 0.4257 0.3984 0.3931 -0.0133 -0.0266 0.0027  1822 EDO A C2  
723 O O2  . EDO D .  ? 0.4274 0.3262 0.4806 -0.0315 0.0363  -0.0336 1822 EDO A O2  
724 O O   . HOH E .  ? 0.4445 0.5181 0.4497 -0.0016 -0.0362 -0.0001 2001 HOH A O   
725 O O   . HOH E .  ? 0.4212 0.2729 0.2203 -0.0525 0.0437  0.0170  2002 HOH A O   
726 O O   . HOH E .  ? 0.4705 0.4279 0.4959 0.0041  0.0008  0.0187  2003 HOH A O   
727 O O   . HOH E .  ? 0.4888 0.4050 0.4227 -0.0614 0.0061  -0.0295 2004 HOH A O   
728 O O   . HOH E .  ? 0.5445 0.5203 0.4772 0.0015  -0.0180 -0.0352 2005 HOH A O   
729 O O   . HOH E .  ? 0.2506 0.2028 0.2223 -0.0112 -0.0169 0.0433  2006 HOH A O   
730 O O   . HOH E .  ? 0.3852 0.3089 0.4267 -0.0719 0.0511  0.0610  2007 HOH A O   
731 O O   . HOH E .  ? 0.4171 0.4325 0.4021 0.0371  -0.0513 0.0667  2008 HOH A O   
732 O O   . HOH E .  ? 0.2742 0.5705 0.4941 0.0674  -0.0611 0.0245  2009 HOH A O   
733 O O   . HOH E .  ? 0.3394 0.4065 0.3963 0.0745  -0.0551 -0.0269 2010 HOH A O   
734 O O   . HOH E .  ? 0.2486 0.2860 0.2828 0.0280  0.0776  0.0397  2011 HOH A O   
735 O O   . HOH E .  ? 0.3093 0.2128 0.2659 0.0324  0.0102  0.0125  2012 HOH A O   
736 O O   . HOH E .  ? 0.5283 0.3347 0.3576 -0.0137 0.0228  -0.0288 2013 HOH A O   
737 O O   . HOH E .  ? 0.4427 0.5348 0.5770 0.0076  -0.0115 -0.0145 2014 HOH A O   
738 O O   . HOH E .  ? 0.3452 0.4542 0.4969 -0.0148 0.0514  0.0245  2015 HOH A O   
739 O O   . HOH E .  ? 0.3393 0.4034 0.3773 0.0148  0.0332  -0.0189 2016 HOH A O   
740 O O   . HOH E .  ? 0.2963 0.2996 0.2953 0.0078  0.0400  0.0156  2017 HOH A O   
741 O O   . HOH E .  ? 0.3403 0.2887 0.3147 0.0657  -0.0216 0.0427  2018 HOH A O   
742 O O   . HOH E .  ? 0.4772 0.3788 0.3778 0.0544  -0.0330 0.0615  2019 HOH A O   
743 O O   . HOH E .  ? 0.5037 0.5235 0.5119 0.0013  0.0040  -0.0140 2020 HOH A O   
744 O O   . HOH E .  ? 0.4541 0.4465 0.4592 -0.0345 -0.0222 0.0378  2021 HOH A O   
745 O O   . HOH E .  ? 0.2742 0.4499 0.1663 0.0045  -0.0005 -0.0244 2022 HOH A O   
746 O O   . HOH E .  ? 0.4160 0.2850 0.2775 -0.1210 0.0956  -0.0028 2023 HOH A O   
747 O O   . HOH E .  ? 0.3079 0.4711 0.4740 0.0118  0.0582  0.0507  2024 HOH A O   
748 O O   . HOH E .  ? 0.4006 0.3286 0.2037 -0.0081 0.0013  0.0370  2025 HOH A O   
749 O O   . HOH E .  ? 0.1637 0.2662 0.2027 -0.0616 0.0205  -0.0351 2026 HOH A O   
750 O O   . HOH E .  ? 0.2898 0.3416 0.2273 -0.0490 0.0494  0.0099  2027 HOH A O   
751 O O   . HOH E .  ? 0.2277 0.1956 0.1468 -0.0340 0.0090  -0.0027 2028 HOH A O   
752 O O   . HOH E .  ? 0.3826 0.3871 0.3597 0.0755  0.0440  -0.0428 2029 HOH A O   
753 O O   . HOH E .  ? 0.4307 0.4047 0.2915 -0.0052 -0.0339 -0.0482 2030 HOH A O   
754 O O   . HOH E .  ? 0.1914 0.1729 0.2508 0.0161  -0.0176 -0.0167 2031 HOH A O   
755 O O   . HOH E .  ? 0.1170 0.1278 0.1569 -0.0039 -0.0506 0.0253  2032 HOH A O   
756 O O   . HOH E .  ? 0.2363 0.2790 0.2389 0.0486  0.0623  -0.0400 2033 HOH A O   
757 O O   . HOH E .  ? 0.3761 0.4259 0.2390 0.0182  -0.1134 0.0122  2034 HOH A O   
758 O O   . HOH E .  ? 0.3857 0.4589 0.5290 0.0807  0.0191  -0.0114 2035 HOH A O   
759 O O   . HOH E .  ? 0.3584 0.2840 0.3063 0.0551  0.0622  -0.0417 2036 HOH A O   
760 O O   . HOH E .  ? 0.1799 0.2815 0.1353 -0.0437 -0.0123 -0.0524 2037 HOH A O   
761 O O   . HOH E .  ? 0.3926 0.3701 0.3130 -0.0951 -0.0046 0.0141  2038 HOH A O   
762 O O   . HOH E .  ? 0.4131 0.3486 0.3088 -0.0398 -0.0621 -0.0127 2039 HOH A O   
763 O O   . HOH E .  ? 0.4699 0.3580 0.3524 -0.0647 0.0055  0.0895  2040 HOH A O   
764 O O   . HOH E .  ? 0.2637 0.1881 0.2211 -0.0583 -0.0441 0.0029  2041 HOH A O   
765 O O   . HOH E .  ? 0.1495 0.2847 0.2198 -0.0224 -0.0075 0.0661  2042 HOH A O   
766 O O   . HOH E .  ? 0.4001 0.4377 0.3878 -0.0250 0.0036  -0.0471 2043 HOH A O   
767 O O   . HOH E .  ? 0.5001 0.4592 0.5020 -0.0418 -0.0101 0.0581  2044 HOH A O   
768 O O   . HOH E .  ? 0.1646 0.2813 0.3197 -0.0068 0.0015  0.0545  2045 HOH A O   
769 O O   . HOH E .  ? 0.2212 0.2781 0.3186 -0.0384 0.0350  -0.0088 2046 HOH A O   
770 O O   . HOH E .  ? 0.3481 0.2883 0.3423 0.0876  -0.0551 0.0261  2047 HOH A O   
771 O O   . HOH E .  ? 0.2155 0.4216 0.4716 -0.0065 -0.0420 -0.0223 2048 HOH A O   
772 O O   . HOH E .  ? 0.4530 0.4758 0.3562 0.0291  0.0344  0.0283  2049 HOH A O   
773 O O   . HOH E .  ? 0.2377 0.1971 0.2943 -0.0362 0.0755  0.0298  2050 HOH A O   
774 O O   . HOH E .  ? 0.1691 0.3719 0.3420 0.0082  0.0184  0.1789  2051 HOH A O   
775 O O   . HOH E .  ? 0.3527 0.4165 0.4306 -0.0062 0.0084  0.0147  2052 HOH A O   
776 O O   . HOH E .  ? 0.3056 0.2866 0.4134 -0.0188 0.0661  0.1225  2053 HOH A O   
777 O O   . HOH E .  ? 0.2126 0.1301 0.1231 0.0302  -0.0066 -0.0006 2054 HOH A O   
778 O O   . HOH E .  ? 0.2147 0.2523 0.3415 -0.0013 0.0334  0.0554  2055 HOH A O   
779 O O   . HOH E .  ? 0.3762 0.4799 0.3258 -0.0494 -0.0790 -0.0247 2056 HOH A O   
780 O O   . HOH E .  ? 0.3971 0.2415 0.2583 -0.0490 -0.0102 0.0072  2057 HOH A O   
781 O O   . HOH E .  ? 0.4457 0.3081 0.3348 -0.0648 0.0751  -0.0701 2058 HOH A O   
782 O O   . HOH E .  ? 0.3694 0.3397 0.3081 -0.0361 -0.0674 -0.0444 2059 HOH A O   
783 O O   . HOH E .  ? 0.4250 0.2633 0.3745 -0.0155 -0.0144 -0.0575 2060 HOH A O   
784 O O   . HOH E .  ? 0.4282 0.4632 0.3596 0.0133  -0.0620 -0.1382 2061 HOH A O   
785 O O   . HOH E .  ? 0.5013 0.3946 0.2275 -0.0264 0.0109  -0.0402 2062 HOH A O   
786 O O   . HOH E .  ? 0.4306 0.3962 0.2920 -0.0443 -0.0322 0.0131  2063 HOH A O   
787 O O   . HOH E .  ? 0.2921 0.5300 0.1915 0.0024  0.0121  -0.0597 2064 HOH A O   
788 O O   . HOH E .  ? 0.3772 0.2698 0.4061 -0.0155 0.0380  -0.0757 2065 HOH A O   
789 O O   . HOH E .  ? 0.5332 0.5350 0.4669 -0.0152 0.0046  -0.0188 2066 HOH A O   
790 O O   . HOH E .  ? 0.3537 0.3034 0.3070 0.0391  0.0051  -0.0762 2067 HOH A O   
791 O O   . HOH E .  ? 0.2379 0.2850 0.2562 0.0503  -0.0383 -0.0125 2068 HOH A O   
792 O O   . HOH E .  ? 0.2612 0.3454 0.3692 0.0115  -0.0180 0.0078  2069 HOH A O   
793 O O   . HOH E .  ? 0.3818 0.4372 0.5344 0.0122  -0.0017 0.0028  2070 HOH A O   
794 O O   . HOH E .  ? 0.2726 0.2575 0.2267 0.0245  0.0105  0.0425  2071 HOH A O   
795 O O   . HOH E .  ? 0.5070 0.4653 0.4494 -0.0482 0.0080  0.0471  2072 HOH A O   
796 O O   . HOH E .  ? 0.4844 0.4989 0.4571 0.0459  0.0116  -0.0485 2073 HOH A O   
797 O O   . HOH E .  ? 0.3679 0.3328 0.3895 0.0777  0.0828  -0.0058 2074 HOH A O   
798 O O   . HOH E .  ? 0.3221 0.3351 0.4639 0.0088  0.0278  0.0103  2075 HOH A O   
799 O O   . HOH E .  ? 0.2459 0.1998 0.2379 0.0085  0.0735  0.0159  2076 HOH A O   
800 O O   . HOH E .  ? 0.3380 0.3611 0.3849 0.0358  -0.0836 -0.0756 2077 HOH A O   
801 O O   . HOH E .  ? 0.3413 0.3273 0.3855 0.0086  0.0454  -0.0023 2078 HOH A O   
802 O O   . HOH E .  ? 0.2532 0.2657 0.2333 0.0110  0.0102  -0.0623 2079 HOH A O   
803 O O   . HOH E .  ? 0.2967 0.2039 0.2952 0.0004  0.0554  0.0871  2080 HOH A O   
804 O O   . HOH E .  ? 0.3560 0.3129 0.2453 -0.0356 0.0206  0.0066  2081 HOH A O   
805 O O   . HOH E .  ? 0.2878 0.1747 0.2245 0.0031  -0.0219 -0.0096 2082 HOH A O   
806 O O   . HOH E .  ? 0.3762 0.1744 0.3240 0.0332  0.0283  0.0499  2083 HOH A O   
807 O O   . HOH E .  ? 0.3277 0.2165 0.4453 -0.0241 -0.0612 -0.1151 2084 HOH A O   
808 O O   . HOH E .  ? 0.4314 0.2427 0.3006 0.0277  0.0526  -0.0377 2085 HOH A O   
809 O O   . HOH E .  ? 0.2645 0.2036 0.1757 0.0230  0.0037  -0.0186 2086 HOH A O   
810 O O   . HOH E .  ? 0.5333 0.5178 0.5054 0.0110  0.0385  -0.0309 2087 HOH A O   
811 O O   . HOH E .  ? 0.4325 0.3951 0.3666 0.0276  -0.0095 0.0438  2088 HOH A O   
812 O O   . HOH E .  ? 0.2632 0.3228 0.2904 -0.0817 0.0082  -0.1148 2089 HOH A O   
813 O O   . HOH E .  ? 0.2924 0.2517 0.4022 -0.0383 0.0114  0.0288  2090 HOH A O   
814 O O   . HOH E .  ? 0.2581 0.2472 0.1551 -0.0135 0.0439  0.0288  2091 HOH A O   
815 O O   . HOH E .  ? 0.1959 0.2261 0.2191 0.0604  -0.0052 -0.0377 2092 HOH A O   
816 O O   . HOH E .  ? 0.2240 0.2347 0.1930 -0.0669 0.0615  0.0031  2093 HOH A O   
817 O O   . HOH E .  ? 0.3972 0.2990 0.2491 -0.0232 -0.0306 -0.0108 2094 HOH A O   
# 
loop_
_pdbx_poly_seq_scheme.asym_id 
_pdbx_poly_seq_scheme.entity_id 
_pdbx_poly_seq_scheme.seq_id 
_pdbx_poly_seq_scheme.mon_id 
_pdbx_poly_seq_scheme.ndb_seq_num 
_pdbx_poly_seq_scheme.pdb_seq_num 
_pdbx_poly_seq_scheme.auth_seq_num 
_pdbx_poly_seq_scheme.pdb_mon_id 
_pdbx_poly_seq_scheme.auth_mon_id 
_pdbx_poly_seq_scheme.pdb_strand_id 
_pdbx_poly_seq_scheme.pdb_ins_code 
_pdbx_poly_seq_scheme.hetero 
A 1 1  SER 1  723 ?   ?   ?   A . n 
A 1 2  MET 2  724 ?   ?   ?   A . n 
A 1 3  GLU 3  725 725 GLU GLU A . n 
A 1 4  GLU 4  726 726 GLU GLU A . n 
A 1 5  LEU 5  727 727 LEU LEU A . n 
A 1 6  THR 6  728 728 THR THR A . n 
A 1 7  LEU 7  729 729 LEU LEU A . n 
A 1 8  THR 8  730 730 THR THR A . n 
A 1 9  ILE 9  731 731 ILE ILE A . n 
A 1 10 LEU 10 732 732 LEU LEU A . n 
A 1 11 ARG 11 733 733 ARG ARG A . n 
A 1 12 GLN 12 734 734 GLN GLN A . n 
A 1 13 THR 13 735 735 THR THR A . n 
A 1 14 GLY 14 736 736 GLY GLY A . n 
A 1 15 GLY 15 737 737 GLY GLY A . n 
A 1 16 LEU 16 738 738 LEU LEU A . n 
A 1 17 GLY 17 739 739 GLY GLY A . n 
A 1 18 ILE 18 740 740 ILE ILE A . n 
A 1 19 SER 19 741 741 SER SER A . n 
A 1 20 ILE 20 742 742 ILE ILE A . n 
A 1 21 ALA 21 743 743 ALA ALA A . n 
A 1 22 GLY 22 744 744 GLY GLY A . n 
A 1 23 GLY 23 745 745 GLY GLY A . n 
A 1 24 LYS 24 746 746 LYS LYS A . n 
A 1 25 GLY 25 747 747 GLY GLY A . n 
A 1 26 SER 26 748 748 SER SER A . n 
A 1 27 THR 27 749 749 THR THR A . n 
A 1 28 PRO 28 750 750 PRO PRO A . n 
A 1 29 TYR 29 751 751 TYR TYR A . n 
A 1 30 LYS 30 752 752 LYS LYS A . n 
A 1 31 GLY 31 753 753 GLY GLY A . n 
A 1 32 ASP 32 754 754 ASP ASP A . n 
A 1 33 ASP 33 755 755 ASP ASP A . n 
A 1 34 GLU 34 756 756 GLU GLU A . n 
A 1 35 GLY 35 757 757 GLY GLY A . n 
A 1 36 ILE 36 758 758 ILE ILE A . n 
A 1 37 PHE 37 759 759 PHE PHE A . n 
A 1 38 ILE 38 760 760 ILE ILE A . n 
A 1 39 SER 39 761 761 SER SER A . n 
A 1 40 ARG 40 762 762 ARG ARG A . n 
A 1 41 VAL 41 763 763 VAL VAL A . n 
A 1 42 SER 42 764 764 SER SER A . n 
A 1 43 GLU 43 765 765 GLU GLU A . n 
A 1 44 GLU 44 766 766 GLU GLU A . n 
A 1 45 GLY 45 767 767 GLY GLY A . n 
A 1 46 PRO 46 768 768 PRO PRO A . n 
A 1 47 ALA 47 769 769 ALA ALA A . n 
A 1 48 ALA 48 770 770 ALA ALA A . n 
A 1 49 ARG 49 771 771 ARG ARG A . n 
A 1 50 ALA 50 772 772 ALA ALA A . n 
A 1 51 GLY 51 773 773 GLY GLY A . n 
A 1 52 VAL 52 774 774 VAL VAL A . n 
A 1 53 ARG 53 775 775 ARG ARG A . n 
A 1 54 VAL 54 776 776 VAL VAL A . n 
A 1 55 GLY 55 777 777 GLY GLY A . n 
A 1 56 ASP 56 778 778 ASP ASP A . n 
A 1 57 LYS 57 779 779 LYS LYS A . n 
A 1 58 LEU 58 780 780 LEU LEU A . n 
A 1 59 LEU 59 781 781 LEU LEU A . n 
A 1 60 GLU 60 782 782 GLU GLU A . n 
A 1 61 VAL 61 783 783 VAL VAL A . n 
A 1 62 ASN 62 784 784 ASN ASN A . n 
A 1 63 GLY 63 785 785 GLY GLY A . n 
A 1 64 VAL 64 786 786 VAL VAL A . n 
A 1 65 ALA 65 787 787 ALA ALA A . n 
A 1 66 LEU 66 788 788 LEU LEU A . n 
A 1 67 GLN 67 789 789 GLN GLN A . n 
A 1 68 GLY 68 790 790 GLY GLY A . n 
A 1 69 ALA 69 791 791 ALA ALA A . n 
A 1 70 GLU 70 792 792 GLU GLU A . n 
A 1 71 HIS 71 793 793 HIS HIS A . n 
A 1 72 HIS 72 794 794 HIS HIS A . n 
A 1 73 GLU 73 795 795 GLU GLU A . n 
A 1 74 ALA 74 796 796 ALA ALA A . n 
A 1 75 VAL 75 797 797 VAL VAL A . n 
A 1 76 GLU 76 798 798 GLU GLU A . n 
A 1 77 ALA 77 799 799 ALA ALA A . n 
A 1 78 LEU 78 800 800 LEU LEU A . n 
A 1 79 ARG 79 801 801 ARG ARG A . n 
A 1 80 GLY 80 802 802 GLY GLY A . n 
A 1 81 ALA 81 803 803 ALA ALA A . n 
A 1 82 GLY 82 804 804 GLY GLY A . n 
A 1 83 THR 83 805 805 THR THR A . n 
A 1 84 ALA 84 806 806 ALA ALA A . n 
A 1 85 VAL 85 807 807 VAL VAL A . n 
A 1 86 GLN 86 808 808 GLN GLN A . n 
A 1 87 MET 87 809 809 MET MET A . n 
A 1 88 ARG 88 810 810 ARG ARG A . n 
A 1 89 VAL 89 811 811 VAL VAL A . n 
A 1 90 TRP 90 812 812 TRP TRP A . n 
A 1 91 ARG 91 813 813 ARG ARG A . n 
A 1 92 GLU 92 814 814 GLU GLU A . n 
A 1 93 ARG 93 815 815 ARG ARG A . n 
A 1 94 GLU 94 816 816 GLU GLU A . n 
A 1 95 THR 95 817 817 THR THR A . n 
A 1 96 SER 96 818 818 SER SER A . n 
A 1 97 VAL 97 819 819 VAL VAL A . n 
# 
loop_
_pdbx_nonpoly_scheme.asym_id 
_pdbx_nonpoly_scheme.entity_id 
_pdbx_nonpoly_scheme.mon_id 
_pdbx_nonpoly_scheme.ndb_seq_num 
_pdbx_nonpoly_scheme.pdb_seq_num 
_pdbx_nonpoly_scheme.auth_seq_num 
_pdbx_nonpoly_scheme.pdb_mon_id 
_pdbx_nonpoly_scheme.auth_mon_id 
_pdbx_nonpoly_scheme.pdb_strand_id 
_pdbx_nonpoly_scheme.pdb_ins_code 
B 2 EDO 1  1820 1820 EDO EDO A . 
C 2 EDO 1  1821 1821 EDO EDO A . 
D 2 EDO 1  1822 1822 EDO EDO A . 
E 3 HOH 1  2001 2001 HOH HOH A . 
E 3 HOH 2  2002 2002 HOH HOH A . 
E 3 HOH 3  2003 2003 HOH HOH A . 
E 3 HOH 4  2004 2004 HOH HOH A . 
E 3 HOH 5  2005 2005 HOH HOH A . 
E 3 HOH 6  2006 2006 HOH HOH A . 
E 3 HOH 7  2007 2007 HOH HOH A . 
E 3 HOH 8  2008 2008 HOH HOH A . 
E 3 HOH 9  2009 2009 HOH HOH A . 
E 3 HOH 10 2010 2010 HOH HOH A . 
E 3 HOH 11 2011 2011 HOH HOH A . 
E 3 HOH 12 2012 2012 HOH HOH A . 
E 3 HOH 13 2013 2013 HOH HOH A . 
E 3 HOH 14 2014 2014 HOH HOH A . 
E 3 HOH 15 2015 2015 HOH HOH A . 
E 3 HOH 16 2016 2016 HOH HOH A . 
E 3 HOH 17 2017 2017 HOH HOH A . 
E 3 HOH 18 2018 2018 HOH HOH A . 
E 3 HOH 19 2019 2019 HOH HOH A . 
E 3 HOH 20 2020 2020 HOH HOH A . 
E 3 HOH 21 2021 2021 HOH HOH A . 
E 3 HOH 22 2022 2022 HOH HOH A . 
E 3 HOH 23 2023 2023 HOH HOH A . 
E 3 HOH 24 2024 2024 HOH HOH A . 
E 3 HOH 25 2025 2025 HOH HOH A . 
E 3 HOH 26 2026 2026 HOH HOH A . 
E 3 HOH 27 2027 2027 HOH HOH A . 
E 3 HOH 28 2028 2028 HOH HOH A . 
E 3 HOH 29 2029 2029 HOH HOH A . 
E 3 HOH 30 2030 2030 HOH HOH A . 
E 3 HOH 31 2031 2031 HOH HOH A . 
E 3 HOH 32 2032 2032 HOH HOH A . 
E 3 HOH 33 2033 2033 HOH HOH A . 
E 3 HOH 34 2034 2034 HOH HOH A . 
E 3 HOH 35 2035 2035 HOH HOH A . 
E 3 HOH 36 2036 2036 HOH HOH A . 
E 3 HOH 37 2037 2037 HOH HOH A . 
E 3 HOH 38 2038 2038 HOH HOH A . 
E 3 HOH 39 2039 2039 HOH HOH A . 
E 3 HOH 40 2040 2040 HOH HOH A . 
E 3 HOH 41 2041 2041 HOH HOH A . 
E 3 HOH 42 2042 2042 HOH HOH A . 
E 3 HOH 43 2043 2043 HOH HOH A . 
E 3 HOH 44 2044 2044 HOH HOH A . 
E 3 HOH 45 2045 2045 HOH HOH A . 
E 3 HOH 46 2046 2046 HOH HOH A . 
E 3 HOH 47 2047 2047 HOH HOH A . 
E 3 HOH 48 2048 2048 HOH HOH A . 
E 3 HOH 49 2049 2049 HOH HOH A . 
E 3 HOH 50 2050 2050 HOH HOH A . 
E 3 HOH 51 2051 2051 HOH HOH A . 
E 3 HOH 52 2052 2052 HOH HOH A . 
E 3 HOH 53 2053 2053 HOH HOH A . 
E 3 HOH 54 2054 2054 HOH HOH A . 
E 3 HOH 55 2055 2055 HOH HOH A . 
E 3 HOH 56 2056 2056 HOH HOH A . 
E 3 HOH 57 2057 2057 HOH HOH A . 
E 3 HOH 58 2058 2058 HOH HOH A . 
E 3 HOH 59 2059 2059 HOH HOH A . 
E 3 HOH 60 2060 2060 HOH HOH A . 
E 3 HOH 61 2061 2061 HOH HOH A . 
E 3 HOH 62 2062 2062 HOH HOH A . 
E 3 HOH 63 2063 2063 HOH HOH A . 
E 3 HOH 64 2064 2064 HOH HOH A . 
E 3 HOH 65 2065 2065 HOH HOH A . 
E 3 HOH 66 2066 2066 HOH HOH A . 
E 3 HOH 67 2067 2067 HOH HOH A . 
E 3 HOH 68 2068 2068 HOH HOH A . 
E 3 HOH 69 2069 2069 HOH HOH A . 
E 3 HOH 70 2070 2070 HOH HOH A . 
E 3 HOH 71 2071 2071 HOH HOH A . 
E 3 HOH 72 2072 2072 HOH HOH A . 
E 3 HOH 73 2073 2073 HOH HOH A . 
E 3 HOH 74 2074 2074 HOH HOH A . 
E 3 HOH 75 2075 2075 HOH HOH A . 
E 3 HOH 76 2076 2076 HOH HOH A . 
E 3 HOH 77 2077 2077 HOH HOH A . 
E 3 HOH 78 2078 2078 HOH HOH A . 
E 3 HOH 79 2079 2079 HOH HOH A . 
E 3 HOH 80 2080 2080 HOH HOH A . 
E 3 HOH 81 2081 2081 HOH HOH A . 
E 3 HOH 82 2082 2082 HOH HOH A . 
E 3 HOH 83 2083 2083 HOH HOH A . 
E 3 HOH 84 2084 2084 HOH HOH A . 
E 3 HOH 85 2085 2085 HOH HOH A . 
E 3 HOH 86 2086 2086 HOH HOH A . 
E 3 HOH 87 2087 2087 HOH HOH A . 
E 3 HOH 88 2088 2088 HOH HOH A . 
E 3 HOH 89 2089 2089 HOH HOH A . 
E 3 HOH 90 2090 2090 HOH HOH A . 
E 3 HOH 91 2091 2091 HOH HOH A . 
E 3 HOH 92 2092 2092 HOH HOH A . 
E 3 HOH 93 2093 2093 HOH HOH A . 
E 3 HOH 94 2094 2094 HOH HOH A . 
# 
_pdbx_struct_assembly.id                   1 
_pdbx_struct_assembly.details              author_and_software_defined_assembly 
_pdbx_struct_assembly.method_details       PQS 
_pdbx_struct_assembly.oligomeric_details   monomeric 
_pdbx_struct_assembly.oligomeric_count     1 
# 
_pdbx_struct_assembly_gen.assembly_id       1 
_pdbx_struct_assembly_gen.oper_expression   1 
_pdbx_struct_assembly_gen.asym_id_list      A,B,C,D,E 
# 
_pdbx_struct_oper_list.id                   1 
_pdbx_struct_oper_list.type                 'identity operation' 
_pdbx_struct_oper_list.name                 1_555 
_pdbx_struct_oper_list.symmetry_operation   x,y,z 
_pdbx_struct_oper_list.matrix[1][1]         1.0000000000 
_pdbx_struct_oper_list.matrix[1][2]         0.0000000000 
_pdbx_struct_oper_list.matrix[1][3]         0.0000000000 
_pdbx_struct_oper_list.vector[1]            0.0000000000 
_pdbx_struct_oper_list.matrix[2][1]         0.0000000000 
_pdbx_struct_oper_list.matrix[2][2]         1.0000000000 
_pdbx_struct_oper_list.matrix[2][3]         0.0000000000 
_pdbx_struct_oper_list.vector[2]            0.0000000000 
_pdbx_struct_oper_list.matrix[3][1]         0.0000000000 
_pdbx_struct_oper_list.matrix[3][2]         0.0000000000 
_pdbx_struct_oper_list.matrix[3][3]         1.0000000000 
_pdbx_struct_oper_list.vector[3]            0.0000000000 
# 
loop_
_pdbx_audit_revision_history.ordinal 
_pdbx_audit_revision_history.data_content_type 
_pdbx_audit_revision_history.major_revision 
_pdbx_audit_revision_history.minor_revision 
_pdbx_audit_revision_history.revision_date 
1 'Structure model' 1 0 2008-12-09 
2 'Structure model' 1 1 2011-05-08 
3 'Structure model' 1 2 2011-07-13 
4 'Structure model' 1 3 2018-01-24 
5 'Structure model' 1 4 2023-12-13 
# 
_pdbx_audit_revision_details.ordinal             1 
_pdbx_audit_revision_details.revision_ordinal    1 
_pdbx_audit_revision_details.data_content_type   'Structure model' 
_pdbx_audit_revision_details.provider            repository 
_pdbx_audit_revision_details.type                'Initial release' 
_pdbx_audit_revision_details.description         ? 
_pdbx_audit_revision_details.details             ? 
# 
loop_
_pdbx_audit_revision_group.ordinal 
_pdbx_audit_revision_group.revision_ordinal 
_pdbx_audit_revision_group.data_content_type 
_pdbx_audit_revision_group.group 
1 2 'Structure model' 'Version format compliance' 
2 3 'Structure model' 'Version format compliance' 
3 4 'Structure model' 'Database references'       
4 4 'Structure model' 'Structure summary'         
5 5 'Structure model' 'Data collection'           
6 5 'Structure model' 'Database references'       
7 5 'Structure model' Other                       
8 5 'Structure model' 'Refinement description'    
# 
loop_
_pdbx_audit_revision_category.ordinal 
_pdbx_audit_revision_category.revision_ordinal 
_pdbx_audit_revision_category.data_content_type 
_pdbx_audit_revision_category.category 
1 4 'Structure model' audit_author                  
2 4 'Structure model' citation_author               
3 5 'Structure model' chem_comp_atom                
4 5 'Structure model' chem_comp_bond                
5 5 'Structure model' database_2                    
6 5 'Structure model' pdbx_database_status          
7 5 'Structure model' pdbx_initial_refinement_model 
# 
loop_
_pdbx_audit_revision_item.ordinal 
_pdbx_audit_revision_item.revision_ordinal 
_pdbx_audit_revision_item.data_content_type 
_pdbx_audit_revision_item.item 
1 4 'Structure model' '_audit_author.name'                   
2 4 'Structure model' '_citation_author.name'                
3 5 'Structure model' '_database_2.pdbx_DOI'                 
4 5 'Structure model' '_database_2.pdbx_database_accession'  
5 5 'Structure model' '_pdbx_database_status.status_code_sf' 
# 
loop_
_software.name 
_software.classification 
_software.version 
_software.citation_id 
_software.pdbx_ordinal 
REFMAC refinement       5.5.0055 ? 1 
MOSFLM 'data reduction' .        ? 2 
SCALA  'data scaling'   .        ? 3 
PHASER phasing          .        ? 4 
# 
_pdbx_entry_details.entry_id                 2W4F 
_pdbx_entry_details.compound_details         ? 
_pdbx_entry_details.source_details           ? 
_pdbx_entry_details.nonpolymer_details       ? 
_pdbx_entry_details.sequence_details         
;THE LAST FOUR RESIDUES (816-819) IN THIS ENTRY DO NOT MATCH
THE UNIPROT SEQUENCE DATABASE CROSS-REFERENCE. THESE RESIDUES
WERE INTRODUCED IN ORDER TO ENHANCE CRYSTALLIZATION.
;
_pdbx_entry_details.has_ligand_of_interest   ? 
# 
loop_
_pdbx_unobs_or_zero_occ_atoms.id 
_pdbx_unobs_or_zero_occ_atoms.PDB_model_num 
_pdbx_unobs_or_zero_occ_atoms.polymer_flag 
_pdbx_unobs_or_zero_occ_atoms.occupancy_flag 
_pdbx_unobs_or_zero_occ_atoms.auth_asym_id 
_pdbx_unobs_or_zero_occ_atoms.auth_comp_id 
_pdbx_unobs_or_zero_occ_atoms.auth_seq_id 
_pdbx_unobs_or_zero_occ_atoms.PDB_ins_code 
_pdbx_unobs_or_zero_occ_atoms.auth_atom_id 
_pdbx_unobs_or_zero_occ_atoms.label_alt_id 
_pdbx_unobs_or_zero_occ_atoms.label_asym_id 
_pdbx_unobs_or_zero_occ_atoms.label_comp_id 
_pdbx_unobs_or_zero_occ_atoms.label_seq_id 
_pdbx_unobs_or_zero_occ_atoms.label_atom_id 
1  1 Y 1 A GLN 734 ? CD  ? A GLN 12 CD  
2  1 Y 1 A GLN 734 ? OE1 ? A GLN 12 OE1 
3  1 Y 1 A GLN 734 ? NE2 ? A GLN 12 NE2 
4  1 Y 1 A LYS 746 ? CE  ? A LYS 24 CE  
5  1 Y 1 A LYS 746 ? NZ  ? A LYS 24 NZ  
6  1 Y 1 A GLU 756 ? CG  ? A GLU 34 CG  
7  1 Y 1 A GLU 756 ? CD  ? A GLU 34 CD  
8  1 Y 1 A GLU 756 ? OE1 ? A GLU 34 OE1 
9  1 Y 1 A GLU 756 ? OE2 ? A GLU 34 OE2 
10 1 Y 1 A GLU 766 ? CG  ? A GLU 44 CG  
11 1 Y 1 A GLU 766 ? CD  ? A GLU 44 CD  
12 1 Y 1 A GLU 766 ? OE1 ? A GLU 44 OE1 
13 1 Y 1 A GLU 766 ? OE2 ? A GLU 44 OE2 
# 
loop_
_pdbx_unobs_or_zero_occ_residues.id 
_pdbx_unobs_or_zero_occ_residues.PDB_model_num 
_pdbx_unobs_or_zero_occ_residues.polymer_flag 
_pdbx_unobs_or_zero_occ_residues.occupancy_flag 
_pdbx_unobs_or_zero_occ_residues.auth_asym_id 
_pdbx_unobs_or_zero_occ_residues.auth_comp_id 
_pdbx_unobs_or_zero_occ_residues.auth_seq_id 
_pdbx_unobs_or_zero_occ_residues.PDB_ins_code 
_pdbx_unobs_or_zero_occ_residues.label_asym_id 
_pdbx_unobs_or_zero_occ_residues.label_comp_id 
_pdbx_unobs_or_zero_occ_residues.label_seq_id 
1 1 Y 1 A SER 723 ? A SER 1 
2 1 Y 1 A MET 724 ? A MET 2 
# 
loop_
_chem_comp_atom.comp_id 
_chem_comp_atom.atom_id 
_chem_comp_atom.type_symbol 
_chem_comp_atom.pdbx_aromatic_flag 
_chem_comp_atom.pdbx_stereo_config 
_chem_comp_atom.pdbx_ordinal 
ALA N    N N N 1   
ALA CA   C N S 2   
ALA C    C N N 3   
ALA O    O N N 4   
ALA CB   C N N 5   
ALA OXT  O N N 6   
ALA H    H N N 7   
ALA H2   H N N 8   
ALA HA   H N N 9   
ALA HB1  H N N 10  
ALA HB2  H N N 11  
ALA HB3  H N N 12  
ALA HXT  H N N 13  
ARG N    N N N 14  
ARG CA   C N S 15  
ARG C    C N N 16  
ARG O    O N N 17  
ARG CB   C N N 18  
ARG CG   C N N 19  
ARG CD   C N N 20  
ARG NE   N N N 21  
ARG CZ   C N N 22  
ARG NH1  N N N 23  
ARG NH2  N N N 24  
ARG OXT  O N N 25  
ARG H    H N N 26  
ARG H2   H N N 27  
ARG HA   H N N 28  
ARG HB2  H N N 29  
ARG HB3  H N N 30  
ARG HG2  H N N 31  
ARG HG3  H N N 32  
ARG HD2  H N N 33  
ARG HD3  H N N 34  
ARG HE   H N N 35  
ARG HH11 H N N 36  
ARG HH12 H N N 37  
ARG HH21 H N N 38  
ARG HH22 H N N 39  
ARG HXT  H N N 40  
ASN N    N N N 41  
ASN CA   C N S 42  
ASN C    C N N 43  
ASN O    O N N 44  
ASN CB   C N N 45  
ASN CG   C N N 46  
ASN OD1  O N N 47  
ASN ND2  N N N 48  
ASN OXT  O N N 49  
ASN H    H N N 50  
ASN H2   H N N 51  
ASN HA   H N N 52  
ASN HB2  H N N 53  
ASN HB3  H N N 54  
ASN HD21 H N N 55  
ASN HD22 H N N 56  
ASN HXT  H N N 57  
ASP N    N N N 58  
ASP CA   C N S 59  
ASP C    C N N 60  
ASP O    O N N 61  
ASP CB   C N N 62  
ASP CG   C N N 63  
ASP OD1  O N N 64  
ASP OD2  O N N 65  
ASP OXT  O N N 66  
ASP H    H N N 67  
ASP H2   H N N 68  
ASP HA   H N N 69  
ASP HB2  H N N 70  
ASP HB3  H N N 71  
ASP HD2  H N N 72  
ASP HXT  H N N 73  
EDO C1   C N N 74  
EDO O1   O N N 75  
EDO C2   C N N 76  
EDO O2   O N N 77  
EDO H11  H N N 78  
EDO H12  H N N 79  
EDO HO1  H N N 80  
EDO H21  H N N 81  
EDO H22  H N N 82  
EDO HO2  H N N 83  
GLN N    N N N 84  
GLN CA   C N S 85  
GLN C    C N N 86  
GLN O    O N N 87  
GLN CB   C N N 88  
GLN CG   C N N 89  
GLN CD   C N N 90  
GLN OE1  O N N 91  
GLN NE2  N N N 92  
GLN OXT  O N N 93  
GLN H    H N N 94  
GLN H2   H N N 95  
GLN HA   H N N 96  
GLN HB2  H N N 97  
GLN HB3  H N N 98  
GLN HG2  H N N 99  
GLN HG3  H N N 100 
GLN HE21 H N N 101 
GLN HE22 H N N 102 
GLN HXT  H N N 103 
GLU N    N N N 104 
GLU CA   C N S 105 
GLU C    C N N 106 
GLU O    O N N 107 
GLU CB   C N N 108 
GLU CG   C N N 109 
GLU CD   C N N 110 
GLU OE1  O N N 111 
GLU OE2  O N N 112 
GLU OXT  O N N 113 
GLU H    H N N 114 
GLU H2   H N N 115 
GLU HA   H N N 116 
GLU HB2  H N N 117 
GLU HB3  H N N 118 
GLU HG2  H N N 119 
GLU HG3  H N N 120 
GLU HE2  H N N 121 
GLU HXT  H N N 122 
GLY N    N N N 123 
GLY CA   C N N 124 
GLY C    C N N 125 
GLY O    O N N 126 
GLY OXT  O N N 127 
GLY H    H N N 128 
GLY H2   H N N 129 
GLY HA2  H N N 130 
GLY HA3  H N N 131 
GLY HXT  H N N 132 
HIS N    N N N 133 
HIS CA   C N S 134 
HIS C    C N N 135 
HIS O    O N N 136 
HIS CB   C N N 137 
HIS CG   C Y N 138 
HIS ND1  N Y N 139 
HIS CD2  C Y N 140 
HIS CE1  C Y N 141 
HIS NE2  N Y N 142 
HIS OXT  O N N 143 
HIS H    H N N 144 
HIS H2   H N N 145 
HIS HA   H N N 146 
HIS HB2  H N N 147 
HIS HB3  H N N 148 
HIS HD1  H N N 149 
HIS HD2  H N N 150 
HIS HE1  H N N 151 
HIS HE2  H N N 152 
HIS HXT  H N N 153 
HOH O    O N N 154 
HOH H1   H N N 155 
HOH H2   H N N 156 
ILE N    N N N 157 
ILE CA   C N S 158 
ILE C    C N N 159 
ILE O    O N N 160 
ILE CB   C N S 161 
ILE CG1  C N N 162 
ILE CG2  C N N 163 
ILE CD1  C N N 164 
ILE OXT  O N N 165 
ILE H    H N N 166 
ILE H2   H N N 167 
ILE HA   H N N 168 
ILE HB   H N N 169 
ILE HG12 H N N 170 
ILE HG13 H N N 171 
ILE HG21 H N N 172 
ILE HG22 H N N 173 
ILE HG23 H N N 174 
ILE HD11 H N N 175 
ILE HD12 H N N 176 
ILE HD13 H N N 177 
ILE HXT  H N N 178 
LEU N    N N N 179 
LEU CA   C N S 180 
LEU C    C N N 181 
LEU O    O N N 182 
LEU CB   C N N 183 
LEU CG   C N N 184 
LEU CD1  C N N 185 
LEU CD2  C N N 186 
LEU OXT  O N N 187 
LEU H    H N N 188 
LEU H2   H N N 189 
LEU HA   H N N 190 
LEU HB2  H N N 191 
LEU HB3  H N N 192 
LEU HG   H N N 193 
LEU HD11 H N N 194 
LEU HD12 H N N 195 
LEU HD13 H N N 196 
LEU HD21 H N N 197 
LEU HD22 H N N 198 
LEU HD23 H N N 199 
LEU HXT  H N N 200 
LYS N    N N N 201 
LYS CA   C N S 202 
LYS C    C N N 203 
LYS O    O N N 204 
LYS CB   C N N 205 
LYS CG   C N N 206 
LYS CD   C N N 207 
LYS CE   C N N 208 
LYS NZ   N N N 209 
LYS OXT  O N N 210 
LYS H    H N N 211 
LYS H2   H N N 212 
LYS HA   H N N 213 
LYS HB2  H N N 214 
LYS HB3  H N N 215 
LYS HG2  H N N 216 
LYS HG3  H N N 217 
LYS HD2  H N N 218 
LYS HD3  H N N 219 
LYS HE2  H N N 220 
LYS HE3  H N N 221 
LYS HZ1  H N N 222 
LYS HZ2  H N N 223 
LYS HZ3  H N N 224 
LYS HXT  H N N 225 
MET N    N N N 226 
MET CA   C N S 227 
MET C    C N N 228 
MET O    O N N 229 
MET CB   C N N 230 
MET CG   C N N 231 
MET SD   S N N 232 
MET CE   C N N 233 
MET OXT  O N N 234 
MET H    H N N 235 
MET H2   H N N 236 
MET HA   H N N 237 
MET HB2  H N N 238 
MET HB3  H N N 239 
MET HG2  H N N 240 
MET HG3  H N N 241 
MET HE1  H N N 242 
MET HE2  H N N 243 
MET HE3  H N N 244 
MET HXT  H N N 245 
PHE N    N N N 246 
PHE CA   C N S 247 
PHE C    C N N 248 
PHE O    O N N 249 
PHE CB   C N N 250 
PHE CG   C Y N 251 
PHE CD1  C Y N 252 
PHE CD2  C Y N 253 
PHE CE1  C Y N 254 
PHE CE2  C Y N 255 
PHE CZ   C Y N 256 
PHE OXT  O N N 257 
PHE H    H N N 258 
PHE H2   H N N 259 
PHE HA   H N N 260 
PHE HB2  H N N 261 
PHE HB3  H N N 262 
PHE HD1  H N N 263 
PHE HD2  H N N 264 
PHE HE1  H N N 265 
PHE HE2  H N N 266 
PHE HZ   H N N 267 
PHE HXT  H N N 268 
PRO N    N N N 269 
PRO CA   C N S 270 
PRO C    C N N 271 
PRO O    O N N 272 
PRO CB   C N N 273 
PRO CG   C N N 274 
PRO CD   C N N 275 
PRO OXT  O N N 276 
PRO H    H N N 277 
PRO HA   H N N 278 
PRO HB2  H N N 279 
PRO HB3  H N N 280 
PRO HG2  H N N 281 
PRO HG3  H N N 282 
PRO HD2  H N N 283 
PRO HD3  H N N 284 
PRO HXT  H N N 285 
SER N    N N N 286 
SER CA   C N S 287 
SER C    C N N 288 
SER O    O N N 289 
SER CB   C N N 290 
SER OG   O N N 291 
SER OXT  O N N 292 
SER H    H N N 293 
SER H2   H N N 294 
SER HA   H N N 295 
SER HB2  H N N 296 
SER HB3  H N N 297 
SER HG   H N N 298 
SER HXT  H N N 299 
THR N    N N N 300 
THR CA   C N S 301 
THR C    C N N 302 
THR O    O N N 303 
THR CB   C N R 304 
THR OG1  O N N 305 
THR CG2  C N N 306 
THR OXT  O N N 307 
THR H    H N N 308 
THR H2   H N N 309 
THR HA   H N N 310 
THR HB   H N N 311 
THR HG1  H N N 312 
THR HG21 H N N 313 
THR HG22 H N N 314 
THR HG23 H N N 315 
THR HXT  H N N 316 
TRP N    N N N 317 
TRP CA   C N S 318 
TRP C    C N N 319 
TRP O    O N N 320 
TRP CB   C N N 321 
TRP CG   C Y N 322 
TRP CD1  C Y N 323 
TRP CD2  C Y N 324 
TRP NE1  N Y N 325 
TRP CE2  C Y N 326 
TRP CE3  C Y N 327 
TRP CZ2  C Y N 328 
TRP CZ3  C Y N 329 
TRP CH2  C Y N 330 
TRP OXT  O N N 331 
TRP H    H N N 332 
TRP H2   H N N 333 
TRP HA   H N N 334 
TRP HB2  H N N 335 
TRP HB3  H N N 336 
TRP HD1  H N N 337 
TRP HE1  H N N 338 
TRP HE3  H N N 339 
TRP HZ2  H N N 340 
TRP HZ3  H N N 341 
TRP HH2  H N N 342 
TRP HXT  H N N 343 
TYR N    N N N 344 
TYR CA   C N S 345 
TYR C    C N N 346 
TYR O    O N N 347 
TYR CB   C N N 348 
TYR CG   C Y N 349 
TYR CD1  C Y N 350 
TYR CD2  C Y N 351 
TYR CE1  C Y N 352 
TYR CE2  C Y N 353 
TYR CZ   C Y N 354 
TYR OH   O N N 355 
TYR OXT  O N N 356 
TYR H    H N N 357 
TYR H2   H N N 358 
TYR HA   H N N 359 
TYR HB2  H N N 360 
TYR HB3  H N N 361 
TYR HD1  H N N 362 
TYR HD2  H N N 363 
TYR HE1  H N N 364 
TYR HE2  H N N 365 
TYR HH   H N N 366 
TYR HXT  H N N 367 
VAL N    N N N 368 
VAL CA   C N S 369 
VAL C    C N N 370 
VAL O    O N N 371 
VAL CB   C N N 372 
VAL CG1  C N N 373 
VAL CG2  C N N 374 
VAL OXT  O N N 375 
VAL H    H N N 376 
VAL H2   H N N 377 
VAL HA   H N N 378 
VAL HB   H N N 379 
VAL HG11 H N N 380 
VAL HG12 H N N 381 
VAL HG13 H N N 382 
VAL HG21 H N N 383 
VAL HG22 H N N 384 
VAL HG23 H N N 385 
VAL HXT  H N N 386 
# 
loop_
_chem_comp_bond.comp_id 
_chem_comp_bond.atom_id_1 
_chem_comp_bond.atom_id_2 
_chem_comp_bond.value_order 
_chem_comp_bond.pdbx_aromatic_flag 
_chem_comp_bond.pdbx_stereo_config 
_chem_comp_bond.pdbx_ordinal 
ALA N   CA   sing N N 1   
ALA N   H    sing N N 2   
ALA N   H2   sing N N 3   
ALA CA  C    sing N N 4   
ALA CA  CB   sing N N 5   
ALA CA  HA   sing N N 6   
ALA C   O    doub N N 7   
ALA C   OXT  sing N N 8   
ALA CB  HB1  sing N N 9   
ALA CB  HB2  sing N N 10  
ALA CB  HB3  sing N N 11  
ALA OXT HXT  sing N N 12  
ARG N   CA   sing N N 13  
ARG N   H    sing N N 14  
ARG N   H2   sing N N 15  
ARG CA  C    sing N N 16  
ARG CA  CB   sing N N 17  
ARG CA  HA   sing N N 18  
ARG C   O    doub N N 19  
ARG C   OXT  sing N N 20  
ARG CB  CG   sing N N 21  
ARG CB  HB2  sing N N 22  
ARG CB  HB3  sing N N 23  
ARG CG  CD   sing N N 24  
ARG CG  HG2  sing N N 25  
ARG CG  HG3  sing N N 26  
ARG CD  NE   sing N N 27  
ARG CD  HD2  sing N N 28  
ARG CD  HD3  sing N N 29  
ARG NE  CZ   sing N N 30  
ARG NE  HE   sing N N 31  
ARG CZ  NH1  sing N N 32  
ARG CZ  NH2  doub N N 33  
ARG NH1 HH11 sing N N 34  
ARG NH1 HH12 sing N N 35  
ARG NH2 HH21 sing N N 36  
ARG NH2 HH22 sing N N 37  
ARG OXT HXT  sing N N 38  
ASN N   CA   sing N N 39  
ASN N   H    sing N N 40  
ASN N   H2   sing N N 41  
ASN CA  C    sing N N 42  
ASN CA  CB   sing N N 43  
ASN CA  HA   sing N N 44  
ASN C   O    doub N N 45  
ASN C   OXT  sing N N 46  
ASN CB  CG   sing N N 47  
ASN CB  HB2  sing N N 48  
ASN CB  HB3  sing N N 49  
ASN CG  OD1  doub N N 50  
ASN CG  ND2  sing N N 51  
ASN ND2 HD21 sing N N 52  
ASN ND2 HD22 sing N N 53  
ASN OXT HXT  sing N N 54  
ASP N   CA   sing N N 55  
ASP N   H    sing N N 56  
ASP N   H2   sing N N 57  
ASP CA  C    sing N N 58  
ASP CA  CB   sing N N 59  
ASP CA  HA   sing N N 60  
ASP C   O    doub N N 61  
ASP C   OXT  sing N N 62  
ASP CB  CG   sing N N 63  
ASP CB  HB2  sing N N 64  
ASP CB  HB3  sing N N 65  
ASP CG  OD1  doub N N 66  
ASP CG  OD2  sing N N 67  
ASP OD2 HD2  sing N N 68  
ASP OXT HXT  sing N N 69  
EDO C1  O1   sing N N 70  
EDO C1  C2   sing N N 71  
EDO C1  H11  sing N N 72  
EDO C1  H12  sing N N 73  
EDO O1  HO1  sing N N 74  
EDO C2  O2   sing N N 75  
EDO C2  H21  sing N N 76  
EDO C2  H22  sing N N 77  
EDO O2  HO2  sing N N 78  
GLN N   CA   sing N N 79  
GLN N   H    sing N N 80  
GLN N   H2   sing N N 81  
GLN CA  C    sing N N 82  
GLN CA  CB   sing N N 83  
GLN CA  HA   sing N N 84  
GLN C   O    doub N N 85  
GLN C   OXT  sing N N 86  
GLN CB  CG   sing N N 87  
GLN CB  HB2  sing N N 88  
GLN CB  HB3  sing N N 89  
GLN CG  CD   sing N N 90  
GLN CG  HG2  sing N N 91  
GLN CG  HG3  sing N N 92  
GLN CD  OE1  doub N N 93  
GLN CD  NE2  sing N N 94  
GLN NE2 HE21 sing N N 95  
GLN NE2 HE22 sing N N 96  
GLN OXT HXT  sing N N 97  
GLU N   CA   sing N N 98  
GLU N   H    sing N N 99  
GLU N   H2   sing N N 100 
GLU CA  C    sing N N 101 
GLU CA  CB   sing N N 102 
GLU CA  HA   sing N N 103 
GLU C   O    doub N N 104 
GLU C   OXT  sing N N 105 
GLU CB  CG   sing N N 106 
GLU CB  HB2  sing N N 107 
GLU CB  HB3  sing N N 108 
GLU CG  CD   sing N N 109 
GLU CG  HG2  sing N N 110 
GLU CG  HG3  sing N N 111 
GLU CD  OE1  doub N N 112 
GLU CD  OE2  sing N N 113 
GLU OE2 HE2  sing N N 114 
GLU OXT HXT  sing N N 115 
GLY N   CA   sing N N 116 
GLY N   H    sing N N 117 
GLY N   H2   sing N N 118 
GLY CA  C    sing N N 119 
GLY CA  HA2  sing N N 120 
GLY CA  HA3  sing N N 121 
GLY C   O    doub N N 122 
GLY C   OXT  sing N N 123 
GLY OXT HXT  sing N N 124 
HIS N   CA   sing N N 125 
HIS N   H    sing N N 126 
HIS N   H2   sing N N 127 
HIS CA  C    sing N N 128 
HIS CA  CB   sing N N 129 
HIS CA  HA   sing N N 130 
HIS C   O    doub N N 131 
HIS C   OXT  sing N N 132 
HIS CB  CG   sing N N 133 
HIS CB  HB2  sing N N 134 
HIS CB  HB3  sing N N 135 
HIS CG  ND1  sing Y N 136 
HIS CG  CD2  doub Y N 137 
HIS ND1 CE1  doub Y N 138 
HIS ND1 HD1  sing N N 139 
HIS CD2 NE2  sing Y N 140 
HIS CD2 HD2  sing N N 141 
HIS CE1 NE2  sing Y N 142 
HIS CE1 HE1  sing N N 143 
HIS NE2 HE2  sing N N 144 
HIS OXT HXT  sing N N 145 
HOH O   H1   sing N N 146 
HOH O   H2   sing N N 147 
ILE N   CA   sing N N 148 
ILE N   H    sing N N 149 
ILE N   H2   sing N N 150 
ILE CA  C    sing N N 151 
ILE CA  CB   sing N N 152 
ILE CA  HA   sing N N 153 
ILE C   O    doub N N 154 
ILE C   OXT  sing N N 155 
ILE CB  CG1  sing N N 156 
ILE CB  CG2  sing N N 157 
ILE CB  HB   sing N N 158 
ILE CG1 CD1  sing N N 159 
ILE CG1 HG12 sing N N 160 
ILE CG1 HG13 sing N N 161 
ILE CG2 HG21 sing N N 162 
ILE CG2 HG22 sing N N 163 
ILE CG2 HG23 sing N N 164 
ILE CD1 HD11 sing N N 165 
ILE CD1 HD12 sing N N 166 
ILE CD1 HD13 sing N N 167 
ILE OXT HXT  sing N N 168 
LEU N   CA   sing N N 169 
LEU N   H    sing N N 170 
LEU N   H2   sing N N 171 
LEU CA  C    sing N N 172 
LEU CA  CB   sing N N 173 
LEU CA  HA   sing N N 174 
LEU C   O    doub N N 175 
LEU C   OXT  sing N N 176 
LEU CB  CG   sing N N 177 
LEU CB  HB2  sing N N 178 
LEU CB  HB3  sing N N 179 
LEU CG  CD1  sing N N 180 
LEU CG  CD2  sing N N 181 
LEU CG  HG   sing N N 182 
LEU CD1 HD11 sing N N 183 
LEU CD1 HD12 sing N N 184 
LEU CD1 HD13 sing N N 185 
LEU CD2 HD21 sing N N 186 
LEU CD2 HD22 sing N N 187 
LEU CD2 HD23 sing N N 188 
LEU OXT HXT  sing N N 189 
LYS N   CA   sing N N 190 
LYS N   H    sing N N 191 
LYS N   H2   sing N N 192 
LYS CA  C    sing N N 193 
LYS CA  CB   sing N N 194 
LYS CA  HA   sing N N 195 
LYS C   O    doub N N 196 
LYS C   OXT  sing N N 197 
LYS CB  CG   sing N N 198 
LYS CB  HB2  sing N N 199 
LYS CB  HB3  sing N N 200 
LYS CG  CD   sing N N 201 
LYS CG  HG2  sing N N 202 
LYS CG  HG3  sing N N 203 
LYS CD  CE   sing N N 204 
LYS CD  HD2  sing N N 205 
LYS CD  HD3  sing N N 206 
LYS CE  NZ   sing N N 207 
LYS CE  HE2  sing N N 208 
LYS CE  HE3  sing N N 209 
LYS NZ  HZ1  sing N N 210 
LYS NZ  HZ2  sing N N 211 
LYS NZ  HZ3  sing N N 212 
LYS OXT HXT  sing N N 213 
MET N   CA   sing N N 214 
MET N   H    sing N N 215 
MET N   H2   sing N N 216 
MET CA  C    sing N N 217 
MET CA  CB   sing N N 218 
MET CA  HA   sing N N 219 
MET C   O    doub N N 220 
MET C   OXT  sing N N 221 
MET CB  CG   sing N N 222 
MET CB  HB2  sing N N 223 
MET CB  HB3  sing N N 224 
MET CG  SD   sing N N 225 
MET CG  HG2  sing N N 226 
MET CG  HG3  sing N N 227 
MET SD  CE   sing N N 228 
MET CE  HE1  sing N N 229 
MET CE  HE2  sing N N 230 
MET CE  HE3  sing N N 231 
MET OXT HXT  sing N N 232 
PHE N   CA   sing N N 233 
PHE N   H    sing N N 234 
PHE N   H2   sing N N 235 
PHE CA  C    sing N N 236 
PHE CA  CB   sing N N 237 
PHE CA  HA   sing N N 238 
PHE C   O    doub N N 239 
PHE C   OXT  sing N N 240 
PHE CB  CG   sing N N 241 
PHE CB  HB2  sing N N 242 
PHE CB  HB3  sing N N 243 
PHE CG  CD1  doub Y N 244 
PHE CG  CD2  sing Y N 245 
PHE CD1 CE1  sing Y N 246 
PHE CD1 HD1  sing N N 247 
PHE CD2 CE2  doub Y N 248 
PHE CD2 HD2  sing N N 249 
PHE CE1 CZ   doub Y N 250 
PHE CE1 HE1  sing N N 251 
PHE CE2 CZ   sing Y N 252 
PHE CE2 HE2  sing N N 253 
PHE CZ  HZ   sing N N 254 
PHE OXT HXT  sing N N 255 
PRO N   CA   sing N N 256 
PRO N   CD   sing N N 257 
PRO N   H    sing N N 258 
PRO CA  C    sing N N 259 
PRO CA  CB   sing N N 260 
PRO CA  HA   sing N N 261 
PRO C   O    doub N N 262 
PRO C   OXT  sing N N 263 
PRO CB  CG   sing N N 264 
PRO CB  HB2  sing N N 265 
PRO CB  HB3  sing N N 266 
PRO CG  CD   sing N N 267 
PRO CG  HG2  sing N N 268 
PRO CG  HG3  sing N N 269 
PRO CD  HD2  sing N N 270 
PRO CD  HD3  sing N N 271 
PRO OXT HXT  sing N N 272 
SER N   CA   sing N N 273 
SER N   H    sing N N 274 
SER N   H2   sing N N 275 
SER CA  C    sing N N 276 
SER CA  CB   sing N N 277 
SER CA  HA   sing N N 278 
SER C   O    doub N N 279 
SER C   OXT  sing N N 280 
SER CB  OG   sing N N 281 
SER CB  HB2  sing N N 282 
SER CB  HB3  sing N N 283 
SER OG  HG   sing N N 284 
SER OXT HXT  sing N N 285 
THR N   CA   sing N N 286 
THR N   H    sing N N 287 
THR N   H2   sing N N 288 
THR CA  C    sing N N 289 
THR CA  CB   sing N N 290 
THR CA  HA   sing N N 291 
THR C   O    doub N N 292 
THR C   OXT  sing N N 293 
THR CB  OG1  sing N N 294 
THR CB  CG2  sing N N 295 
THR CB  HB   sing N N 296 
THR OG1 HG1  sing N N 297 
THR CG2 HG21 sing N N 298 
THR CG2 HG22 sing N N 299 
THR CG2 HG23 sing N N 300 
THR OXT HXT  sing N N 301 
TRP N   CA   sing N N 302 
TRP N   H    sing N N 303 
TRP N   H2   sing N N 304 
TRP CA  C    sing N N 305 
TRP CA  CB   sing N N 306 
TRP CA  HA   sing N N 307 
TRP C   O    doub N N 308 
TRP C   OXT  sing N N 309 
TRP CB  CG   sing N N 310 
TRP CB  HB2  sing N N 311 
TRP CB  HB3  sing N N 312 
TRP CG  CD1  doub Y N 313 
TRP CG  CD2  sing Y N 314 
TRP CD1 NE1  sing Y N 315 
TRP CD1 HD1  sing N N 316 
TRP CD2 CE2  doub Y N 317 
TRP CD2 CE3  sing Y N 318 
TRP NE1 CE2  sing Y N 319 
TRP NE1 HE1  sing N N 320 
TRP CE2 CZ2  sing Y N 321 
TRP CE3 CZ3  doub Y N 322 
TRP CE3 HE3  sing N N 323 
TRP CZ2 CH2  doub Y N 324 
TRP CZ2 HZ2  sing N N 325 
TRP CZ3 CH2  sing Y N 326 
TRP CZ3 HZ3  sing N N 327 
TRP CH2 HH2  sing N N 328 
TRP OXT HXT  sing N N 329 
TYR N   CA   sing N N 330 
TYR N   H    sing N N 331 
TYR N   H2   sing N N 332 
TYR CA  C    sing N N 333 
TYR CA  CB   sing N N 334 
TYR CA  HA   sing N N 335 
TYR C   O    doub N N 336 
TYR C   OXT  sing N N 337 
TYR CB  CG   sing N N 338 
TYR CB  HB2  sing N N 339 
TYR CB  HB3  sing N N 340 
TYR CG  CD1  doub Y N 341 
TYR CG  CD2  sing Y N 342 
TYR CD1 CE1  sing Y N 343 
TYR CD1 HD1  sing N N 344 
TYR CD2 CE2  doub Y N 345 
TYR CD2 HD2  sing N N 346 
TYR CE1 CZ   doub Y N 347 
TYR CE1 HE1  sing N N 348 
TYR CE2 CZ   sing Y N 349 
TYR CE2 HE2  sing N N 350 
TYR CZ  OH   sing N N 351 
TYR OH  HH   sing N N 352 
TYR OXT HXT  sing N N 353 
VAL N   CA   sing N N 354 
VAL N   H    sing N N 355 
VAL N   H2   sing N N 356 
VAL CA  C    sing N N 357 
VAL CA  CB   sing N N 358 
VAL CA  HA   sing N N 359 
VAL C   O    doub N N 360 
VAL C   OXT  sing N N 361 
VAL CB  CG1  sing N N 362 
VAL CB  CG2  sing N N 363 
VAL CB  HB   sing N N 364 
VAL CG1 HG11 sing N N 365 
VAL CG1 HG12 sing N N 366 
VAL CG1 HG13 sing N N 367 
VAL CG2 HG21 sing N N 368 
VAL CG2 HG22 sing N N 369 
VAL CG2 HG23 sing N N 370 
VAL OXT HXT  sing N N 371 
# 
loop_
_pdbx_entity_nonpoly.entity_id 
_pdbx_entity_nonpoly.name 
_pdbx_entity_nonpoly.comp_id 
2 1,2-ETHANEDIOL EDO 
3 water          HOH 
# 
_pdbx_initial_refinement_model.id               1 
_pdbx_initial_refinement_model.entity_id_list   ? 
_pdbx_initial_refinement_model.type             'experimental model' 
_pdbx_initial_refinement_model.source_name      PDB 
_pdbx_initial_refinement_model.accession_code   1X5Q 
_pdbx_initial_refinement_model.details          'PDB ENTRY 1X5Q' 
# 
